data_2OSR
#
_entry.id   2OSR
#
_cell.length_a   1.000
_cell.length_b   1.000
_cell.length_c   1.000
_cell.angle_alpha   90.00
_cell.angle_beta   90.00
_cell.angle_gamma   90.00
#
_symmetry.space_group_name_H-M   'P 1'
#
_entity_poly.entity_id   1
_entity_poly.type   'polypeptide(L)'
_entity_poly.pdbx_seq_one_letter_code
;KLPAKRYRITMKNLPEGCSWQDLKDLARENSLETTFSSVNTRDFDGTGALEFPSEEILVEALERLNNIEFRGSVITVERD
DNPPPIR
;
_entity_poly.pdbx_strand_id   A
#
# COMPACT_ATOMS: atom_id res chain seq x y z
N LYS A 1 -18.22 7.00 3.53
CA LYS A 1 -16.83 7.06 3.96
C LYS A 1 -16.34 8.51 3.98
N LEU A 2 -15.13 8.71 4.50
CA LEU A 2 -14.55 10.04 4.56
C LEU A 2 -13.57 10.27 3.42
N PRO A 3 -13.29 11.54 3.11
CA PRO A 3 -12.36 11.91 2.03
C PRO A 3 -10.92 11.58 2.37
N ALA A 4 -9.99 12.08 1.56
CA ALA A 4 -8.58 11.83 1.77
C ALA A 4 -7.73 12.71 0.85
N LYS A 5 -6.87 13.53 1.46
CA LYS A 5 -6.00 14.42 0.70
C LYS A 5 -4.57 13.91 0.70
N ARG A 6 -4.39 12.68 0.23
CA ARG A 6 -3.07 12.06 0.16
C ARG A 6 -2.99 11.05 -0.96
N TYR A 7 -1.83 10.41 -1.10
CA TYR A 7 -1.62 9.42 -2.14
C TYR A 7 -0.93 8.17 -1.58
N ARG A 8 -1.38 7.74 -0.42
CA ARG A 8 -0.80 6.55 0.22
C ARG A 8 -1.89 5.54 0.55
N ILE A 9 -1.50 4.26 0.62
CA ILE A 9 -2.44 3.19 0.93
C ILE A 9 -1.77 2.10 1.77
N THR A 10 -2.58 1.30 2.45
CA THR A 10 -2.07 0.21 3.28
C THR A 10 -2.54 -1.13 2.76
N MET A 11 -1.66 -2.14 2.86
CA MET A 11 -1.97 -3.48 2.40
C MET A 11 -2.39 -4.37 3.57
N LYS A 12 -3.13 -5.43 3.27
CA LYS A 12 -3.59 -6.37 4.29
C LYS A 12 -3.64 -7.79 3.75
N ASN A 13 -3.48 -8.76 4.64
CA ASN A 13 -3.53 -10.17 4.25
C ASN A 13 -2.31 -10.52 3.38
N LEU A 14 -1.16 -9.98 3.74
CA LEU A 14 0.07 -10.24 3.00
C LEU A 14 1.14 -10.85 3.91
N PRO A 15 0.86 -12.06 4.40
CA PRO A 15 1.78 -12.78 5.29
C PRO A 15 3.03 -13.25 4.55
N GLU A 16 3.85 -12.30 4.11
CA GLU A 16 5.08 -12.62 3.39
C GLU A 16 6.22 -11.71 3.85
N GLY A 17 7.45 -12.12 3.55
CA GLY A 17 8.61 -11.34 3.93
C GLY A 17 8.82 -10.13 3.04
N CYS A 18 7.86 -9.88 2.15
CA CYS A 18 7.94 -8.76 1.24
C CYS A 18 8.29 -7.47 1.98
N SER A 19 9.54 -7.02 1.82
CA SER A 19 10.01 -5.81 2.48
C SER A 19 9.87 -4.60 1.55
N TRP A 20 10.21 -3.42 2.07
CA TRP A 20 10.13 -2.19 1.29
C TRP A 20 10.73 -2.38 -0.09
N GLN A 21 11.88 -3.07 -0.15
CA GLN A 21 12.55 -3.32 -1.42
C GLN A 21 11.69 -4.18 -2.34
N ASP A 22 11.09 -5.22 -1.77
CA ASP A 22 10.24 -6.12 -2.55
C ASP A 22 9.04 -5.38 -3.10
N LEU A 23 8.20 -4.86 -2.22
CA LEU A 23 7.00 -4.13 -2.63
C LEU A 23 7.35 -3.02 -3.61
N LYS A 24 8.51 -2.39 -3.40
CA LYS A 24 8.97 -1.31 -4.27
C LYS A 24 9.34 -1.84 -5.65
N ASP A 25 9.92 -3.04 -5.68
CA ASP A 25 10.33 -3.65 -6.94
C ASP A 25 9.11 -4.01 -7.78
N LEU A 26 8.16 -4.73 -7.18
CA LEU A 26 6.95 -5.13 -7.88
C LEU A 26 6.09 -3.92 -8.22
N ALA A 27 6.09 -2.93 -7.34
CA ALA A 27 5.32 -1.72 -7.55
C ALA A 27 5.81 -0.96 -8.78
N ARG A 28 7.12 -0.72 -8.85
CA ARG A 28 7.71 -0.01 -9.97
C ARG A 28 7.63 -0.84 -11.24
N GLU A 29 7.67 -2.16 -11.09
CA GLU A 29 7.60 -3.06 -12.24
C GLU A 29 6.16 -3.21 -12.73
N ASN A 30 5.21 -2.94 -11.84
CA ASN A 30 3.79 -3.03 -12.19
C ASN A 30 3.25 -1.69 -12.66
N SER A 31 4.16 -0.82 -13.11
CA SER A 31 3.78 0.50 -13.59
C SER A 31 3.25 1.36 -12.45
N LEU A 32 3.90 1.27 -11.30
CA LEU A 32 3.50 2.04 -10.13
C LEU A 32 4.72 2.56 -9.38
N GLU A 33 5.01 3.85 -9.54
CA GLU A 33 6.15 4.48 -8.88
C GLU A 33 5.76 5.02 -7.52
N THR A 34 6.54 4.69 -6.50
CA THR A 34 6.28 5.14 -5.14
C THR A 34 7.44 5.95 -4.58
N THR A 35 7.14 6.88 -3.67
CA THR A 35 8.17 7.71 -3.07
C THR A 35 8.43 7.30 -1.63
N PHE A 36 7.53 6.52 -1.06
CA PHE A 36 7.67 6.05 0.31
C PHE A 36 7.05 4.67 0.48
N SER A 37 7.69 3.84 1.32
CA SER A 37 7.22 2.49 1.57
C SER A 37 7.47 2.09 3.01
N SER A 38 6.70 1.10 3.49
CA SER A 38 6.83 0.62 4.85
C SER A 38 6.12 -0.71 5.03
N VAL A 39 6.67 -1.55 5.91
CA VAL A 39 6.09 -2.86 6.18
C VAL A 39 6.14 -3.19 7.67
N ASN A 40 5.47 -4.27 8.04
CA ASN A 40 5.43 -4.71 9.43
C ASN A 40 5.90 -6.15 9.58
N THR A 41 7.16 -6.33 9.94
CA THR A 41 7.72 -7.66 10.11
C THR A 41 7.78 -8.06 11.58
N ARG A 42 7.77 -7.05 12.45
CA ARG A 42 7.83 -7.30 13.89
C ARG A 42 6.77 -8.30 14.32
N ASP A 43 5.59 -8.20 13.69
CA ASP A 43 4.48 -9.09 14.01
C ASP A 43 4.09 -9.91 12.78
N PHE A 44 3.14 -10.83 12.97
CA PHE A 44 2.67 -11.68 11.88
C PHE A 44 1.34 -11.16 11.32
N ASP A 45 1.10 -9.86 11.50
CA ASP A 45 -0.13 -9.26 11.01
C ASP A 45 -0.18 -9.25 9.49
N GLY A 46 1.00 -9.26 8.87
CA GLY A 46 1.06 -9.25 7.41
C GLY A 46 0.39 -8.04 6.81
N THR A 47 0.88 -6.85 7.14
CA THR A 47 0.32 -5.61 6.62
C THR A 47 1.41 -4.61 6.29
N GLY A 48 1.26 -3.92 5.16
CA GLY A 48 2.24 -2.95 4.74
C GLY A 48 1.61 -1.62 4.37
N ALA A 49 2.43 -0.69 3.90
CA ALA A 49 1.95 0.64 3.51
C ALA A 49 2.87 1.26 2.46
N LEU A 50 2.26 1.82 1.42
CA LEU A 50 3.03 2.46 0.35
C LEU A 50 2.43 3.81 -0.02
N GLU A 51 3.23 4.66 -0.64
CA GLU A 51 2.78 5.98 -1.05
C GLU A 51 3.34 6.36 -2.42
N PHE A 52 2.52 7.01 -3.23
CA PHE A 52 2.94 7.43 -4.57
C PHE A 52 3.01 8.95 -4.66
N PRO A 53 3.83 9.45 -5.60
CA PRO A 53 4.01 10.87 -5.81
C PRO A 53 2.78 11.53 -6.42
N SER A 54 1.97 10.73 -7.11
CA SER A 54 0.75 11.23 -7.75
C SER A 54 -0.45 10.37 -7.37
N GLU A 55 -1.64 10.94 -7.49
CA GLU A 55 -2.87 10.23 -7.17
C GLU A 55 -3.20 9.19 -8.23
N GLU A 56 -2.86 9.49 -9.48
CA GLU A 56 -3.12 8.59 -10.59
C GLU A 56 -2.57 7.20 -10.30
N ILE A 57 -1.32 7.15 -9.83
CA ILE A 57 -0.67 5.88 -9.51
C ILE A 57 -1.30 5.24 -8.29
N LEU A 58 -1.77 6.07 -7.36
CA LEU A 58 -2.40 5.58 -6.14
C LEU A 58 -3.70 4.85 -6.44
N VAL A 59 -4.62 5.54 -7.11
CA VAL A 59 -5.90 4.95 -7.47
C VAL A 59 -5.72 3.75 -8.39
N GLU A 60 -4.79 3.88 -9.34
CA GLU A 60 -4.51 2.80 -10.29
C GLU A 60 -3.93 1.60 -9.58
N ALA A 61 -2.87 1.82 -8.80
CA ALA A 61 -2.21 0.75 -8.07
C ALA A 61 -3.15 0.13 -7.04
N LEU A 62 -4.03 0.95 -6.49
CA LEU A 62 -4.99 0.47 -5.49
C LEU A 62 -6.04 -0.43 -6.13
N GLU A 63 -6.49 -0.07 -7.33
CA GLU A 63 -7.48 -0.85 -8.04
C GLU A 63 -6.84 -2.05 -8.74
N ARG A 64 -5.53 -1.96 -8.95
CA ARG A 64 -4.79 -3.04 -9.61
C ARG A 64 -4.23 -4.02 -8.59
N LEU A 65 -4.07 -3.56 -7.36
CA LEU A 65 -3.54 -4.39 -6.28
C LEU A 65 -4.67 -4.95 -5.43
N ASN A 66 -5.76 -4.20 -5.33
CA ASN A 66 -6.91 -4.63 -4.53
C ASN A 66 -7.34 -6.03 -4.92
N ASN A 67 -7.35 -6.94 -3.95
CA ASN A 67 -7.75 -8.32 -4.18
C ASN A 67 -6.83 -8.98 -5.22
N ILE A 68 -5.71 -9.52 -4.75
CA ILE A 68 -4.75 -10.17 -5.64
C ILE A 68 -4.17 -11.42 -4.99
N GLU A 69 -4.01 -12.48 -5.78
CA GLU A 69 -3.45 -13.73 -5.28
C GLU A 69 -1.93 -13.72 -5.36
N PHE A 70 -1.28 -14.04 -4.24
CA PHE A 70 0.17 -14.07 -4.18
C PHE A 70 0.66 -15.01 -3.09
N ARG A 71 1.45 -16.01 -3.46
CA ARG A 71 1.97 -16.97 -2.51
C ARG A 71 0.84 -17.73 -1.83
N GLY A 72 -0.25 -17.94 -2.55
CA GLY A 72 -1.39 -18.66 -2.00
C GLY A 72 -2.19 -17.80 -1.04
N SER A 73 -1.88 -16.50 -1.00
CA SER A 73 -2.58 -15.57 -0.11
C SER A 73 -3.17 -14.42 -0.90
N VAL A 74 -4.40 -14.03 -0.54
CA VAL A 74 -5.08 -12.94 -1.22
C VAL A 74 -4.83 -11.61 -0.51
N ILE A 75 -3.94 -10.81 -1.08
CA ILE A 75 -3.60 -9.51 -0.50
C ILE A 75 -4.56 -8.42 -0.99
N THR A 76 -4.85 -7.47 -0.12
CA THR A 76 -5.76 -6.37 -0.47
C THR A 76 -5.17 -5.03 -0.05
N VAL A 77 -5.49 -3.99 -0.81
CA VAL A 77 -4.99 -2.65 -0.52
C VAL A 77 -6.15 -1.68 -0.25
N GLU A 78 -5.99 -0.85 0.78
CA GLU A 78 -7.02 0.11 1.15
C GLU A 78 -6.39 1.38 1.71
N ARG A 79 -6.82 2.53 1.19
CA ARG A 79 -6.29 3.82 1.64
C ARG A 79 -6.72 4.09 3.08
N ASP A 80 -5.84 4.75 3.83
CA ASP A 80 -6.12 5.08 5.22
C ASP A 80 -5.60 6.47 5.57
N ASP A 81 -6.49 7.45 5.64
CA ASP A 81 -6.13 8.82 5.96
C ASP A 81 -6.30 9.10 7.46
N ASN A 82 -5.22 9.50 8.11
CA ASN A 82 -5.26 9.79 9.54
C ASN A 82 -4.64 11.15 9.82
N PRO A 83 -5.34 12.22 9.43
CA PRO A 83 -4.87 13.60 9.64
C PRO A 83 -4.90 14.00 11.11
N PRO A 84 -4.27 15.15 11.42
CA PRO A 84 -4.19 15.66 12.79
C PRO A 84 -5.55 16.17 13.28
N PRO A 85 -5.63 16.42 14.59
CA PRO A 85 -6.87 16.92 15.23
C PRO A 85 -7.18 18.36 14.82
N ILE A 86 -8.17 18.95 15.48
CA ILE A 86 -8.57 20.32 15.19
C ILE A 86 -7.77 21.31 16.02
N ARG A 87 -7.23 20.84 17.15
CA ARG A 87 -6.43 21.69 18.02
C ARG A 87 -5.08 22.01 17.39
N LYS A 1 -10.82 27.33 2.77
CA LYS A 1 -10.41 26.03 3.28
C LYS A 1 -10.67 24.94 2.24
N LEU A 2 -9.83 23.92 2.23
CA LEU A 2 -9.98 22.81 1.29
C LEU A 2 -9.83 21.47 2.00
N PRO A 3 -10.35 20.41 1.37
CA PRO A 3 -10.29 19.06 1.92
C PRO A 3 -8.87 18.49 1.92
N ALA A 4 -8.73 17.24 2.37
CA ALA A 4 -7.43 16.59 2.41
C ALA A 4 -7.40 15.38 1.48
N LYS A 5 -6.48 15.41 0.52
CA LYS A 5 -6.35 14.31 -0.44
C LYS A 5 -4.90 13.84 -0.53
N ARG A 6 -4.61 12.68 0.04
CA ARG A 6 -3.26 12.13 0.01
C ARG A 6 -3.16 10.98 -0.99
N TYR A 7 -1.97 10.41 -1.10
CA TYR A 7 -1.74 9.30 -2.02
C TYR A 7 -1.04 8.15 -1.32
N ARG A 8 -1.49 7.83 -0.11
CA ARG A 8 -0.91 6.75 0.67
C ARG A 8 -1.96 5.69 1.01
N ILE A 9 -1.61 4.43 0.79
CA ILE A 9 -2.52 3.32 1.06
C ILE A 9 -1.84 2.25 1.92
N THR A 10 -2.66 1.40 2.53
CA THR A 10 -2.14 0.33 3.38
C THR A 10 -2.55 -1.04 2.85
N MET A 11 -1.60 -1.96 2.82
CA MET A 11 -1.87 -3.32 2.34
C MET A 11 -2.08 -4.28 3.50
N LYS A 12 -2.98 -5.23 3.33
CA LYS A 12 -3.27 -6.22 4.36
C LYS A 12 -3.38 -7.62 3.77
N ASN A 13 -3.30 -8.63 4.62
CA ASN A 13 -3.39 -10.02 4.18
C ASN A 13 -2.21 -10.38 3.29
N LEU A 14 -1.01 -10.02 3.73
CA LEU A 14 0.21 -10.30 2.98
C LEU A 14 1.26 -10.94 3.87
N PRO A 15 0.98 -12.15 4.37
CA PRO A 15 1.89 -12.89 5.25
C PRO A 15 3.13 -13.38 4.50
N GLU A 16 3.95 -12.43 4.02
CA GLU A 16 5.16 -12.78 3.30
C GLU A 16 6.31 -11.87 3.72
N GLY A 17 7.53 -12.28 3.39
CA GLY A 17 8.71 -11.51 3.74
C GLY A 17 8.84 -10.25 2.89
N CYS A 18 7.87 -10.02 2.02
CA CYS A 18 7.89 -8.85 1.15
C CYS A 18 8.18 -7.59 1.94
N SER A 19 9.40 -7.08 1.81
CA SER A 19 9.81 -5.87 2.52
C SER A 19 9.71 -4.65 1.62
N TRP A 20 10.04 -3.49 2.17
CA TRP A 20 9.97 -2.23 1.41
C TRP A 20 10.61 -2.41 0.04
N GLN A 21 11.77 -3.05 -0.01
CA GLN A 21 12.46 -3.29 -1.26
C GLN A 21 11.64 -4.16 -2.20
N ASP A 22 11.06 -5.22 -1.65
CA ASP A 22 10.23 -6.13 -2.44
C ASP A 22 9.02 -5.41 -3.01
N LEU A 23 8.14 -4.93 -2.13
CA LEU A 23 6.94 -4.22 -2.56
C LEU A 23 7.29 -3.09 -3.52
N LYS A 24 8.43 -2.45 -3.30
CA LYS A 24 8.88 -1.36 -4.16
C LYS A 24 9.28 -1.88 -5.53
N ASP A 25 9.91 -3.05 -5.55
CA ASP A 25 10.35 -3.67 -6.80
C ASP A 25 9.16 -4.03 -7.68
N LEU A 26 8.22 -4.77 -7.10
CA LEU A 26 7.03 -5.20 -7.83
C LEU A 26 6.16 -4.00 -8.19
N ALA A 27 6.12 -3.01 -7.30
CA ALA A 27 5.32 -1.81 -7.54
C ALA A 27 5.83 -1.04 -8.75
N ARG A 28 7.14 -0.80 -8.80
CA ARG A 28 7.75 -0.09 -9.91
C ARG A 28 7.71 -0.92 -11.18
N GLU A 29 7.77 -2.24 -11.03
CA GLU A 29 7.75 -3.14 -12.16
C GLU A 29 6.34 -3.32 -12.70
N ASN A 30 5.35 -3.06 -11.84
CA ASN A 30 3.95 -3.19 -12.23
C ASN A 30 3.41 -1.86 -12.73
N SER A 31 4.30 -0.97 -13.16
CA SER A 31 3.91 0.33 -13.67
C SER A 31 3.30 1.19 -12.56
N LEU A 32 3.88 1.10 -11.37
CA LEU A 32 3.40 1.87 -10.23
C LEU A 32 4.57 2.40 -9.40
N GLU A 33 4.90 3.68 -9.63
CA GLU A 33 6.00 4.31 -8.91
C GLU A 33 5.53 4.82 -7.55
N THR A 34 6.44 4.81 -6.58
CA THR A 34 6.12 5.26 -5.23
C THR A 34 7.25 6.12 -4.65
N THR A 35 6.93 6.93 -3.66
CA THR A 35 7.91 7.79 -3.01
C THR A 35 8.18 7.36 -1.58
N PHE A 36 7.28 6.53 -1.04
CA PHE A 36 7.42 6.05 0.33
C PHE A 36 6.85 4.64 0.46
N SER A 37 7.48 3.83 1.32
CA SER A 37 7.03 2.46 1.53
C SER A 37 7.44 1.97 2.92
N SER A 38 6.68 1.02 3.45
CA SER A 38 6.96 0.47 4.77
C SER A 38 6.17 -0.82 5.01
N VAL A 39 6.72 -1.71 5.82
CA VAL A 39 6.07 -2.97 6.12
C VAL A 39 6.24 -3.33 7.60
N ASN A 40 5.59 -4.42 8.01
CA ASN A 40 5.66 -4.88 9.40
C ASN A 40 6.06 -6.34 9.47
N THR A 41 7.34 -6.60 9.71
CA THR A 41 7.85 -7.96 9.80
C THR A 41 7.91 -8.43 11.25
N ARG A 42 8.00 -7.48 12.17
CA ARG A 42 8.07 -7.80 13.59
C ARG A 42 6.92 -8.71 13.99
N ASP A 43 5.69 -8.27 13.75
CA ASP A 43 4.51 -9.05 14.08
C ASP A 43 4.08 -9.93 12.91
N PHE A 44 3.11 -10.81 13.15
CA PHE A 44 2.62 -11.70 12.12
C PHE A 44 1.29 -11.20 11.55
N ASP A 45 1.07 -9.90 11.65
CA ASP A 45 -0.15 -9.30 11.15
C ASP A 45 -0.18 -9.31 9.62
N GLY A 46 1.00 -9.39 9.01
CA GLY A 46 1.09 -9.41 7.57
C GLY A 46 0.39 -8.22 6.93
N THR A 47 0.91 -7.03 7.18
CA THR A 47 0.33 -5.81 6.61
C THR A 47 1.41 -4.76 6.35
N GLY A 48 1.25 -4.03 5.26
CA GLY A 48 2.21 -3.00 4.91
C GLY A 48 1.56 -1.67 4.59
N ALA A 49 2.36 -0.70 4.18
CA ALA A 49 1.85 0.62 3.83
C ALA A 49 2.82 1.37 2.92
N LEU A 50 2.30 1.89 1.82
CA LEU A 50 3.13 2.63 0.86
C LEU A 50 2.40 3.87 0.36
N GLU A 51 3.14 4.76 -0.29
CA GLU A 51 2.57 6.00 -0.81
C GLU A 51 3.15 6.32 -2.18
N PHE A 52 2.31 6.90 -3.04
CA PHE A 52 2.73 7.25 -4.39
C PHE A 52 2.89 8.77 -4.53
N PRO A 53 3.82 9.19 -5.39
CA PRO A 53 4.09 10.61 -5.63
C PRO A 53 2.95 11.31 -6.37
N SER A 54 1.99 10.52 -6.84
CA SER A 54 0.85 11.05 -7.56
C SER A 54 -0.42 10.25 -7.24
N GLU A 55 -1.57 10.87 -7.50
CA GLU A 55 -2.85 10.21 -7.24
C GLU A 55 -3.15 9.17 -8.31
N GLU A 56 -2.74 9.46 -9.54
CA GLU A 56 -2.97 8.55 -10.66
C GLU A 56 -2.48 7.15 -10.32
N ILE A 57 -1.26 7.06 -9.80
CA ILE A 57 -0.67 5.78 -9.43
C ILE A 57 -1.36 5.19 -8.21
N LEU A 58 -1.85 6.05 -7.33
CA LEU A 58 -2.54 5.62 -6.13
C LEU A 58 -3.83 4.89 -6.47
N VAL A 59 -4.72 5.56 -7.19
CA VAL A 59 -6.00 4.97 -7.59
C VAL A 59 -5.78 3.77 -8.50
N GLU A 60 -4.84 3.90 -9.42
CA GLU A 60 -4.53 2.82 -10.36
C GLU A 60 -4.00 1.59 -9.64
N ALA A 61 -2.94 1.79 -8.85
CA ALA A 61 -2.33 0.70 -8.09
C ALA A 61 -3.30 0.14 -7.07
N LEU A 62 -4.18 1.00 -6.55
CA LEU A 62 -5.17 0.59 -5.56
C LEU A 62 -6.18 -0.37 -6.16
N GLU A 63 -6.63 -0.05 -7.37
CA GLU A 63 -7.61 -0.88 -8.06
C GLU A 63 -6.93 -2.07 -8.74
N ARG A 64 -5.63 -1.95 -8.96
CA ARG A 64 -4.86 -3.02 -9.60
C ARG A 64 -4.31 -3.99 -8.55
N LEU A 65 -4.22 -3.52 -7.31
CA LEU A 65 -3.71 -4.34 -6.22
C LEU A 65 -4.84 -4.87 -5.35
N ASN A 66 -5.93 -4.11 -5.29
CA ASN A 66 -7.10 -4.49 -4.49
C ASN A 66 -7.51 -5.92 -4.80
N ASN A 67 -7.40 -6.80 -3.80
CA ASN A 67 -7.76 -8.20 -3.96
C ASN A 67 -6.92 -8.86 -5.06
N ILE A 68 -5.76 -9.36 -4.66
CA ILE A 68 -4.86 -10.02 -5.60
C ILE A 68 -4.21 -11.27 -4.98
N GLU A 69 -4.06 -12.31 -5.78
CA GLU A 69 -3.48 -13.56 -5.31
C GLU A 69 -1.95 -13.52 -5.46
N PHE A 70 -1.25 -14.02 -4.45
CA PHE A 70 0.20 -14.05 -4.46
C PHE A 70 0.74 -14.98 -3.38
N ARG A 71 1.54 -15.95 -3.79
CA ARG A 71 2.13 -16.91 -2.84
C ARG A 71 1.03 -17.65 -2.08
N GLY A 72 -0.08 -17.91 -2.75
CA GLY A 72 -1.18 -18.61 -2.12
C GLY A 72 -1.94 -17.73 -1.14
N SER A 73 -1.58 -16.45 -1.09
CA SER A 73 -2.23 -15.50 -0.19
C SER A 73 -2.88 -14.36 -0.97
N VAL A 74 -4.08 -13.99 -0.56
CA VAL A 74 -4.81 -12.91 -1.21
C VAL A 74 -4.58 -11.58 -0.51
N ILE A 75 -3.73 -10.74 -1.09
CA ILE A 75 -3.42 -9.44 -0.52
C ILE A 75 -4.42 -8.38 -0.99
N THR A 76 -4.63 -7.36 -0.17
CA THR A 76 -5.56 -6.29 -0.49
C THR A 76 -5.01 -4.93 -0.06
N VAL A 77 -5.44 -3.88 -0.74
CA VAL A 77 -5.00 -2.53 -0.42
C VAL A 77 -6.17 -1.63 -0.06
N GLU A 78 -5.95 -0.72 0.88
CA GLU A 78 -6.99 0.21 1.31
C GLU A 78 -6.40 1.55 1.71
N ARG A 79 -6.87 2.62 1.09
CA ARG A 79 -6.40 3.97 1.38
C ARG A 79 -6.72 4.36 2.81
N ASP A 80 -5.78 5.01 3.48
CA ASP A 80 -5.97 5.44 4.86
C ASP A 80 -5.53 6.90 5.04
N ASP A 81 -6.50 7.76 5.34
CA ASP A 81 -6.22 9.18 5.54
C ASP A 81 -6.31 9.56 7.01
N ASN A 82 -5.26 10.18 7.52
CA ASN A 82 -5.22 10.59 8.93
C ASN A 82 -4.81 12.06 9.05
N PRO A 83 -5.72 12.96 8.66
CA PRO A 83 -5.48 14.40 8.71
C PRO A 83 -5.44 14.92 10.15
N PRO A 84 -4.98 16.18 10.31
CA PRO A 84 -4.88 16.81 11.62
C PRO A 84 -6.26 17.14 12.21
N PRO A 85 -6.28 17.49 13.50
CA PRO A 85 -7.52 17.83 14.21
C PRO A 85 -8.10 19.17 13.74
N ILE A 86 -9.13 19.62 14.44
CA ILE A 86 -9.78 20.88 14.10
C ILE A 86 -9.36 22.01 15.04
N ARG A 87 -9.05 21.63 16.28
CA ARG A 87 -8.63 22.61 17.29
C ARG A 87 -7.12 22.84 17.20
N LYS A 1 -18.21 7.62 5.26
CA LYS A 1 -16.91 7.64 4.59
C LYS A 1 -16.59 9.02 4.05
N LEU A 2 -15.35 9.46 4.26
CA LEU A 2 -14.91 10.77 3.80
C LEU A 2 -13.69 10.65 2.90
N PRO A 3 -13.50 11.63 2.01
CA PRO A 3 -12.37 11.67 1.09
C PRO A 3 -11.04 11.92 1.79
N ALA A 4 -9.99 12.14 1.01
CA ALA A 4 -8.67 12.41 1.56
C ALA A 4 -7.73 13.00 0.51
N LYS A 5 -7.00 14.03 0.89
CA LYS A 5 -6.07 14.68 -0.03
C LYS A 5 -4.66 14.11 0.12
N ARG A 6 -4.53 12.82 -0.15
CA ARG A 6 -3.23 12.15 -0.04
C ARG A 6 -3.15 10.97 -1.02
N TYR A 7 -1.96 10.38 -1.12
CA TYR A 7 -1.75 9.26 -2.02
C TYR A 7 -1.04 8.11 -1.30
N ARG A 8 -1.49 7.83 -0.08
CA ARG A 8 -0.90 6.76 0.72
C ARG A 8 -1.95 5.70 1.06
N ILE A 9 -1.60 4.44 0.82
CA ILE A 9 -2.51 3.33 1.10
C ILE A 9 -1.82 2.27 1.94
N THR A 10 -2.62 1.36 2.51
CA THR A 10 -2.09 0.28 3.34
C THR A 10 -2.51 -1.08 2.79
N MET A 11 -1.55 -2.00 2.73
CA MET A 11 -1.81 -3.34 2.23
C MET A 11 -2.01 -4.33 3.40
N LYS A 12 -2.95 -5.26 3.22
CA LYS A 12 -3.24 -6.25 4.25
C LYS A 12 -3.40 -7.64 3.64
N ASN A 13 -3.37 -8.66 4.48
CA ASN A 13 -3.52 -10.03 4.01
C ASN A 13 -2.33 -10.45 3.15
N LEU A 14 -1.14 -10.05 3.56
CA LEU A 14 0.07 -10.38 2.82
C LEU A 14 1.10 -11.04 3.73
N PRO A 15 0.78 -12.25 4.21
CA PRO A 15 1.66 -13.02 5.10
C PRO A 15 2.90 -13.53 4.37
N GLU A 16 3.74 -12.61 3.92
CA GLU A 16 4.96 -12.97 3.21
C GLU A 16 6.13 -12.09 3.66
N GLY A 17 7.34 -12.54 3.36
CA GLY A 17 8.52 -11.79 3.73
C GLY A 17 8.72 -10.54 2.88
N CYS A 18 7.76 -10.29 1.99
CA CYS A 18 7.83 -9.12 1.12
C CYS A 18 8.15 -7.86 1.92
N SER A 19 9.39 -7.40 1.79
CA SER A 19 9.83 -6.20 2.51
C SER A 19 9.70 -4.96 1.63
N TRP A 20 10.01 -3.81 2.19
CA TRP A 20 9.94 -2.55 1.46
C TRP A 20 10.58 -2.68 0.08
N GLN A 21 11.73 -3.33 0.02
CA GLN A 21 12.44 -3.52 -1.23
C GLN A 21 11.61 -4.37 -2.19
N ASP A 22 11.01 -5.43 -1.67
CA ASP A 22 10.19 -6.32 -2.49
C ASP A 22 8.98 -5.59 -3.05
N LEU A 23 8.11 -5.13 -2.16
CA LEU A 23 6.91 -4.40 -2.58
C LEU A 23 7.26 -3.26 -3.52
N LYS A 24 8.40 -2.62 -3.28
CA LYS A 24 8.85 -1.52 -4.11
C LYS A 24 9.28 -2.00 -5.49
N ASP A 25 9.90 -3.18 -5.53
CA ASP A 25 10.36 -3.77 -6.78
C ASP A 25 9.18 -4.11 -7.68
N LEU A 26 8.22 -4.85 -7.12
CA LEU A 26 7.04 -5.27 -7.87
C LEU A 26 6.17 -4.06 -8.23
N ALA A 27 6.12 -3.10 -7.31
CA ALA A 27 5.33 -1.88 -7.53
C ALA A 27 5.85 -1.09 -8.72
N ARG A 28 7.17 -0.87 -8.76
CA ARG A 28 7.79 -0.12 -9.84
C ARG A 28 7.77 -0.94 -11.13
N GLU A 29 7.85 -2.26 -11.00
CA GLU A 29 7.84 -3.14 -12.15
C GLU A 29 6.44 -3.30 -12.72
N ASN A 30 5.44 -3.07 -11.87
CA ASN A 30 4.04 -3.18 -12.28
C ASN A 30 3.51 -1.84 -12.77
N SER A 31 4.42 -0.95 -13.15
CA SER A 31 4.03 0.37 -13.64
C SER A 31 3.36 1.19 -12.54
N LEU A 32 3.89 1.08 -11.32
CA LEU A 32 3.35 1.80 -10.18
C LEU A 32 4.46 2.31 -9.27
N GLU A 33 4.89 3.55 -9.50
CA GLU A 33 5.96 4.15 -8.70
C GLU A 33 5.50 4.36 -7.26
N THR A 34 6.39 4.89 -6.43
CA THR A 34 6.08 5.15 -5.03
C THR A 34 7.09 6.09 -4.41
N THR A 35 6.60 7.00 -3.57
CA THR A 35 7.46 7.97 -2.91
C THR A 35 7.83 7.52 -1.50
N PHE A 36 7.10 6.52 -1.00
CA PHE A 36 7.34 5.99 0.33
C PHE A 36 6.79 4.57 0.47
N SER A 37 7.47 3.76 1.27
CA SER A 37 7.06 2.38 1.48
C SER A 37 7.51 1.87 2.85
N SER A 38 6.76 0.93 3.40
CA SER A 38 7.08 0.36 4.71
C SER A 38 6.31 -0.94 4.94
N VAL A 39 6.74 -1.69 5.96
CA VAL A 39 6.08 -2.95 6.29
C VAL A 39 5.99 -3.14 7.80
N ASN A 40 5.35 -4.22 8.22
CA ASN A 40 5.19 -4.51 9.64
C ASN A 40 5.83 -5.85 9.99
N THR A 41 7.05 -5.79 10.51
CA THR A 41 7.79 -7.01 10.89
C THR A 41 7.62 -7.29 12.37
N ARG A 42 7.37 -6.25 13.15
CA ARG A 42 7.21 -6.39 14.59
C ARG A 42 6.03 -7.32 14.91
N ASP A 43 4.82 -6.86 14.61
CA ASP A 43 3.62 -7.64 14.87
C ASP A 43 3.60 -8.89 14.00
N PHE A 44 3.99 -8.75 12.73
CA PHE A 44 4.02 -9.87 11.81
C PHE A 44 2.60 -10.39 11.55
N ASP A 45 1.80 -9.58 10.86
CA ASP A 45 0.42 -9.97 10.55
C ASP A 45 0.13 -9.78 9.07
N GLY A 46 1.19 -9.71 8.26
CA GLY A 46 1.02 -9.53 6.83
C GLY A 46 0.30 -8.25 6.49
N THR A 47 0.91 -7.12 6.81
CA THR A 47 0.32 -5.81 6.54
C THR A 47 1.39 -4.76 6.32
N GLY A 48 1.29 -4.04 5.20
CA GLY A 48 2.25 -3.01 4.89
C GLY A 48 1.60 -1.69 4.55
N ALA A 49 2.41 -0.71 4.17
CA ALA A 49 1.90 0.61 3.80
C ALA A 49 2.87 1.34 2.88
N LEU A 50 2.33 1.94 1.83
CA LEU A 50 3.14 2.68 0.86
C LEU A 50 2.43 3.94 0.40
N GLU A 51 3.13 4.75 -0.40
CA GLU A 51 2.55 5.99 -0.91
C GLU A 51 3.07 6.28 -2.31
N PHE A 52 2.22 6.88 -3.14
CA PHE A 52 2.58 7.21 -4.51
C PHE A 52 2.79 8.71 -4.67
N PRO A 53 3.60 9.10 -5.66
CA PRO A 53 3.90 10.50 -5.94
C PRO A 53 2.70 11.25 -6.51
N SER A 54 1.88 10.54 -7.29
CA SER A 54 0.70 11.12 -7.90
C SER A 54 -0.55 10.31 -7.57
N GLU A 55 -1.69 10.99 -7.50
CA GLU A 55 -2.95 10.32 -7.20
C GLU A 55 -3.29 9.28 -8.27
N GLU A 56 -2.94 9.59 -9.51
CA GLU A 56 -3.21 8.68 -10.62
C GLU A 56 -2.67 7.28 -10.32
N ILE A 57 -1.44 7.21 -9.84
CA ILE A 57 -0.81 5.95 -9.52
C ILE A 57 -1.48 5.29 -8.31
N LEU A 58 -1.97 6.13 -7.39
CA LEU A 58 -2.63 5.64 -6.19
C LEU A 58 -3.93 4.91 -6.54
N VAL A 59 -4.78 5.59 -7.31
CA VAL A 59 -6.05 5.01 -7.73
C VAL A 59 -5.84 3.78 -8.60
N GLU A 60 -4.92 3.90 -9.56
CA GLU A 60 -4.63 2.80 -10.46
C GLU A 60 -4.05 1.60 -9.71
N ALA A 61 -3.02 1.86 -8.91
CA ALA A 61 -2.37 0.80 -8.13
C ALA A 61 -3.34 0.21 -7.12
N LEU A 62 -4.24 1.05 -6.61
CA LEU A 62 -5.22 0.60 -5.62
C LEU A 62 -6.23 -0.35 -6.24
N GLU A 63 -6.67 -0.03 -7.46
CA GLU A 63 -7.63 -0.85 -8.16
C GLU A 63 -6.95 -2.04 -8.83
N ARG A 64 -5.65 -1.92 -9.04
CA ARG A 64 -4.88 -3.00 -9.67
C ARG A 64 -4.35 -3.97 -8.62
N LEU A 65 -4.19 -3.48 -7.39
CA LEU A 65 -3.69 -4.32 -6.30
C LEU A 65 -4.84 -4.86 -5.46
N ASN A 66 -5.94 -4.11 -5.41
CA ASN A 66 -7.11 -4.52 -4.65
C ASN A 66 -7.50 -5.96 -4.97
N ASN A 67 -7.37 -6.83 -3.97
CA ASN A 67 -7.71 -8.24 -4.15
C ASN A 67 -6.86 -8.87 -5.25
N ILE A 68 -5.70 -9.38 -4.86
CA ILE A 68 -4.79 -10.02 -5.81
C ILE A 68 -4.16 -11.27 -5.22
N GLU A 69 -4.02 -12.31 -6.04
CA GLU A 69 -3.43 -13.57 -5.59
C GLU A 69 -1.91 -13.51 -5.70
N PHE A 70 -1.23 -13.98 -4.65
CA PHE A 70 0.23 -13.99 -4.63
C PHE A 70 0.74 -14.86 -3.49
N ARG A 71 1.61 -15.81 -3.83
CA ARG A 71 2.18 -16.73 -2.84
C ARG A 71 1.09 -17.53 -2.16
N GLY A 72 0.02 -17.84 -2.90
CA GLY A 72 -1.08 -18.61 -2.35
C GLY A 72 -1.92 -17.79 -1.38
N SER A 73 -1.67 -16.48 -1.34
CA SER A 73 -2.42 -15.59 -0.45
C SER A 73 -3.03 -14.44 -1.23
N VAL A 74 -4.20 -13.99 -0.78
CA VAL A 74 -4.90 -12.90 -1.43
C VAL A 74 -4.64 -11.57 -0.71
N ILE A 75 -3.79 -10.75 -1.31
CA ILE A 75 -3.45 -9.45 -0.73
C ILE A 75 -4.44 -8.38 -1.17
N THR A 76 -4.63 -7.38 -0.32
CA THR A 76 -5.55 -6.28 -0.62
C THR A 76 -4.96 -4.94 -0.25
N VAL A 77 -5.48 -3.87 -0.83
CA VAL A 77 -5.01 -2.52 -0.54
C VAL A 77 -6.16 -1.58 -0.22
N GLU A 78 -5.97 -0.75 0.80
CA GLU A 78 -7.00 0.21 1.20
C GLU A 78 -6.37 1.52 1.66
N ARG A 79 -6.89 2.63 1.13
CA ARG A 79 -6.38 3.95 1.48
C ARG A 79 -6.64 4.26 2.95
N ASP A 80 -5.65 4.83 3.61
CA ASP A 80 -5.78 5.18 5.03
C ASP A 80 -5.12 6.53 5.32
N ASP A 81 -5.76 7.32 6.17
CA ASP A 81 -5.24 8.63 6.53
C ASP A 81 -5.23 8.82 8.04
N ASN A 82 -4.05 8.74 8.64
CA ASN A 82 -3.91 8.90 10.08
C ASN A 82 -2.81 9.90 10.41
N PRO A 83 -3.09 11.19 10.15
CA PRO A 83 -2.14 12.27 10.41
C PRO A 83 -1.94 12.52 11.90
N PRO A 84 -0.90 13.31 12.25
CA PRO A 84 -0.59 13.64 13.64
C PRO A 84 -1.63 14.56 14.26
N PRO A 85 -1.57 14.71 15.59
CA PRO A 85 -2.49 15.57 16.34
C PRO A 85 -2.27 17.05 16.06
N ILE A 86 -2.95 17.90 16.82
CA ILE A 86 -2.82 19.35 16.65
C ILE A 86 -1.64 19.88 17.45
N ARG A 87 -1.28 19.19 18.52
CA ARG A 87 -0.16 19.61 19.36
C ARG A 87 1.16 19.09 18.81
N LYS A 1 -18.36 8.92 5.74
CA LYS A 1 -17.64 9.16 4.49
C LYS A 1 -17.03 10.56 4.48
N LEU A 2 -15.86 10.70 3.86
CA LEU A 2 -15.17 11.97 3.78
C LEU A 2 -14.09 11.95 2.70
N PRO A 3 -13.70 13.14 2.23
CA PRO A 3 -12.67 13.28 1.20
C PRO A 3 -11.28 12.91 1.70
N ALA A 4 -10.28 13.09 0.84
CA ALA A 4 -8.90 12.78 1.20
C ALA A 4 -7.93 13.30 0.16
N LYS A 5 -7.10 14.26 0.55
CA LYS A 5 -6.12 14.86 -0.35
C LYS A 5 -4.75 14.24 -0.13
N ARG A 6 -4.64 12.93 -0.34
CA ARG A 6 -3.38 12.21 -0.17
C ARG A 6 -3.24 11.09 -1.18
N TYR A 7 -2.06 10.51 -1.27
CA TYR A 7 -1.80 9.42 -2.20
C TYR A 7 -1.08 8.27 -1.51
N ARG A 8 -1.46 8.00 -0.26
CA ARG A 8 -0.85 6.92 0.50
C ARG A 8 -1.90 5.89 0.92
N ILE A 9 -1.59 4.61 0.70
CA ILE A 9 -2.50 3.53 1.04
C ILE A 9 -1.78 2.45 1.84
N THR A 10 -2.56 1.63 2.55
CA THR A 10 -2.00 0.56 3.35
C THR A 10 -2.45 -0.81 2.84
N MET A 11 -1.54 -1.77 2.84
CA MET A 11 -1.85 -3.12 2.37
C MET A 11 -1.94 -4.09 3.54
N LYS A 12 -2.73 -5.15 3.36
CA LYS A 12 -2.90 -6.15 4.40
C LYS A 12 -3.17 -7.53 3.80
N ASN A 13 -3.15 -8.56 4.64
CA ASN A 13 -3.39 -9.92 4.19
C ASN A 13 -2.24 -10.41 3.30
N LEU A 14 -1.03 -9.97 3.62
CA LEU A 14 0.15 -10.35 2.86
C LEU A 14 1.21 -10.96 3.77
N PRO A 15 0.91 -12.13 4.35
CA PRO A 15 1.83 -12.83 5.25
C PRO A 15 3.04 -13.38 4.51
N GLU A 16 3.90 -12.49 4.02
CA GLU A 16 5.10 -12.90 3.30
C GLU A 16 6.30 -12.04 3.71
N GLY A 17 7.49 -12.51 3.39
CA GLY A 17 8.70 -11.77 3.72
C GLY A 17 8.88 -10.53 2.86
N CYS A 18 7.92 -10.28 1.99
CA CYS A 18 7.96 -9.12 1.10
C CYS A 18 8.31 -7.85 1.88
N SER A 19 9.55 -7.38 1.72
CA SER A 19 10.00 -6.19 2.41
C SER A 19 9.82 -4.94 1.54
N TRP A 20 10.18 -3.79 2.08
CA TRP A 20 10.06 -2.53 1.35
C TRP A 20 10.63 -2.66 -0.06
N GLN A 21 11.77 -3.33 -0.17
CA GLN A 21 12.41 -3.53 -1.46
C GLN A 21 11.55 -4.40 -2.38
N ASP A 22 10.97 -5.44 -1.80
CA ASP A 22 10.13 -6.36 -2.57
C ASP A 22 8.90 -5.62 -3.12
N LEU A 23 8.08 -5.09 -2.21
CA LEU A 23 6.88 -4.37 -2.61
C LEU A 23 7.21 -3.23 -3.57
N LYS A 24 8.35 -2.59 -3.34
CA LYS A 24 8.79 -1.49 -4.18
C LYS A 24 9.20 -1.99 -5.57
N ASP A 25 9.81 -3.17 -5.61
CA ASP A 25 10.25 -3.76 -6.86
C ASP A 25 9.05 -4.11 -7.75
N LEU A 26 8.10 -4.85 -7.17
CA LEU A 26 6.92 -5.26 -7.90
C LEU A 26 6.05 -4.06 -8.26
N ALA A 27 6.02 -3.08 -7.37
CA ALA A 27 5.24 -1.86 -7.59
C ALA A 27 5.76 -1.09 -8.80
N ARG A 28 7.07 -0.86 -8.84
CA ARG A 28 7.68 -0.13 -9.95
C ARG A 28 7.63 -0.95 -11.23
N GLU A 29 7.67 -2.28 -11.09
CA GLU A 29 7.63 -3.18 -12.23
C GLU A 29 6.22 -3.32 -12.76
N ASN A 30 5.24 -3.07 -11.90
CA ASN A 30 3.83 -3.17 -12.28
C ASN A 30 3.30 -1.83 -12.78
N SER A 31 4.21 -0.96 -13.19
CA SER A 31 3.84 0.36 -13.68
C SER A 31 3.25 1.22 -12.56
N LEU A 32 3.85 1.12 -11.38
CA LEU A 32 3.40 1.88 -10.22
C LEU A 32 4.58 2.40 -9.41
N GLU A 33 4.90 3.67 -9.60
CA GLU A 33 6.01 4.30 -8.89
C GLU A 33 5.55 4.87 -7.55
N THR A 34 6.34 4.63 -6.51
CA THR A 34 6.02 5.12 -5.17
C THR A 34 7.11 6.04 -4.64
N THR A 35 6.76 6.84 -3.64
CA THR A 35 7.72 7.77 -3.04
C THR A 35 8.08 7.34 -1.62
N PHE A 36 7.26 6.46 -1.05
CA PHE A 36 7.49 5.97 0.31
C PHE A 36 6.87 4.59 0.50
N SER A 37 7.55 3.75 1.28
CA SER A 37 7.07 2.40 1.54
C SER A 37 7.52 1.92 2.92
N SER A 38 6.78 0.96 3.46
CA SER A 38 7.10 0.41 4.78
C SER A 38 6.35 -0.89 5.02
N VAL A 39 6.91 -1.75 5.88
CA VAL A 39 6.30 -3.02 6.19
C VAL A 39 6.32 -3.29 7.69
N ASN A 40 5.53 -4.26 8.14
CA ASN A 40 5.47 -4.61 9.55
C ASN A 40 5.85 -6.07 9.76
N THR A 41 7.11 -6.30 10.14
CA THR A 41 7.60 -7.65 10.38
C THR A 41 7.56 -7.99 11.86
N ARG A 42 7.50 -6.97 12.71
CA ARG A 42 7.46 -7.16 14.15
C ARG A 42 6.36 -8.15 14.54
N ASP A 43 5.28 -8.14 13.76
CA ASP A 43 4.14 -9.02 14.02
C ASP A 43 3.80 -9.84 12.78
N PHE A 44 2.91 -10.81 12.95
CA PHE A 44 2.49 -11.67 11.84
C PHE A 44 1.19 -11.17 11.22
N ASP A 45 0.93 -9.88 11.37
CA ASP A 45 -0.28 -9.28 10.83
C ASP A 45 -0.26 -9.26 9.31
N GLY A 46 0.94 -9.22 8.75
CA GLY A 46 1.08 -9.21 7.30
C GLY A 46 0.41 -8.01 6.67
N THR A 47 0.90 -6.81 7.00
CA THR A 47 0.33 -5.58 6.46
C THR A 47 1.42 -4.53 6.24
N GLY A 48 1.35 -3.84 5.11
CA GLY A 48 2.33 -2.82 4.80
C GLY A 48 1.70 -1.48 4.51
N ALA A 49 2.52 -0.50 4.13
CA ALA A 49 2.03 0.83 3.81
C ALA A 49 2.97 1.54 2.84
N LEU A 50 2.40 2.04 1.75
CA LEU A 50 3.18 2.74 0.74
C LEU A 50 2.46 4.00 0.26
N GLU A 51 3.17 4.84 -0.48
CA GLU A 51 2.59 6.08 -1.00
C GLU A 51 3.16 6.40 -2.38
N PHE A 52 2.33 7.02 -3.21
CA PHE A 52 2.74 7.39 -4.56
C PHE A 52 2.83 8.91 -4.71
N PRO A 53 3.67 9.37 -5.65
CA PRO A 53 3.87 10.80 -5.92
C PRO A 53 2.64 11.45 -6.56
N SER A 54 1.94 10.68 -7.38
CA SER A 54 0.74 11.18 -8.07
C SER A 54 -0.48 10.33 -7.71
N GLU A 55 -1.65 10.96 -7.73
CA GLU A 55 -2.89 10.27 -7.40
C GLU A 55 -3.19 9.19 -8.44
N GLU A 56 -2.83 9.46 -9.69
CA GLU A 56 -3.07 8.52 -10.77
C GLU A 56 -2.52 7.15 -10.42
N ILE A 57 -1.28 7.11 -9.94
CA ILE A 57 -0.64 5.85 -9.56
C ILE A 57 -1.31 5.24 -8.34
N LEU A 58 -1.82 6.09 -7.46
CA LEU A 58 -2.49 5.63 -6.25
C LEU A 58 -3.78 4.88 -6.59
N VAL A 59 -4.64 5.52 -7.37
CA VAL A 59 -5.90 4.92 -7.77
C VAL A 59 -5.67 3.65 -8.59
N GLU A 60 -4.79 3.75 -9.57
CA GLU A 60 -4.48 2.62 -10.44
C GLU A 60 -3.91 1.46 -9.63
N ALA A 61 -2.86 1.74 -8.86
CA ALA A 61 -2.21 0.73 -8.04
C ALA A 61 -3.18 0.20 -6.98
N LEU A 62 -4.10 1.03 -6.55
CA LEU A 62 -5.09 0.65 -5.54
C LEU A 62 -6.04 -0.42 -6.09
N GLU A 63 -6.53 -0.20 -7.31
CA GLU A 63 -7.43 -1.15 -7.94
C GLU A 63 -6.67 -2.32 -8.54
N ARG A 64 -5.39 -2.12 -8.79
CA ARG A 64 -4.54 -3.16 -9.37
C ARG A 64 -3.97 -4.06 -8.28
N LEU A 65 -3.88 -3.53 -7.06
CA LEU A 65 -3.36 -4.29 -5.93
C LEU A 65 -4.49 -4.88 -5.09
N ASN A 66 -5.58 -4.13 -4.97
CA ASN A 66 -6.73 -4.57 -4.20
C ASN A 66 -7.19 -5.95 -4.65
N ASN A 67 -7.21 -6.90 -3.72
CA ASN A 67 -7.64 -8.26 -4.02
C ASN A 67 -6.75 -8.88 -5.11
N ILE A 68 -5.59 -9.38 -4.70
CA ILE A 68 -4.65 -10.00 -5.63
C ILE A 68 -4.05 -11.27 -5.03
N GLU A 69 -3.94 -12.30 -5.87
CA GLU A 69 -3.37 -13.57 -5.43
C GLU A 69 -1.85 -13.58 -5.57
N PHE A 70 -1.18 -13.95 -4.48
CA PHE A 70 0.28 -13.99 -4.49
C PHE A 70 0.79 -14.95 -3.41
N ARG A 71 1.56 -15.95 -3.84
CA ARG A 71 2.12 -16.94 -2.92
C ARG A 71 1.01 -17.68 -2.18
N GLY A 72 -0.12 -17.86 -2.86
CA GLY A 72 -1.25 -18.55 -2.25
C GLY A 72 -1.98 -17.70 -1.25
N SER A 73 -1.67 -16.40 -1.23
CA SER A 73 -2.29 -15.47 -0.29
C SER A 73 -2.94 -14.31 -1.05
N VAL A 74 -4.11 -13.90 -0.58
CA VAL A 74 -4.83 -12.79 -1.21
C VAL A 74 -4.55 -11.47 -0.50
N ILE A 75 -3.73 -10.63 -1.14
CA ILE A 75 -3.37 -9.34 -0.58
C ILE A 75 -4.41 -8.28 -0.95
N THR A 76 -4.53 -7.26 -0.10
CA THR A 76 -5.48 -6.17 -0.34
C THR A 76 -4.89 -4.83 0.06
N VAL A 77 -5.30 -3.78 -0.64
CA VAL A 77 -4.81 -2.43 -0.36
C VAL A 77 -5.96 -1.45 -0.21
N GLU A 78 -5.83 -0.54 0.76
CA GLU A 78 -6.87 0.46 1.01
C GLU A 78 -6.26 1.72 1.62
N ARG A 79 -6.82 2.87 1.25
CA ARG A 79 -6.34 4.15 1.77
C ARG A 79 -6.62 4.27 3.26
N ASP A 80 -5.72 4.95 3.97
CA ASP A 80 -5.86 5.15 5.40
C ASP A 80 -5.75 6.62 5.77
N ASP A 81 -6.82 7.18 6.31
CA ASP A 81 -6.84 8.58 6.70
C ASP A 81 -6.54 8.73 8.19
N ASN A 82 -5.52 9.53 8.50
CA ASN A 82 -5.13 9.77 9.89
C ASN A 82 -4.99 11.26 10.17
N PRO A 83 -6.14 11.95 10.23
CA PRO A 83 -6.17 13.40 10.49
C PRO A 83 -5.78 13.73 11.94
N PRO A 84 -5.55 15.02 12.20
CA PRO A 84 -5.17 15.49 13.53
C PRO A 84 -6.31 15.40 14.53
N PRO A 85 -5.99 15.57 15.82
CA PRO A 85 -6.99 15.51 16.90
C PRO A 85 -7.93 16.70 16.89
N ILE A 86 -8.83 16.75 17.86
CA ILE A 86 -9.80 17.84 17.96
C ILE A 86 -9.57 18.67 19.22
N ARG A 87 -8.98 18.04 20.24
CA ARG A 87 -8.71 18.71 21.50
C ARG A 87 -7.65 19.79 21.31
N LYS A 1 -19.29 9.76 2.62
CA LYS A 1 -18.01 9.32 2.07
C LYS A 1 -16.84 9.91 2.85
N LEU A 2 -15.76 9.15 2.96
CA LEU A 2 -14.57 9.60 3.68
C LEU A 2 -13.40 9.77 2.73
N PRO A 3 -13.41 10.87 1.95
CA PRO A 3 -12.35 11.17 1.00
C PRO A 3 -11.04 11.56 1.68
N ALA A 4 -10.07 12.03 0.89
CA ALA A 4 -8.78 12.44 1.43
C ALA A 4 -7.95 13.14 0.36
N LYS A 5 -7.04 14.01 0.81
CA LYS A 5 -6.17 14.75 -0.11
C LYS A 5 -4.74 14.23 -0.03
N ARG A 6 -4.56 12.94 -0.27
CA ARG A 6 -3.24 12.33 -0.22
C ARG A 6 -3.11 11.23 -1.27
N TYR A 7 -2.00 10.50 -1.22
CA TYR A 7 -1.76 9.42 -2.17
C TYR A 7 -1.06 8.25 -1.48
N ARG A 8 -1.56 7.86 -0.33
CA ARG A 8 -0.98 6.75 0.43
C ARG A 8 -2.03 5.68 0.71
N ILE A 9 -1.63 4.42 0.58
CA ILE A 9 -2.53 3.30 0.82
C ILE A 9 -1.88 2.26 1.72
N THR A 10 -2.71 1.36 2.26
CA THR A 10 -2.21 0.31 3.15
C THR A 10 -2.60 -1.07 2.63
N MET A 11 -1.67 -2.01 2.71
CA MET A 11 -1.92 -3.38 2.26
C MET A 11 -2.28 -4.29 3.43
N LYS A 12 -3.09 -5.31 3.16
CA LYS A 12 -3.50 -6.25 4.19
C LYS A 12 -3.55 -7.67 3.63
N ASN A 13 -3.38 -8.65 4.51
CA ASN A 13 -3.40 -10.05 4.11
C ASN A 13 -2.21 -10.39 3.23
N LEU A 14 -1.01 -10.11 3.74
CA LEU A 14 0.22 -10.39 3.00
C LEU A 14 1.28 -10.97 3.92
N PRO A 15 1.03 -12.18 4.44
CA PRO A 15 1.95 -12.87 5.33
C PRO A 15 3.21 -13.35 4.61
N GLU A 16 4.02 -12.40 4.16
CA GLU A 16 5.25 -12.72 3.44
C GLU A 16 6.39 -11.81 3.89
N GLY A 17 7.62 -12.22 3.58
CA GLY A 17 8.77 -11.42 3.96
C GLY A 17 8.95 -10.20 3.08
N CYS A 18 7.98 -9.97 2.19
CA CYS A 18 8.04 -8.84 1.28
C CYS A 18 8.36 -7.55 2.03
N SER A 19 9.59 -7.06 1.88
CA SER A 19 10.03 -5.85 2.56
C SER A 19 9.87 -4.64 1.64
N TRP A 20 10.21 -3.47 2.16
CA TRP A 20 10.11 -2.23 1.39
C TRP A 20 10.71 -2.41 0.00
N GLN A 21 11.85 -3.07 -0.07
CA GLN A 21 12.53 -3.31 -1.35
C GLN A 21 11.67 -4.19 -2.25
N ASP A 22 11.09 -5.25 -1.67
CA ASP A 22 10.25 -6.16 -2.42
C ASP A 22 9.04 -5.44 -3.00
N LEU A 23 8.20 -4.91 -2.12
CA LEU A 23 7.00 -4.20 -2.53
C LEU A 23 7.33 -3.09 -3.52
N LYS A 24 8.48 -2.45 -3.31
CA LYS A 24 8.93 -1.37 -4.19
C LYS A 24 9.32 -1.91 -5.56
N ASP A 25 9.93 -3.09 -5.57
CA ASP A 25 10.35 -3.71 -6.82
C ASP A 25 9.15 -4.10 -7.68
N LEU A 26 8.22 -4.83 -7.08
CA LEU A 26 7.01 -5.26 -7.79
C LEU A 26 6.13 -4.06 -8.16
N ALA A 27 6.11 -3.06 -7.28
CA ALA A 27 5.32 -1.86 -7.52
C ALA A 27 5.82 -1.12 -8.76
N ARG A 28 7.12 -0.86 -8.81
CA ARG A 28 7.72 -0.16 -9.94
C ARG A 28 7.67 -1.01 -11.21
N GLU A 29 7.74 -2.32 -11.03
CA GLU A 29 7.71 -3.24 -12.15
C GLU A 29 6.28 -3.42 -12.67
N ASN A 30 5.31 -3.15 -11.81
CA ASN A 30 3.91 -3.28 -12.17
C ASN A 30 3.35 -1.95 -12.68
N SER A 31 4.25 -1.08 -13.13
CA SER A 31 3.85 0.23 -13.64
C SER A 31 3.27 1.09 -12.52
N LEU A 32 3.89 1.03 -11.34
CA LEU A 32 3.43 1.80 -10.20
C LEU A 32 4.61 2.34 -9.40
N GLU A 33 4.91 3.62 -9.59
CA GLU A 33 6.02 4.27 -8.88
C GLU A 33 5.57 4.80 -7.53
N THR A 34 6.45 4.70 -6.54
CA THR A 34 6.14 5.18 -5.20
C THR A 34 7.28 6.00 -4.63
N THR A 35 6.97 6.87 -3.68
CA THR A 35 7.96 7.74 -3.05
C THR A 35 8.23 7.31 -1.61
N PHE A 36 7.31 6.53 -1.05
CA PHE A 36 7.45 6.06 0.32
C PHE A 36 6.87 4.66 0.48
N SER A 37 7.49 3.86 1.34
CA SER A 37 7.03 2.49 1.57
C SER A 37 7.41 2.04 2.98
N SER A 38 6.67 1.05 3.49
CA SER A 38 6.92 0.51 4.83
C SER A 38 6.20 -0.81 5.03
N VAL A 39 6.72 -1.63 5.94
CA VAL A 39 6.12 -2.92 6.23
C VAL A 39 6.17 -3.22 7.72
N ASN A 40 5.57 -4.34 8.12
CA ASN A 40 5.54 -4.75 9.52
C ASN A 40 6.04 -6.18 9.68
N THR A 41 7.32 -6.32 10.05
CA THR A 41 7.91 -7.63 10.25
C THR A 41 8.18 -7.90 11.72
N ARG A 42 7.48 -7.18 12.59
CA ARG A 42 7.66 -7.35 14.03
C ARG A 42 6.49 -8.12 14.63
N ASP A 43 5.28 -7.61 14.44
CA ASP A 43 4.08 -8.25 14.96
C ASP A 43 3.70 -9.46 14.11
N PHE A 44 4.29 -9.55 12.92
CA PHE A 44 4.00 -10.65 12.02
C PHE A 44 2.50 -10.79 11.77
N ASP A 45 1.90 -9.74 11.22
CA ASP A 45 0.47 -9.74 10.93
C ASP A 45 0.22 -9.65 9.43
N GLY A 46 1.29 -9.66 8.65
CA GLY A 46 1.16 -9.58 7.20
C GLY A 46 0.42 -8.34 6.76
N THR A 47 0.99 -7.18 7.02
CA THR A 47 0.37 -5.92 6.65
C THR A 47 1.42 -4.84 6.38
N GLY A 48 1.32 -4.19 5.22
CA GLY A 48 2.26 -3.15 4.87
C GLY A 48 1.58 -1.87 4.44
N ALA A 49 2.37 -0.89 4.00
CA ALA A 49 1.84 0.39 3.56
C ALA A 49 2.82 1.12 2.65
N LEU A 50 2.29 1.88 1.70
CA LEU A 50 3.13 2.63 0.78
C LEU A 50 2.42 3.88 0.28
N GLU A 51 3.16 4.78 -0.34
CA GLU A 51 2.60 6.02 -0.88
C GLU A 51 3.19 6.35 -2.25
N PHE A 52 2.35 6.93 -3.11
CA PHE A 52 2.79 7.30 -4.45
C PHE A 52 2.94 8.80 -4.58
N PRO A 53 3.90 9.23 -5.42
CA PRO A 53 4.17 10.66 -5.65
C PRO A 53 3.05 11.35 -6.43
N SER A 54 2.09 10.55 -6.91
CA SER A 54 0.96 11.09 -7.66
C SER A 54 -0.31 10.31 -7.34
N GLU A 55 -1.45 10.91 -7.67
CA GLU A 55 -2.75 10.27 -7.42
C GLU A 55 -3.05 9.22 -8.48
N GLU A 56 -2.60 9.48 -9.70
CA GLU A 56 -2.83 8.56 -10.81
C GLU A 56 -2.36 7.15 -10.44
N ILE A 57 -1.15 7.05 -9.89
CA ILE A 57 -0.60 5.77 -9.50
C ILE A 57 -1.31 5.21 -8.26
N LEU A 58 -1.82 6.11 -7.42
CA LEU A 58 -2.53 5.71 -6.21
C LEU A 58 -3.81 4.97 -6.56
N VAL A 59 -4.68 5.62 -7.32
CA VAL A 59 -5.95 5.03 -7.72
C VAL A 59 -5.73 3.81 -8.62
N GLU A 60 -4.76 3.92 -9.53
CA GLU A 60 -4.44 2.84 -10.44
C GLU A 60 -3.92 1.61 -9.69
N ALA A 61 -2.89 1.83 -8.86
CA ALA A 61 -2.31 0.75 -8.09
C ALA A 61 -3.30 0.21 -7.06
N LEU A 62 -4.14 1.09 -6.53
CA LEU A 62 -5.14 0.70 -5.55
C LEU A 62 -6.16 -0.27 -6.15
N GLU A 63 -6.60 0.04 -7.38
CA GLU A 63 -7.57 -0.80 -8.06
C GLU A 63 -6.89 -1.99 -8.73
N ARG A 64 -5.59 -1.86 -8.97
CA ARG A 64 -4.82 -2.92 -9.61
C ARG A 64 -4.32 -3.92 -8.56
N LEU A 65 -4.23 -3.48 -7.32
CA LEU A 65 -3.76 -4.34 -6.23
C LEU A 65 -4.93 -4.84 -5.40
N ASN A 66 -6.00 -4.05 -5.35
CA ASN A 66 -7.19 -4.41 -4.59
C ASN A 66 -7.64 -5.83 -4.92
N ASN A 67 -7.55 -6.72 -3.93
CA ASN A 67 -7.94 -8.11 -4.11
C ASN A 67 -7.10 -8.78 -5.20
N ILE A 68 -5.95 -9.30 -4.80
CA ILE A 68 -5.05 -9.96 -5.74
C ILE A 68 -4.43 -11.21 -5.13
N GLU A 69 -4.31 -12.27 -5.92
CA GLU A 69 -3.72 -13.51 -5.44
C GLU A 69 -2.20 -13.49 -5.60
N PHE A 70 -1.51 -14.02 -4.60
CA PHE A 70 -0.05 -14.07 -4.62
C PHE A 70 0.48 -14.99 -3.53
N ARG A 71 1.29 -15.97 -3.94
CA ARG A 71 1.86 -16.92 -3.00
C ARG A 71 0.77 -17.66 -2.24
N GLY A 72 -0.35 -17.89 -2.90
CA GLY A 72 -1.47 -18.59 -2.28
C GLY A 72 -2.20 -17.72 -1.29
N SER A 73 -1.87 -16.44 -1.26
CA SER A 73 -2.51 -15.49 -0.35
C SER A 73 -3.13 -14.33 -1.12
N VAL A 74 -4.34 -13.95 -0.71
CA VAL A 74 -5.05 -12.85 -1.36
C VAL A 74 -4.78 -11.53 -0.66
N ILE A 75 -3.92 -10.71 -1.24
CA ILE A 75 -3.58 -9.42 -0.67
C ILE A 75 -4.56 -8.34 -1.12
N THR A 76 -4.82 -7.39 -0.24
CA THR A 76 -5.74 -6.30 -0.55
C THR A 76 -5.14 -4.95 -0.15
N VAL A 77 -5.55 -3.91 -0.87
CA VAL A 77 -5.06 -2.55 -0.61
C VAL A 77 -6.20 -1.60 -0.30
N GLU A 78 -6.02 -0.78 0.72
CA GLU A 78 -7.05 0.19 1.12
C GLU A 78 -6.41 1.48 1.60
N ARG A 79 -6.96 2.61 1.16
CA ARG A 79 -6.45 3.92 1.54
C ARG A 79 -6.75 4.21 3.01
N ASP A 80 -5.72 4.62 3.74
CA ASP A 80 -5.87 4.93 5.16
C ASP A 80 -5.42 6.36 5.45
N ASP A 81 -6.31 7.15 6.04
CA ASP A 81 -5.99 8.53 6.38
C ASP A 81 -6.32 8.82 7.84
N ASN A 82 -5.33 9.30 8.57
CA ASN A 82 -5.51 9.62 9.99
C ASN A 82 -4.99 11.02 10.30
N PRO A 83 -5.71 12.03 9.82
CA PRO A 83 -5.33 13.43 10.04
C PRO A 83 -5.51 13.86 11.50
N PRO A 84 -4.97 15.04 11.84
CA PRO A 84 -5.04 15.58 13.19
C PRO A 84 -6.46 16.04 13.56
N PRO A 85 -6.68 16.31 14.85
CA PRO A 85 -7.99 16.75 15.35
C PRO A 85 -8.34 18.16 14.89
N ILE A 86 -9.44 18.69 15.42
CA ILE A 86 -9.88 20.04 15.06
C ILE A 86 -9.02 21.09 15.74
N ARG A 87 -8.49 20.76 16.90
CA ARG A 87 -7.64 21.68 17.65
C ARG A 87 -6.23 21.73 17.07
N LYS A 1 -15.58 23.87 0.48
CA LYS A 1 -14.81 23.31 1.59
C LYS A 1 -13.38 23.00 1.16
N LEU A 2 -12.48 22.95 2.13
CA LEU A 2 -11.07 22.66 1.85
C LEU A 2 -10.66 21.33 2.48
N PRO A 3 -11.10 20.23 1.86
CA PRO A 3 -10.78 18.88 2.34
C PRO A 3 -9.32 18.51 2.13
N ALA A 4 -8.97 17.26 2.38
CA ALA A 4 -7.61 16.79 2.21
C ALA A 4 -7.58 15.38 1.64
N LYS A 5 -6.75 15.19 0.62
CA LYS A 5 -6.61 13.88 -0.03
C LYS A 5 -5.15 13.58 -0.36
N ARG A 6 -4.61 12.54 0.28
CA ARG A 6 -3.22 12.15 0.04
C ARG A 6 -3.15 11.02 -0.98
N TYR A 7 -1.94 10.51 -1.20
CA TYR A 7 -1.72 9.43 -2.16
C TYR A 7 -1.04 8.24 -1.48
N ARG A 8 -1.46 7.95 -0.26
CA ARG A 8 -0.88 6.84 0.50
C ARG A 8 -1.95 5.81 0.84
N ILE A 9 -1.63 4.54 0.67
CA ILE A 9 -2.57 3.46 0.97
C ILE A 9 -1.92 2.40 1.84
N THR A 10 -2.74 1.53 2.41
CA THR A 10 -2.25 0.45 3.27
C THR A 10 -2.67 -0.91 2.74
N MET A 11 -1.74 -1.87 2.77
CA MET A 11 -2.02 -3.21 2.29
C MET A 11 -2.30 -4.15 3.47
N LYS A 12 -3.08 -5.20 3.20
CA LYS A 12 -3.41 -6.17 4.23
C LYS A 12 -3.55 -7.57 3.64
N ASN A 13 -3.51 -8.58 4.49
CA ASN A 13 -3.63 -9.96 4.06
C ASN A 13 -2.43 -10.37 3.19
N LEU A 14 -1.24 -9.99 3.65
CA LEU A 14 -0.02 -10.32 2.92
C LEU A 14 1.01 -10.97 3.85
N PRO A 15 0.69 -12.19 4.31
CA PRO A 15 1.58 -12.95 5.21
C PRO A 15 2.84 -13.43 4.50
N GLU A 16 3.67 -12.49 4.08
CA GLU A 16 4.91 -12.82 3.39
C GLU A 16 6.06 -11.93 3.87
N GLY A 17 7.29 -12.35 3.57
CA GLY A 17 8.45 -11.57 3.98
C GLY A 17 8.67 -10.37 3.10
N CYS A 18 7.71 -10.09 2.22
CA CYS A 18 7.82 -8.95 1.32
C CYS A 18 8.20 -7.69 2.08
N SER A 19 9.44 -7.22 1.87
CA SER A 19 9.93 -6.03 2.53
C SER A 19 9.78 -4.81 1.63
N TRP A 20 10.15 -3.64 2.17
CA TRP A 20 10.06 -2.40 1.41
C TRP A 20 10.64 -2.57 0.01
N GLN A 21 11.77 -3.26 -0.08
CA GLN A 21 12.42 -3.49 -1.37
C GLN A 21 11.55 -4.35 -2.28
N ASP A 22 10.93 -5.38 -1.69
CA ASP A 22 10.07 -6.28 -2.45
C ASP A 22 8.87 -5.53 -3.01
N LEU A 23 8.05 -4.99 -2.13
CA LEU A 23 6.86 -4.25 -2.54
C LEU A 23 7.22 -3.12 -3.51
N LYS A 24 8.37 -2.51 -3.28
CA LYS A 24 8.83 -1.42 -4.14
C LYS A 24 9.23 -1.95 -5.52
N ASP A 25 9.83 -3.14 -5.54
CA ASP A 25 10.25 -3.75 -6.79
C ASP A 25 9.05 -4.08 -7.66
N LEU A 26 8.10 -4.80 -7.09
CA LEU A 26 6.88 -5.19 -7.82
C LEU A 26 6.05 -3.96 -8.19
N ALA A 27 6.05 -2.97 -7.31
CA ALA A 27 5.30 -1.74 -7.53
C ALA A 27 5.83 -1.00 -8.76
N ARG A 28 7.13 -0.80 -8.81
CA ARG A 28 7.76 -0.10 -9.92
C ARG A 28 7.69 -0.94 -11.19
N GLU A 29 7.71 -2.26 -11.04
CA GLU A 29 7.66 -3.16 -12.17
C GLU A 29 6.23 -3.28 -12.70
N ASN A 30 5.26 -3.00 -11.83
CA ASN A 30 3.85 -3.08 -12.21
C ASN A 30 3.34 -1.73 -12.70
N SER A 31 4.27 -0.88 -13.15
CA SER A 31 3.92 0.45 -13.64
C SER A 31 3.33 1.30 -12.52
N LEU A 32 3.93 1.21 -11.34
CA LEU A 32 3.46 1.98 -10.19
C LEU A 32 4.64 2.48 -9.36
N GLU A 33 5.03 3.73 -9.58
CA GLU A 33 6.14 4.33 -8.85
C GLU A 33 5.67 4.91 -7.51
N THR A 34 6.40 4.60 -6.45
CA THR A 34 6.06 5.08 -5.12
C THR A 34 7.15 6.00 -4.58
N THR A 35 6.78 6.82 -3.60
CA THR A 35 7.72 7.75 -2.99
C THR A 35 8.06 7.34 -1.56
N PHE A 36 7.24 6.45 -1.00
CA PHE A 36 7.45 5.97 0.36
C PHE A 36 6.83 4.60 0.56
N SER A 37 7.47 3.77 1.37
CA SER A 37 6.98 2.42 1.64
C SER A 37 7.38 1.97 3.04
N SER A 38 6.64 1.01 3.58
CA SER A 38 6.92 0.49 4.91
C SER A 38 6.16 -0.82 5.16
N VAL A 39 6.76 -1.70 5.95
CA VAL A 39 6.15 -2.99 6.27
C VAL A 39 6.24 -3.29 7.76
N ASN A 40 5.51 -4.31 8.20
CA ASN A 40 5.51 -4.70 9.61
C ASN A 40 5.89 -6.17 9.75
N THR A 41 7.16 -6.43 10.07
CA THR A 41 7.65 -7.79 10.24
C THR A 41 7.71 -8.17 11.70
N ARG A 42 7.73 -7.16 12.57
CA ARG A 42 7.80 -7.39 14.02
C ARG A 42 6.72 -8.37 14.46
N ASP A 43 5.46 -8.01 14.20
CA ASP A 43 4.34 -8.87 14.57
C ASP A 43 3.97 -9.82 13.44
N PHE A 44 4.72 -9.73 12.34
CA PHE A 44 4.48 -10.58 11.18
C PHE A 44 2.98 -10.79 10.96
N ASP A 45 2.20 -9.72 11.11
CA ASP A 45 0.76 -9.78 10.93
C ASP A 45 0.40 -9.88 9.45
N GLY A 46 1.28 -9.36 8.59
CA GLY A 46 1.04 -9.38 7.17
C GLY A 46 0.31 -8.15 6.68
N THR A 47 0.84 -6.98 7.02
CA THR A 47 0.23 -5.72 6.61
C THR A 47 1.29 -4.65 6.39
N GLY A 48 1.26 -4.02 5.22
CA GLY A 48 2.23 -2.98 4.91
C GLY A 48 1.57 -1.69 4.47
N ALA A 49 2.37 -0.73 4.04
CA ALA A 49 1.86 0.56 3.59
C ALA A 49 2.82 1.23 2.63
N LEU A 50 2.29 2.01 1.70
CA LEU A 50 3.10 2.71 0.72
C LEU A 50 2.40 3.99 0.24
N GLU A 51 3.14 4.81 -0.51
CA GLU A 51 2.59 6.06 -1.02
C GLU A 51 3.18 6.39 -2.40
N PHE A 52 2.39 7.06 -3.23
CA PHE A 52 2.82 7.42 -4.57
C PHE A 52 2.92 8.94 -4.71
N PRO A 53 3.78 9.40 -5.64
CA PRO A 53 3.98 10.83 -5.90
C PRO A 53 2.77 11.48 -6.56
N SER A 54 2.01 10.67 -7.31
CA SER A 54 0.82 11.16 -8.00
C SER A 54 -0.40 10.35 -7.61
N GLU A 55 -1.57 11.01 -7.62
CA GLU A 55 -2.82 10.35 -7.27
C GLU A 55 -3.18 9.28 -8.29
N GLU A 56 -2.88 9.57 -9.56
CA GLU A 56 -3.19 8.64 -10.64
C GLU A 56 -2.62 7.25 -10.33
N ILE A 57 -1.37 7.21 -9.85
CA ILE A 57 -0.73 5.95 -9.52
C ILE A 57 -1.36 5.32 -8.28
N LEU A 58 -1.84 6.16 -7.37
CA LEU A 58 -2.47 5.67 -6.15
C LEU A 58 -3.77 4.92 -6.47
N VAL A 59 -4.64 5.55 -7.24
CA VAL A 59 -5.91 4.94 -7.63
C VAL A 59 -5.68 3.70 -8.49
N GLU A 60 -4.79 3.82 -9.46
CA GLU A 60 -4.49 2.71 -10.36
C GLU A 60 -3.88 1.54 -9.58
N ALA A 61 -2.82 1.83 -8.82
CA ALA A 61 -2.15 0.81 -8.03
C ALA A 61 -3.09 0.22 -6.98
N LEU A 62 -4.01 1.03 -6.49
CA LEU A 62 -4.96 0.59 -5.47
C LEU A 62 -5.94 -0.42 -6.06
N GLU A 63 -6.42 -0.14 -7.27
CA GLU A 63 -7.36 -1.02 -7.95
C GLU A 63 -6.64 -2.20 -8.59
N ARG A 64 -5.34 -2.04 -8.81
CA ARG A 64 -4.54 -3.09 -9.43
C ARG A 64 -3.93 -4.01 -8.36
N LEU A 65 -3.83 -3.49 -7.14
CA LEU A 65 -3.27 -4.26 -6.03
C LEU A 65 -4.38 -4.91 -5.21
N ASN A 66 -5.47 -4.16 -5.01
CA ASN A 66 -6.60 -4.67 -4.24
C ASN A 66 -7.09 -6.01 -4.79
N ASN A 67 -7.29 -6.97 -3.90
CA ASN A 67 -7.75 -8.30 -4.30
C ASN A 67 -6.82 -8.91 -5.35
N ILE A 68 -5.74 -9.53 -4.88
CA ILE A 68 -4.77 -10.15 -5.77
C ILE A 68 -4.19 -11.41 -5.15
N GLU A 69 -4.03 -12.46 -5.96
CA GLU A 69 -3.48 -13.72 -5.48
C GLU A 69 -1.96 -13.71 -5.54
N PHE A 70 -1.33 -14.20 -4.48
CA PHE A 70 0.13 -14.24 -4.40
C PHE A 70 0.59 -15.13 -3.26
N ARG A 71 1.46 -16.09 -3.57
CA ARG A 71 1.98 -17.01 -2.57
C ARG A 71 0.84 -17.76 -1.89
N GLY A 72 -0.22 -18.04 -2.64
CA GLY A 72 -1.36 -18.75 -2.09
C GLY A 72 -2.18 -17.89 -1.15
N SER A 73 -1.91 -16.59 -1.15
CA SER A 73 -2.64 -15.66 -0.28
C SER A 73 -3.22 -14.51 -1.09
N VAL A 74 -4.39 -14.02 -0.66
CA VAL A 74 -5.05 -12.92 -1.34
C VAL A 74 -4.77 -11.59 -0.65
N ILE A 75 -3.92 -10.79 -1.26
CA ILE A 75 -3.56 -9.48 -0.70
C ILE A 75 -4.52 -8.41 -1.17
N THR A 76 -4.69 -7.37 -0.36
CA THR A 76 -5.59 -6.28 -0.68
C THR A 76 -5.01 -4.93 -0.24
N VAL A 77 -5.53 -3.86 -0.80
CA VAL A 77 -5.07 -2.51 -0.47
C VAL A 77 -6.24 -1.57 -0.21
N GLU A 78 -6.02 -0.57 0.64
CA GLU A 78 -7.05 0.40 0.97
C GLU A 78 -6.44 1.69 1.51
N ARG A 79 -6.96 2.81 1.04
CA ARG A 79 -6.46 4.12 1.46
C ARG A 79 -6.85 4.40 2.92
N ASP A 80 -5.87 4.86 3.70
CA ASP A 80 -6.11 5.16 5.11
C ASP A 80 -5.47 6.50 5.49
N ASP A 81 -6.31 7.51 5.68
CA ASP A 81 -5.83 8.84 6.05
C ASP A 81 -6.18 9.16 7.50
N ASN A 82 -5.20 9.65 8.25
CA ASN A 82 -5.40 9.99 9.64
C ASN A 82 -4.88 11.40 9.94
N PRO A 83 -5.58 12.41 9.42
CA PRO A 83 -5.21 13.82 9.63
C PRO A 83 -5.42 14.28 11.06
N PRO A 84 -4.86 15.45 11.39
CA PRO A 84 -4.97 16.03 12.73
C PRO A 84 -6.38 16.49 13.06
N PRO A 85 -6.63 16.79 14.35
CA PRO A 85 -7.94 17.26 14.82
C PRO A 85 -8.28 18.66 14.32
N ILE A 86 -9.40 19.18 14.77
CA ILE A 86 -9.84 20.51 14.37
C ILE A 86 -9.63 21.52 15.50
N ARG A 87 -9.62 21.02 16.73
CA ARG A 87 -9.43 21.87 17.90
C ARG A 87 -8.08 22.60 17.83
N LYS A 1 -14.08 22.44 9.49
CA LYS A 1 -13.52 21.17 9.06
C LYS A 1 -12.92 21.30 7.66
N LEU A 2 -11.75 20.70 7.47
CA LEU A 2 -11.08 20.73 6.17
C LEU A 2 -11.11 19.37 5.50
N PRO A 3 -11.01 19.37 4.16
CA PRO A 3 -11.03 18.14 3.37
C PRO A 3 -9.77 17.32 3.55
N ALA A 4 -9.69 16.19 2.84
CA ALA A 4 -8.53 15.31 2.93
C ALA A 4 -8.04 14.91 1.54
N LYS A 5 -6.74 15.11 1.30
CA LYS A 5 -6.15 14.76 0.00
C LYS A 5 -4.76 14.17 0.20
N ARG A 6 -4.59 12.92 -0.25
CA ARG A 6 -3.31 12.23 -0.14
C ARG A 6 -3.24 11.07 -1.14
N TYR A 7 -2.03 10.53 -1.29
CA TYR A 7 -1.82 9.42 -2.21
C TYR A 7 -1.11 8.26 -1.51
N ARG A 8 -1.60 7.90 -0.34
CA ARG A 8 -1.02 6.81 0.44
C ARG A 8 -2.06 5.72 0.71
N ILE A 9 -1.64 4.47 0.56
CA ILE A 9 -2.53 3.34 0.78
C ILE A 9 -1.88 2.31 1.71
N THR A 10 -2.71 1.46 2.31
CA THR A 10 -2.22 0.42 3.21
C THR A 10 -2.58 -0.96 2.70
N MET A 11 -1.61 -1.86 2.72
CA MET A 11 -1.82 -3.23 2.26
C MET A 11 -2.06 -4.17 3.44
N LYS A 12 -2.92 -5.16 3.23
CA LYS A 12 -3.23 -6.13 4.28
C LYS A 12 -3.34 -7.54 3.70
N ASN A 13 -3.25 -8.53 4.57
CA ASN A 13 -3.33 -9.93 4.15
C ASN A 13 -2.14 -10.30 3.26
N LEU A 14 -0.94 -9.95 3.70
CA LEU A 14 0.27 -10.24 2.94
C LEU A 14 1.28 -10.98 3.81
N PRO A 15 0.93 -12.20 4.23
CA PRO A 15 1.80 -13.03 5.07
C PRO A 15 3.02 -13.54 4.31
N GLU A 16 3.86 -12.61 3.85
CA GLU A 16 5.06 -12.96 3.11
C GLU A 16 6.24 -12.09 3.53
N GLY A 17 7.44 -12.52 3.18
CA GLY A 17 8.62 -11.77 3.52
C GLY A 17 8.77 -10.50 2.70
N CYS A 18 7.79 -10.24 1.84
CA CYS A 18 7.82 -9.06 0.99
C CYS A 18 8.15 -7.81 1.80
N SER A 19 9.37 -7.32 1.66
CA SER A 19 9.81 -6.14 2.38
C SER A 19 9.69 -4.89 1.51
N TRP A 20 10.03 -3.75 2.08
CA TRP A 20 9.97 -2.48 1.35
C TRP A 20 10.58 -2.62 -0.03
N GLN A 21 11.72 -3.27 -0.10
CA GLN A 21 12.42 -3.47 -1.37
C GLN A 21 11.58 -4.33 -2.32
N ASP A 22 10.97 -5.38 -1.79
CA ASP A 22 10.14 -6.27 -2.59
C ASP A 22 8.93 -5.53 -3.13
N LEU A 23 8.07 -5.06 -2.24
CA LEU A 23 6.87 -4.33 -2.64
C LEU A 23 7.21 -3.19 -3.59
N LYS A 24 8.35 -2.56 -3.35
CA LYS A 24 8.80 -1.45 -4.19
C LYS A 24 9.20 -1.95 -5.58
N ASP A 25 9.82 -3.12 -5.63
CA ASP A 25 10.25 -3.71 -6.89
C ASP A 25 9.05 -4.06 -7.76
N LEU A 26 8.11 -4.81 -7.20
CA LEU A 26 6.92 -5.21 -7.93
C LEU A 26 6.04 -4.00 -8.27
N ALA A 27 6.01 -3.03 -7.36
CA ALA A 27 5.23 -1.83 -7.57
C ALA A 27 5.73 -1.04 -8.78
N ARG A 28 7.03 -0.81 -8.83
CA ARG A 28 7.64 -0.07 -9.94
C ARG A 28 7.59 -0.89 -11.22
N GLU A 29 7.65 -2.21 -11.08
CA GLU A 29 7.62 -3.10 -12.24
C GLU A 29 6.21 -3.26 -12.76
N ASN A 30 5.22 -3.00 -11.89
CA ASN A 30 3.82 -3.12 -12.27
C ASN A 30 3.28 -1.78 -12.76
N SER A 31 4.18 -0.90 -13.18
CA SER A 31 3.79 0.43 -13.66
C SER A 31 3.21 1.27 -12.54
N LEU A 32 3.81 1.17 -11.35
CA LEU A 32 3.35 1.92 -10.19
C LEU A 32 4.54 2.43 -9.38
N GLU A 33 4.88 3.71 -9.57
CA GLU A 33 5.98 4.32 -8.86
C GLU A 33 5.52 4.91 -7.52
N THR A 34 6.31 4.69 -6.48
CA THR A 34 5.98 5.19 -5.15
C THR A 34 7.09 6.08 -4.61
N THR A 35 6.75 6.90 -3.62
CA THR A 35 7.71 7.80 -3.01
C THR A 35 8.09 7.36 -1.61
N PHE A 36 7.25 6.50 -1.02
CA PHE A 36 7.49 6.00 0.32
C PHE A 36 6.84 4.63 0.51
N SER A 37 7.51 3.77 1.27
CA SER A 37 7.00 2.42 1.53
C SER A 37 7.42 1.94 2.92
N SER A 38 6.68 0.97 3.44
CA SER A 38 6.98 0.41 4.75
C SER A 38 6.24 -0.91 4.97
N VAL A 39 6.79 -1.75 5.83
CA VAL A 39 6.19 -3.05 6.12
C VAL A 39 6.29 -3.38 7.61
N ASN A 40 5.47 -4.33 8.05
CA ASN A 40 5.47 -4.73 9.46
C ASN A 40 5.89 -6.20 9.60
N THR A 41 7.17 -6.41 9.92
CA THR A 41 7.69 -7.76 10.08
C THR A 41 7.69 -8.18 11.56
N ARG A 42 7.73 -7.19 12.44
CA ARG A 42 7.73 -7.45 13.87
C ARG A 42 6.56 -8.35 14.26
N ASP A 43 5.35 -7.90 13.96
CA ASP A 43 4.15 -8.67 14.27
C ASP A 43 3.77 -9.59 13.12
N PHE A 44 2.74 -10.39 13.32
CA PHE A 44 2.28 -11.34 12.30
C PHE A 44 0.97 -10.87 11.68
N ASP A 45 0.76 -9.56 11.69
CA ASP A 45 -0.45 -8.98 11.11
C ASP A 45 -0.43 -9.04 9.59
N GLY A 46 0.78 -9.12 9.03
CA GLY A 46 0.93 -9.17 7.59
C GLY A 46 0.25 -8.01 6.89
N THR A 47 0.76 -6.80 7.12
CA THR A 47 0.20 -5.61 6.50
C THR A 47 1.29 -4.56 6.24
N GLY A 48 1.21 -3.91 5.08
CA GLY A 48 2.18 -2.90 4.73
C GLY A 48 1.54 -1.56 4.44
N ALA A 49 2.36 -0.60 4.01
CA ALA A 49 1.86 0.74 3.70
C ALA A 49 2.84 1.48 2.79
N LEU A 50 2.30 2.08 1.73
CA LEU A 50 3.13 2.82 0.77
C LEU A 50 2.43 4.09 0.32
N GLU A 51 3.13 4.90 -0.46
CA GLU A 51 2.57 6.14 -0.97
C GLU A 51 3.13 6.48 -2.35
N PHE A 52 2.31 7.11 -3.18
CA PHE A 52 2.73 7.49 -4.53
C PHE A 52 2.84 9.00 -4.66
N PRO A 53 3.67 9.46 -5.61
CA PRO A 53 3.89 10.89 -5.85
C PRO A 53 2.68 11.55 -6.49
N SER A 54 1.94 10.79 -7.29
CA SER A 54 0.74 11.30 -7.96
C SER A 54 -0.47 10.46 -7.63
N GLU A 55 -1.65 11.06 -7.72
CA GLU A 55 -2.90 10.35 -7.43
C GLU A 55 -3.19 9.30 -8.48
N GLU A 56 -2.75 9.57 -9.72
CA GLU A 56 -2.97 8.65 -10.82
C GLU A 56 -2.49 7.24 -10.46
N ILE A 57 -1.28 7.15 -9.92
CA ILE A 57 -0.70 5.87 -9.53
C ILE A 57 -1.40 5.32 -8.29
N LEU A 58 -1.89 6.21 -7.44
CA LEU A 58 -2.57 5.82 -6.22
C LEU A 58 -3.85 5.04 -6.54
N VAL A 59 -4.69 5.61 -7.40
CA VAL A 59 -5.93 4.97 -7.79
C VAL A 59 -5.67 3.72 -8.63
N GLU A 60 -4.80 3.86 -9.63
CA GLU A 60 -4.46 2.74 -10.50
C GLU A 60 -3.89 1.58 -9.70
N ALA A 61 -2.88 1.86 -8.90
CA ALA A 61 -2.24 0.83 -8.07
C ALA A 61 -3.22 0.28 -7.04
N LEU A 62 -4.11 1.14 -6.56
CA LEU A 62 -5.10 0.74 -5.56
C LEU A 62 -6.01 -0.35 -6.10
N GLU A 63 -6.50 -0.16 -7.32
CA GLU A 63 -7.37 -1.14 -7.95
C GLU A 63 -6.56 -2.25 -8.62
N ARG A 64 -5.30 -1.97 -8.89
CA ARG A 64 -4.41 -2.94 -9.52
C ARG A 64 -3.75 -3.84 -8.48
N LEU A 65 -3.82 -3.42 -7.22
CA LEU A 65 -3.22 -4.18 -6.13
C LEU A 65 -4.29 -4.85 -5.28
N ASN A 66 -5.39 -4.14 -5.05
CA ASN A 66 -6.49 -4.67 -4.25
C ASN A 66 -6.95 -6.02 -4.79
N ASN A 67 -7.10 -6.99 -3.88
CA ASN A 67 -7.54 -8.33 -4.27
C ASN A 67 -6.58 -8.94 -5.28
N ILE A 68 -5.51 -9.55 -4.79
CA ILE A 68 -4.52 -10.17 -5.64
C ILE A 68 -3.93 -11.42 -5.00
N GLU A 69 -3.73 -12.47 -5.80
CA GLU A 69 -3.17 -13.72 -5.30
C GLU A 69 -1.64 -13.69 -5.34
N PHE A 70 -1.03 -14.18 -4.27
CA PHE A 70 0.43 -14.21 -4.17
C PHE A 70 0.89 -15.15 -3.07
N ARG A 71 1.68 -16.15 -3.44
CA ARG A 71 2.19 -17.12 -2.47
C ARG A 71 1.04 -17.84 -1.77
N GLY A 72 -0.05 -18.04 -2.50
CA GLY A 72 -1.21 -18.71 -1.93
C GLY A 72 -1.99 -17.82 -0.98
N SER A 73 -1.67 -16.53 -0.97
CA SER A 73 -2.35 -15.58 -0.11
C SER A 73 -2.98 -14.45 -0.92
N VAL A 74 -4.13 -13.98 -0.47
CA VAL A 74 -4.85 -12.91 -1.15
C VAL A 74 -4.59 -11.56 -0.48
N ILE A 75 -3.72 -10.76 -1.10
CA ILE A 75 -3.39 -9.44 -0.56
C ILE A 75 -4.36 -8.38 -1.05
N THR A 76 -4.55 -7.33 -0.25
CA THR A 76 -5.45 -6.25 -0.61
C THR A 76 -4.89 -4.91 -0.18
N VAL A 77 -5.39 -3.84 -0.81
CA VAL A 77 -4.93 -2.49 -0.47
C VAL A 77 -6.12 -1.58 -0.17
N GLU A 78 -5.92 -0.66 0.77
CA GLU A 78 -6.97 0.28 1.16
C GLU A 78 -6.37 1.56 1.72
N ARG A 79 -6.90 2.70 1.28
CA ARG A 79 -6.42 4.00 1.73
C ARG A 79 -6.73 4.21 3.21
N ASP A 80 -5.82 4.87 3.91
CA ASP A 80 -5.99 5.12 5.34
C ASP A 80 -5.48 6.52 5.70
N ASP A 81 -6.35 7.33 6.29
CA ASP A 81 -5.98 8.69 6.68
C ASP A 81 -5.91 8.81 8.20
N ASN A 82 -4.75 9.20 8.70
CA ASN A 82 -4.55 9.37 10.14
C ASN A 82 -3.94 10.73 10.46
N PRO A 83 -4.75 11.79 10.30
CA PRO A 83 -4.32 13.17 10.57
C PRO A 83 -4.11 13.42 12.05
N PRO A 84 -3.47 14.56 12.37
CA PRO A 84 -3.19 14.95 13.76
C PRO A 84 -4.45 15.34 14.52
N PRO A 85 -4.33 15.46 15.84
CA PRO A 85 -5.46 15.83 16.71
C PRO A 85 -5.90 17.26 16.52
N ILE A 86 -6.88 17.70 17.32
CA ILE A 86 -7.39 19.06 17.23
C ILE A 86 -6.57 20.01 18.10
N ARG A 87 -5.95 19.46 19.15
CA ARG A 87 -5.15 20.26 20.06
C ARG A 87 -3.97 20.90 19.32
N LYS A 1 -16.95 6.23 2.15
CA LYS A 1 -17.48 6.87 3.34
C LYS A 1 -16.35 7.45 4.20
N LEU A 2 -15.17 7.60 3.59
CA LEU A 2 -14.01 8.13 4.30
C LEU A 2 -12.93 8.54 3.31
N PRO A 3 -13.12 9.69 2.66
CA PRO A 3 -12.16 10.23 1.68
C PRO A 3 -10.87 10.70 2.34
N ALA A 4 -9.92 11.14 1.52
CA ALA A 4 -8.65 11.63 2.02
C ALA A 4 -7.91 12.43 0.95
N LYS A 5 -7.17 13.44 1.39
CA LYS A 5 -6.41 14.30 0.47
C LYS A 5 -4.94 13.88 0.44
N ARG A 6 -4.70 12.62 0.09
CA ARG A 6 -3.34 12.11 0.01
C ARG A 6 -3.22 11.02 -1.04
N TYR A 7 -2.05 10.41 -1.13
CA TYR A 7 -1.81 9.34 -2.11
C TYR A 7 -1.10 8.16 -1.46
N ARG A 8 -1.60 7.74 -0.30
CA ARG A 8 -1.01 6.62 0.43
C ARG A 8 -2.05 5.54 0.68
N ILE A 9 -1.63 4.29 0.50
CA ILE A 9 -2.53 3.15 0.70
C ILE A 9 -1.89 2.11 1.62
N THR A 10 -2.74 1.31 2.27
CA THR A 10 -2.27 0.28 3.18
C THR A 10 -2.64 -1.11 2.66
N MET A 11 -1.69 -2.03 2.73
CA MET A 11 -1.92 -3.40 2.28
C MET A 11 -2.24 -4.32 3.45
N LYS A 12 -3.12 -5.29 3.23
CA LYS A 12 -3.51 -6.23 4.27
C LYS A 12 -3.60 -7.65 3.72
N ASN A 13 -3.43 -8.63 4.59
CA ASN A 13 -3.49 -10.03 4.18
C ASN A 13 -2.31 -10.40 3.30
N LEU A 14 -1.11 -10.07 3.75
CA LEU A 14 0.11 -10.35 3.00
C LEU A 14 1.17 -10.97 3.90
N PRO A 15 0.90 -12.18 4.40
CA PRO A 15 1.83 -12.90 5.28
C PRO A 15 3.08 -13.38 4.55
N GLU A 16 3.89 -12.43 4.09
CA GLU A 16 5.12 -12.75 3.38
C GLU A 16 6.27 -11.85 3.81
N GLY A 17 7.49 -12.26 3.49
CA GLY A 17 8.66 -11.48 3.87
C GLY A 17 8.83 -10.26 3.00
N CYS A 18 7.86 -10.01 2.12
CA CYS A 18 7.90 -8.86 1.22
C CYS A 18 8.23 -7.58 1.99
N SER A 19 9.46 -7.11 1.86
CA SER A 19 9.90 -5.89 2.55
C SER A 19 9.76 -4.67 1.63
N TRP A 20 10.12 -3.51 2.17
CA TRP A 20 10.04 -2.27 1.41
C TRP A 20 10.63 -2.44 0.01
N GLN A 21 11.78 -3.12 -0.06
CA GLN A 21 12.44 -3.36 -1.34
C GLN A 21 11.58 -4.23 -2.24
N ASP A 22 10.99 -5.27 -1.67
CA ASP A 22 10.14 -6.19 -2.43
C ASP A 22 8.94 -5.46 -3.01
N LEU A 23 8.11 -4.91 -2.12
CA LEU A 23 6.91 -4.19 -2.55
C LEU A 23 7.26 -3.07 -3.52
N LYS A 24 8.42 -2.44 -3.30
CA LYS A 24 8.87 -1.36 -4.16
C LYS A 24 9.28 -1.89 -5.54
N ASP A 25 9.88 -3.08 -5.55
CA ASP A 25 10.31 -3.70 -6.80
C ASP A 25 9.11 -4.06 -7.67
N LEU A 26 8.16 -4.79 -7.09
CA LEU A 26 6.96 -5.20 -7.80
C LEU A 26 6.11 -4.00 -8.18
N ALA A 27 6.08 -3.00 -7.30
CA ALA A 27 5.31 -1.79 -7.54
C ALA A 27 5.82 -1.04 -8.77
N ARG A 28 7.12 -0.81 -8.81
CA ARG A 28 7.74 -0.11 -9.93
C ARG A 28 7.70 -0.96 -11.20
N GLU A 29 7.75 -2.27 -11.03
CA GLU A 29 7.72 -3.19 -12.16
C GLU A 29 6.29 -3.34 -12.69
N ASN A 30 5.32 -3.07 -11.83
CA ASN A 30 3.91 -3.19 -12.21
C ASN A 30 3.38 -1.85 -12.72
N SER A 31 4.29 -0.99 -13.16
CA SER A 31 3.90 0.33 -13.67
C SER A 31 3.30 1.18 -12.55
N LEU A 32 3.90 1.11 -11.37
CA LEU A 32 3.42 1.88 -10.22
C LEU A 32 4.59 2.40 -9.40
N GLU A 33 4.95 3.67 -9.60
CA GLU A 33 6.04 4.29 -8.88
C GLU A 33 5.58 4.78 -7.51
N THR A 34 6.49 4.73 -6.53
CA THR A 34 6.16 5.17 -5.17
C THR A 34 7.30 6.02 -4.60
N THR A 35 6.95 6.89 -3.65
CA THR A 35 7.93 7.76 -3.02
C THR A 35 8.19 7.33 -1.58
N PHE A 36 7.28 6.54 -1.03
CA PHE A 36 7.42 6.06 0.35
C PHE A 36 6.84 4.65 0.49
N SER A 37 7.47 3.85 1.34
CA SER A 37 7.02 2.48 1.56
C SER A 37 7.39 2.01 2.97
N SER A 38 6.64 1.05 3.48
CA SER A 38 6.89 0.52 4.82
C SER A 38 6.12 -0.79 5.03
N VAL A 39 6.65 -1.63 5.90
CA VAL A 39 6.03 -2.92 6.20
C VAL A 39 6.09 -3.23 7.69
N ASN A 40 5.47 -4.34 8.09
CA ASN A 40 5.45 -4.75 9.49
C ASN A 40 5.91 -6.19 9.64
N THR A 41 7.18 -6.36 9.99
CA THR A 41 7.75 -7.70 10.16
C THR A 41 8.12 -7.95 11.63
N ARG A 42 7.47 -7.22 12.52
CA ARG A 42 7.73 -7.36 13.95
C ARG A 42 6.62 -8.14 14.64
N ASP A 43 5.41 -8.08 14.06
CA ASP A 43 4.27 -8.79 14.61
C ASP A 43 3.78 -9.88 13.65
N PHE A 44 4.39 -9.92 12.47
CA PHE A 44 4.01 -10.91 11.46
C PHE A 44 2.53 -10.84 11.14
N ASP A 45 1.94 -9.67 11.37
CA ASP A 45 0.51 -9.47 11.12
C ASP A 45 0.22 -9.57 9.62
N GLY A 46 1.24 -9.36 8.80
CA GLY A 46 1.07 -9.42 7.36
C GLY A 46 0.33 -8.21 6.81
N THR A 47 0.88 -7.03 7.06
CA THR A 47 0.27 -5.80 6.57
C THR A 47 1.33 -4.73 6.32
N GLY A 48 1.23 -4.08 5.16
CA GLY A 48 2.19 -3.04 4.81
C GLY A 48 1.51 -1.73 4.48
N ALA A 49 2.31 -0.73 4.10
CA ALA A 49 1.79 0.58 3.75
C ALA A 49 2.77 1.35 2.87
N LEU A 50 2.29 1.82 1.73
CA LEU A 50 3.12 2.58 0.80
C LEU A 50 2.41 3.84 0.32
N GLU A 51 3.15 4.71 -0.36
CA GLU A 51 2.58 5.95 -0.87
C GLU A 51 3.16 6.29 -2.24
N PHE A 52 2.34 6.88 -3.10
CA PHE A 52 2.77 7.26 -4.44
C PHE A 52 2.90 8.77 -4.57
N PRO A 53 3.88 9.21 -5.36
CA PRO A 53 4.14 10.64 -5.60
C PRO A 53 3.03 11.31 -6.41
N SER A 54 2.19 10.49 -7.04
CA SER A 54 1.10 11.00 -7.85
C SER A 54 -0.20 10.25 -7.56
N GLU A 55 -1.32 10.95 -7.69
CA GLU A 55 -2.62 10.34 -7.44
C GLU A 55 -2.95 9.29 -8.49
N GLU A 56 -2.50 9.52 -9.72
CA GLU A 56 -2.75 8.60 -10.82
C GLU A 56 -2.32 7.19 -10.45
N ILE A 57 -1.12 7.07 -9.89
CA ILE A 57 -0.60 5.76 -9.47
C ILE A 57 -1.35 5.22 -8.27
N LEU A 58 -1.81 6.12 -7.41
CA LEU A 58 -2.55 5.73 -6.21
C LEU A 58 -3.85 5.01 -6.59
N VAL A 59 -4.63 5.63 -7.45
CA VAL A 59 -5.90 5.05 -7.90
C VAL A 59 -5.66 3.80 -8.74
N GLU A 60 -4.75 3.90 -9.70
CA GLU A 60 -4.42 2.78 -10.57
C GLU A 60 -3.94 1.58 -9.76
N ALA A 61 -2.94 1.81 -8.92
CA ALA A 61 -2.39 0.75 -8.09
C ALA A 61 -3.41 0.24 -7.09
N LEU A 62 -4.29 1.13 -6.64
CA LEU A 62 -5.33 0.77 -5.68
C LEU A 62 -6.27 -0.28 -6.27
N GLU A 63 -6.71 -0.05 -7.50
CA GLU A 63 -7.61 -0.97 -8.17
C GLU A 63 -6.83 -2.11 -8.82
N ARG A 64 -5.54 -1.90 -9.05
CA ARG A 64 -4.69 -2.90 -9.65
C ARG A 64 -4.14 -3.87 -8.61
N LEU A 65 -4.20 -3.46 -7.35
CA LEU A 65 -3.71 -4.29 -6.26
C LEU A 65 -4.86 -4.80 -5.40
N ASN A 66 -5.95 -4.05 -5.38
CA ASN A 66 -7.14 -4.42 -4.61
C ASN A 66 -7.55 -5.86 -4.92
N ASN A 67 -7.45 -6.73 -3.92
CA ASN A 67 -7.82 -8.13 -4.09
C ASN A 67 -6.95 -8.80 -5.16
N ILE A 68 -5.80 -9.31 -4.74
CA ILE A 68 -4.89 -9.97 -5.66
C ILE A 68 -4.25 -11.20 -5.01
N GLU A 69 -4.12 -12.27 -5.77
CA GLU A 69 -3.53 -13.51 -5.27
C GLU A 69 -2.01 -13.47 -5.42
N PHE A 70 -1.32 -13.96 -4.40
CA PHE A 70 0.15 -13.99 -4.41
C PHE A 70 0.68 -14.91 -3.32
N ARG A 71 1.48 -15.89 -3.71
CA ARG A 71 2.05 -16.84 -2.77
C ARG A 71 0.96 -17.59 -2.00
N GLY A 72 -0.16 -17.83 -2.67
CA GLY A 72 -1.26 -18.52 -2.04
C GLY A 72 -2.01 -17.65 -1.06
N SER A 73 -1.77 -16.34 -1.12
CA SER A 73 -2.42 -15.40 -0.22
C SER A 73 -3.04 -14.25 -1.00
N VAL A 74 -4.27 -13.89 -0.63
CA VAL A 74 -4.98 -12.80 -1.29
C VAL A 74 -4.74 -11.48 -0.57
N ILE A 75 -3.86 -10.66 -1.14
CA ILE A 75 -3.55 -9.36 -0.57
C ILE A 75 -4.51 -8.28 -1.06
N THR A 76 -4.81 -7.33 -0.19
CA THR A 76 -5.73 -6.24 -0.54
C THR A 76 -5.16 -4.89 -0.10
N VAL A 77 -5.51 -3.85 -0.86
CA VAL A 77 -5.03 -2.50 -0.56
C VAL A 77 -6.19 -1.57 -0.23
N GLU A 78 -6.01 -0.73 0.79
CA GLU A 78 -7.05 0.21 1.19
C GLU A 78 -6.43 1.48 1.77
N ARG A 79 -6.91 2.63 1.30
CA ARG A 79 -6.40 3.92 1.78
C ARG A 79 -6.70 4.11 3.26
N ASP A 80 -5.74 4.67 3.98
CA ASP A 80 -5.91 4.91 5.41
C ASP A 80 -5.64 6.38 5.74
N ASP A 81 -6.70 7.11 6.08
CA ASP A 81 -6.57 8.52 6.41
C ASP A 81 -6.11 8.69 7.86
N ASN A 82 -5.02 9.43 8.05
CA ASN A 82 -4.48 9.67 9.38
C ASN A 82 -4.23 11.15 9.60
N PRO A 83 -5.31 11.92 9.75
CA PRO A 83 -5.24 13.37 9.98
C PRO A 83 -4.70 13.71 11.36
N PRO A 84 -4.35 14.99 11.56
CA PRO A 84 -3.81 15.48 12.84
C PRO A 84 -4.86 15.48 13.94
N PRO A 85 -4.40 15.66 15.19
CA PRO A 85 -5.28 15.69 16.36
C PRO A 85 -6.15 16.94 16.40
N ILE A 86 -6.93 17.08 17.47
CA ILE A 86 -7.81 18.23 17.63
C ILE A 86 -7.03 19.44 18.15
N ARG A 87 -5.92 19.17 18.83
CA ARG A 87 -5.10 20.24 19.39
C ARG A 87 -3.95 20.59 18.44
N LYS A 1 -14.63 23.90 2.09
CA LYS A 1 -14.56 23.60 0.67
C LYS A 1 -13.14 23.23 0.26
N LEU A 2 -12.29 22.99 1.25
CA LEU A 2 -10.90 22.63 0.99
C LEU A 2 -10.51 21.36 1.74
N PRO A 3 -11.00 20.21 1.23
CA PRO A 3 -10.72 18.90 1.83
C PRO A 3 -9.26 18.48 1.65
N ALA A 4 -8.91 17.34 2.22
CA ALA A 4 -7.54 16.82 2.13
C ALA A 4 -7.54 15.37 1.68
N LYS A 5 -6.76 15.08 0.64
CA LYS A 5 -6.67 13.72 0.11
C LYS A 5 -5.23 13.38 -0.25
N ARG A 6 -4.62 12.46 0.50
CA ARG A 6 -3.25 12.04 0.25
C ARG A 6 -3.20 10.97 -0.83
N TYR A 7 -2.00 10.46 -1.09
CA TYR A 7 -1.81 9.43 -2.11
C TYR A 7 -1.11 8.21 -1.51
N ARG A 8 -1.63 7.70 -0.41
CA ARG A 8 -1.06 6.54 0.25
C ARG A 8 -2.07 5.40 0.34
N ILE A 9 -1.57 4.18 0.49
CA ILE A 9 -2.43 3.00 0.58
C ILE A 9 -1.86 1.98 1.55
N THR A 10 -2.73 1.19 2.15
CA THR A 10 -2.31 0.15 3.10
C THR A 10 -2.70 -1.24 2.61
N MET A 11 -1.78 -2.18 2.71
CA MET A 11 -2.03 -3.55 2.28
C MET A 11 -2.39 -4.44 3.47
N LYS A 12 -3.20 -5.46 3.21
CA LYS A 12 -3.62 -6.37 4.27
C LYS A 12 -3.68 -7.81 3.74
N ASN A 13 -3.49 -8.77 4.63
CA ASN A 13 -3.52 -10.18 4.26
C ASN A 13 -2.33 -10.53 3.37
N LEU A 14 -1.14 -10.13 3.80
CA LEU A 14 0.07 -10.40 3.04
C LEU A 14 1.18 -10.95 3.95
N PRO A 15 0.95 -12.15 4.50
CA PRO A 15 1.90 -12.81 5.39
C PRO A 15 3.16 -13.27 4.66
N GLU A 16 3.95 -12.31 4.20
CA GLU A 16 5.19 -12.62 3.48
C GLU A 16 6.32 -11.69 3.92
N GLY A 17 7.55 -12.09 3.61
CA GLY A 17 8.71 -11.30 3.98
C GLY A 17 8.87 -10.07 3.11
N CYS A 18 7.91 -9.84 2.22
CA CYS A 18 7.94 -8.70 1.31
C CYS A 18 8.26 -7.41 2.07
N SER A 19 9.49 -6.94 1.94
CA SER A 19 9.92 -5.71 2.61
C SER A 19 9.78 -4.51 1.69
N TRP A 20 10.12 -3.33 2.21
CA TRP A 20 10.05 -2.11 1.44
C TRP A 20 10.65 -2.29 0.04
N GLN A 21 11.79 -2.96 -0.01
CA GLN A 21 12.47 -3.21 -1.28
C GLN A 21 11.61 -4.09 -2.18
N ASP A 22 11.01 -5.13 -1.62
CA ASP A 22 10.17 -6.04 -2.38
C ASP A 22 8.97 -5.30 -2.95
N LEU A 23 8.12 -4.79 -2.07
CA LEU A 23 6.92 -4.07 -2.48
C LEU A 23 7.27 -2.95 -3.47
N LYS A 24 8.43 -2.33 -3.26
CA LYS A 24 8.88 -1.25 -4.13
C LYS A 24 9.27 -1.79 -5.50
N ASP A 25 9.87 -2.97 -5.53
CA ASP A 25 10.28 -3.60 -6.78
C ASP A 25 9.07 -3.95 -7.64
N LEU A 26 8.12 -4.67 -7.04
CA LEU A 26 6.91 -5.09 -7.75
C LEU A 26 6.07 -3.87 -8.11
N ALA A 27 6.05 -2.88 -7.23
CA ALA A 27 5.28 -1.66 -7.46
C ALA A 27 5.78 -0.92 -8.69
N ARG A 28 7.09 -0.70 -8.76
CA ARG A 28 7.70 0.00 -9.88
C ARG A 28 7.63 -0.84 -11.15
N GLU A 29 7.67 -2.16 -10.98
CA GLU A 29 7.62 -3.08 -12.12
C GLU A 29 6.19 -3.23 -12.63
N ASN A 30 5.23 -2.95 -11.76
CA ASN A 30 3.82 -3.06 -12.12
C ASN A 30 3.29 -1.72 -12.63
N SER A 31 4.20 -0.85 -13.07
CA SER A 31 3.83 0.46 -13.57
C SER A 31 3.26 1.33 -12.46
N LEU A 32 3.87 1.26 -11.28
CA LEU A 32 3.42 2.04 -10.14
C LEU A 32 4.61 2.58 -9.35
N GLU A 33 4.95 3.85 -9.59
CA GLU A 33 6.07 4.48 -8.91
C GLU A 33 5.63 5.01 -7.54
N THR A 34 6.46 4.77 -6.54
CA THR A 34 6.17 5.22 -5.18
C THR A 34 7.31 6.06 -4.61
N THR A 35 6.99 6.92 -3.65
CA THR A 35 8.00 7.78 -3.04
C THR A 35 8.23 7.39 -1.57
N PHE A 36 7.31 6.60 -1.03
CA PHE A 36 7.42 6.15 0.36
C PHE A 36 6.84 4.76 0.52
N SER A 37 7.47 3.96 1.38
CA SER A 37 7.03 2.59 1.63
C SER A 37 7.37 2.15 3.05
N SER A 38 6.61 1.20 3.57
CA SER A 38 6.83 0.70 4.92
C SER A 38 6.07 -0.60 5.15
N VAL A 39 6.67 -1.51 5.92
CA VAL A 39 6.05 -2.79 6.21
C VAL A 39 6.16 -3.13 7.70
N ASN A 40 5.49 -4.20 8.11
CA ASN A 40 5.50 -4.63 9.51
C ASN A 40 5.94 -6.09 9.61
N THR A 41 7.22 -6.30 9.91
CA THR A 41 7.76 -7.65 10.05
C THR A 41 7.84 -8.06 11.51
N ARG A 42 7.82 -7.07 12.40
CA ARG A 42 7.90 -7.34 13.83
C ARG A 42 6.85 -8.36 14.26
N ASP A 43 5.71 -8.35 13.56
CA ASP A 43 4.62 -9.28 13.87
C ASP A 43 4.22 -10.07 12.62
N PHE A 44 3.33 -11.03 12.80
CA PHE A 44 2.86 -11.86 11.69
C PHE A 44 1.50 -11.37 11.19
N ASP A 45 1.26 -10.07 11.29
CA ASP A 45 0.01 -9.48 10.85
C ASP A 45 -0.06 -9.41 9.33
N GLY A 46 1.11 -9.34 8.69
CA GLY A 46 1.16 -9.27 7.25
C GLY A 46 0.42 -8.06 6.70
N THR A 47 0.89 -6.87 7.05
CA THR A 47 0.26 -5.64 6.58
C THR A 47 1.31 -4.58 6.24
N GLY A 48 1.22 -4.04 5.03
CA GLY A 48 2.17 -3.03 4.61
C GLY A 48 1.50 -1.70 4.32
N ALA A 49 2.30 -0.70 3.97
CA ALA A 49 1.78 0.64 3.67
C ALA A 49 2.78 1.43 2.83
N LEU A 50 2.32 1.93 1.68
CA LEU A 50 3.16 2.71 0.79
C LEU A 50 2.43 3.95 0.30
N GLU A 51 3.16 4.83 -0.38
CA GLU A 51 2.59 6.06 -0.89
C GLU A 51 3.20 6.43 -2.25
N PHE A 52 2.38 7.01 -3.12
CA PHE A 52 2.84 7.41 -4.44
C PHE A 52 2.98 8.92 -4.54
N PRO A 53 3.88 9.37 -5.43
CA PRO A 53 4.14 10.80 -5.64
C PRO A 53 2.98 11.50 -6.33
N SER A 54 2.01 10.71 -6.78
CA SER A 54 0.84 11.26 -7.47
C SER A 54 -0.42 10.47 -7.10
N GLU A 55 -1.56 10.98 -7.54
CA GLU A 55 -2.84 10.33 -7.26
C GLU A 55 -3.17 9.30 -8.33
N GLU A 56 -2.74 9.56 -9.56
CA GLU A 56 -2.99 8.65 -10.67
C GLU A 56 -2.54 7.24 -10.33
N ILE A 57 -1.32 7.13 -9.82
CA ILE A 57 -0.76 5.82 -9.45
C ILE A 57 -1.44 5.28 -8.19
N LEU A 58 -1.91 6.17 -7.33
CA LEU A 58 -2.57 5.79 -6.10
C LEU A 58 -3.86 5.02 -6.39
N VAL A 59 -4.75 5.63 -7.16
CA VAL A 59 -6.01 5.00 -7.53
C VAL A 59 -5.79 3.81 -8.46
N GLU A 60 -4.86 3.96 -9.40
CA GLU A 60 -4.55 2.90 -10.35
C GLU A 60 -3.99 1.68 -9.63
N ALA A 61 -2.94 1.88 -8.85
CA ALA A 61 -2.30 0.80 -8.12
C ALA A 61 -3.26 0.21 -7.09
N LEU A 62 -4.10 1.05 -6.50
CA LEU A 62 -5.06 0.61 -5.50
C LEU A 62 -6.08 -0.35 -6.12
N GLU A 63 -6.54 -0.03 -7.32
CA GLU A 63 -7.51 -0.86 -8.02
C GLU A 63 -6.82 -2.02 -8.72
N ARG A 64 -5.53 -1.88 -8.96
CA ARG A 64 -4.75 -2.92 -9.64
C ARG A 64 -4.12 -3.87 -8.62
N LEU A 65 -4.14 -3.47 -7.35
CA LEU A 65 -3.58 -4.29 -6.29
C LEU A 65 -4.68 -4.92 -5.44
N ASN A 66 -5.78 -4.18 -5.27
CA ASN A 66 -6.91 -4.67 -4.48
C ASN A 66 -7.34 -6.06 -4.95
N ASN A 67 -7.39 -7.00 -4.01
CA ASN A 67 -7.79 -8.37 -4.33
C ASN A 67 -6.83 -9.00 -5.33
N ILE A 68 -5.76 -9.59 -4.82
CA ILE A 68 -4.77 -10.23 -5.67
C ILE A 68 -4.18 -11.48 -5.00
N GLU A 69 -3.98 -12.52 -5.80
CA GLU A 69 -3.43 -13.78 -5.28
C GLU A 69 -1.91 -13.76 -5.32
N PHE A 70 -1.29 -14.22 -4.24
CA PHE A 70 0.16 -14.25 -4.14
C PHE A 70 0.61 -15.15 -2.99
N ARG A 71 1.45 -16.14 -3.31
CA ARG A 71 1.96 -17.06 -2.30
C ARG A 71 0.81 -17.83 -1.65
N GLY A 72 -0.23 -18.11 -2.43
CA GLY A 72 -1.37 -18.83 -1.91
C GLY A 72 -2.22 -17.99 -0.98
N SER A 73 -1.93 -16.70 -0.93
CA SER A 73 -2.67 -15.78 -0.06
C SER A 73 -3.28 -14.64 -0.88
N VAL A 74 -4.45 -14.17 -0.45
CA VAL A 74 -5.14 -13.08 -1.14
C VAL A 74 -4.88 -11.75 -0.45
N ILE A 75 -4.01 -10.94 -1.06
CA ILE A 75 -3.67 -9.63 -0.50
C ILE A 75 -4.64 -8.56 -1.00
N THR A 76 -4.89 -7.56 -0.17
CA THR A 76 -5.79 -6.47 -0.52
C THR A 76 -5.21 -5.12 -0.12
N VAL A 77 -5.57 -4.09 -0.88
CA VAL A 77 -5.08 -2.74 -0.60
C VAL A 77 -6.23 -1.79 -0.30
N GLU A 78 -6.00 -0.86 0.62
CA GLU A 78 -7.02 0.11 0.99
C GLU A 78 -6.39 1.45 1.39
N ARG A 79 -6.88 2.52 0.80
CA ARG A 79 -6.36 3.86 1.08
C ARG A 79 -6.69 4.27 2.52
N ASP A 80 -5.73 4.90 3.18
CA ASP A 80 -5.91 5.34 4.55
C ASP A 80 -5.29 6.73 4.76
N ASP A 81 -5.97 7.56 5.55
CA ASP A 81 -5.50 8.90 5.83
C ASP A 81 -5.26 9.10 7.32
N ASN A 82 -4.03 9.44 7.68
CA ASN A 82 -3.67 9.66 9.08
C ASN A 82 -2.94 10.99 9.26
N PRO A 83 -3.68 12.09 9.12
CA PRO A 83 -3.13 13.44 9.27
C PRO A 83 -2.75 13.76 10.71
N PRO A 84 -2.01 14.86 10.90
CA PRO A 84 -1.55 15.30 12.22
C PRO A 84 -2.70 15.82 13.07
N PRO A 85 -2.43 16.00 14.38
CA PRO A 85 -3.44 16.49 15.33
C PRO A 85 -3.79 17.95 15.10
N ILE A 86 -4.65 18.49 15.95
CA ILE A 86 -5.07 19.89 15.84
C ILE A 86 -3.89 20.84 15.96
N ARG A 87 -2.85 20.39 16.68
CA ARG A 87 -1.66 21.20 16.88
C ARG A 87 -0.84 21.28 15.60
N LYS A 1 -17.90 10.75 4.70
CA LYS A 1 -17.29 9.42 4.77
C LYS A 1 -15.82 9.52 5.14
N LEU A 2 -15.42 10.69 5.66
CA LEU A 2 -14.04 10.91 6.06
C LEU A 2 -13.08 10.64 4.91
N PRO A 3 -13.02 11.58 3.95
CA PRO A 3 -12.15 11.45 2.78
C PRO A 3 -10.67 11.58 3.14
N ALA A 4 -9.81 11.66 2.12
CA ALA A 4 -8.38 11.79 2.34
C ALA A 4 -7.73 12.59 1.21
N LYS A 5 -6.91 13.56 1.58
CA LYS A 5 -6.22 14.40 0.61
C LYS A 5 -4.75 14.00 0.50
N ARG A 6 -4.51 12.75 0.13
CA ARG A 6 -3.14 12.25 -0.01
C ARG A 6 -3.09 11.11 -1.03
N TYR A 7 -1.91 10.51 -1.16
CA TYR A 7 -1.73 9.41 -2.11
C TYR A 7 -1.02 8.23 -1.45
N ARG A 8 -1.51 7.84 -0.27
CA ARG A 8 -0.93 6.73 0.47
C ARG A 8 -1.96 5.64 0.71
N ILE A 9 -1.51 4.39 0.68
CA ILE A 9 -2.40 3.25 0.89
C ILE A 9 -1.76 2.22 1.82
N THR A 10 -2.58 1.36 2.40
CA THR A 10 -2.10 0.32 3.30
C THR A 10 -2.48 -1.07 2.80
N MET A 11 -1.50 -1.98 2.79
CA MET A 11 -1.73 -3.34 2.33
C MET A 11 -1.94 -4.27 3.52
N LYS A 12 -2.83 -5.26 3.33
CA LYS A 12 -3.13 -6.22 4.39
C LYS A 12 -3.35 -7.62 3.80
N ASN A 13 -3.31 -8.62 4.67
CA ASN A 13 -3.51 -10.01 4.23
C ASN A 13 -2.34 -10.47 3.37
N LEU A 14 -1.13 -10.02 3.71
CA LEU A 14 0.06 -10.40 2.96
C LEU A 14 1.11 -11.01 3.88
N PRO A 15 0.81 -12.19 4.43
CA PRO A 15 1.72 -12.90 5.33
C PRO A 15 2.95 -13.44 4.61
N GLU A 16 3.80 -12.53 4.13
CA GLU A 16 5.01 -12.92 3.42
C GLU A 16 6.19 -12.04 3.83
N GLY A 17 7.39 -12.50 3.51
CA GLY A 17 8.59 -11.74 3.86
C GLY A 17 8.75 -10.50 3.01
N CYS A 18 7.78 -10.25 2.13
CA CYS A 18 7.82 -9.09 1.26
C CYS A 18 8.14 -7.82 2.04
N SER A 19 9.38 -7.35 1.93
CA SER A 19 9.81 -6.15 2.64
C SER A 19 9.71 -4.92 1.73
N TRP A 20 10.04 -3.76 2.28
CA TRP A 20 9.99 -2.51 1.54
C TRP A 20 10.62 -2.68 0.15
N GLN A 21 11.77 -3.34 0.11
CA GLN A 21 12.48 -3.58 -1.14
C GLN A 21 11.64 -4.41 -2.10
N ASP A 22 11.01 -5.46 -1.57
CA ASP A 22 10.19 -6.35 -2.37
C ASP A 22 8.99 -5.60 -2.93
N LEU A 23 8.12 -5.12 -2.05
CA LEU A 23 6.93 -4.39 -2.46
C LEU A 23 7.30 -3.25 -3.41
N LYS A 24 8.46 -2.64 -3.18
CA LYS A 24 8.92 -1.54 -4.02
C LYS A 24 9.33 -2.05 -5.40
N ASP A 25 9.93 -3.23 -5.43
CA ASP A 25 10.37 -3.82 -6.69
C ASP A 25 9.17 -4.16 -7.58
N LEU A 26 8.20 -4.88 -7.02
CA LEU A 26 7.01 -5.27 -7.76
C LEU A 26 6.17 -4.04 -8.11
N ALA A 27 6.14 -3.07 -7.21
CA ALA A 27 5.37 -1.86 -7.42
C ALA A 27 5.91 -1.08 -8.63
N ARG A 28 7.22 -0.88 -8.65
CA ARG A 28 7.85 -0.16 -9.75
C ARG A 28 7.83 -0.97 -11.03
N GLU A 29 7.87 -2.29 -10.90
CA GLU A 29 7.85 -3.19 -12.05
C GLU A 29 6.44 -3.31 -12.62
N ASN A 30 5.45 -3.05 -11.77
CA ASN A 30 4.05 -3.13 -12.18
C ASN A 30 3.55 -1.78 -12.70
N SER A 31 4.48 -0.92 -13.07
CA SER A 31 4.14 0.41 -13.58
C SER A 31 3.48 1.24 -12.49
N LEU A 32 3.99 1.11 -11.27
CA LEU A 32 3.45 1.87 -10.13
C LEU A 32 4.58 2.39 -9.26
N GLU A 33 4.94 3.66 -9.46
CA GLU A 33 6.00 4.29 -8.69
C GLU A 33 5.58 4.47 -7.24
N THR A 34 6.48 5.01 -6.42
CA THR A 34 6.21 5.23 -5.01
C THR A 34 7.26 6.14 -4.38
N THR A 35 6.82 7.09 -3.57
CA THR A 35 7.73 8.01 -2.90
C THR A 35 8.05 7.55 -1.48
N PHE A 36 7.25 6.61 -0.98
CA PHE A 36 7.45 6.08 0.37
C PHE A 36 6.93 4.66 0.47
N SER A 37 7.60 3.84 1.28
CA SER A 37 7.19 2.45 1.47
C SER A 37 7.64 1.94 2.84
N SER A 38 6.87 1.00 3.39
CA SER A 38 7.17 0.43 4.69
C SER A 38 6.37 -0.84 4.93
N VAL A 39 6.86 -1.69 5.82
CA VAL A 39 6.20 -2.94 6.15
C VAL A 39 6.27 -3.24 7.65
N ASN A 40 5.63 -4.33 8.06
CA ASN A 40 5.63 -4.73 9.46
C ASN A 40 6.08 -6.18 9.62
N THR A 41 7.35 -6.36 9.94
CA THR A 41 7.91 -7.70 10.12
C THR A 41 8.20 -7.98 11.59
N ARG A 42 7.53 -7.25 12.47
CA ARG A 42 7.72 -7.42 13.91
C ARG A 42 6.67 -8.36 14.49
N ASP A 43 5.47 -8.32 13.92
CA ASP A 43 4.38 -9.17 14.38
C ASP A 43 4.00 -10.19 13.30
N PHE A 44 4.52 -10.01 12.10
CA PHE A 44 4.24 -10.90 10.99
C PHE A 44 2.75 -10.96 10.71
N ASP A 45 2.05 -9.88 11.02
CA ASP A 45 0.61 -9.79 10.81
C ASP A 45 0.29 -9.74 9.31
N GLY A 46 1.32 -9.52 8.50
CA GLY A 46 1.13 -9.45 7.06
C GLY A 46 0.41 -8.18 6.64
N THR A 47 1.01 -7.03 6.95
CA THR A 47 0.42 -5.74 6.59
C THR A 47 1.50 -4.70 6.32
N GLY A 48 1.37 -4.00 5.20
CA GLY A 48 2.33 -2.98 4.85
C GLY A 48 1.68 -1.64 4.53
N ALA A 49 2.50 -0.68 4.14
CA ALA A 49 2.00 0.65 3.79
C ALA A 49 2.97 1.39 2.89
N LEU A 50 2.44 2.01 1.84
CA LEU A 50 3.27 2.76 0.89
C LEU A 50 2.54 4.00 0.41
N GLU A 51 3.24 4.81 -0.40
CA GLU A 51 2.65 6.04 -0.93
C GLU A 51 3.16 6.31 -2.34
N PHE A 52 2.31 6.90 -3.17
CA PHE A 52 2.67 7.22 -4.54
C PHE A 52 2.89 8.71 -4.72
N PRO A 53 3.72 9.08 -5.71
CA PRO A 53 4.04 10.48 -6.01
C PRO A 53 2.84 11.24 -6.59
N SER A 54 2.00 10.52 -7.33
CA SER A 54 0.82 11.13 -7.94
C SER A 54 -0.44 10.34 -7.59
N GLU A 55 -1.58 11.01 -7.63
CA GLU A 55 -2.85 10.36 -7.32
C GLU A 55 -3.20 9.32 -8.38
N GLU A 56 -2.82 9.60 -9.62
CA GLU A 56 -3.10 8.67 -10.72
C GLU A 56 -2.63 7.26 -10.38
N ILE A 57 -1.40 7.15 -9.86
CA ILE A 57 -0.83 5.87 -9.50
C ILE A 57 -1.52 5.30 -8.26
N LEU A 58 -1.97 6.17 -7.37
CA LEU A 58 -2.64 5.76 -6.15
C LEU A 58 -3.94 5.02 -6.47
N VAL A 59 -4.79 5.65 -7.28
CA VAL A 59 -6.05 5.05 -7.67
C VAL A 59 -5.85 3.83 -8.55
N GLU A 60 -4.99 3.97 -9.56
CA GLU A 60 -4.70 2.88 -10.47
C GLU A 60 -4.15 1.67 -9.72
N ALA A 61 -3.07 1.89 -8.97
CA ALA A 61 -2.45 0.82 -8.20
C ALA A 61 -3.43 0.24 -7.18
N LEU A 62 -4.26 1.10 -6.61
CA LEU A 62 -5.24 0.67 -5.62
C LEU A 62 -6.28 -0.25 -6.25
N GLU A 63 -6.65 0.04 -7.50
CA GLU A 63 -7.63 -0.76 -8.21
C GLU A 63 -6.98 -1.97 -8.87
N ARG A 64 -5.66 -1.90 -9.06
CA ARG A 64 -4.92 -2.98 -9.68
C ARG A 64 -4.33 -3.90 -8.63
N LEU A 65 -4.33 -3.45 -7.38
CA LEU A 65 -3.79 -4.24 -6.28
C LEU A 65 -4.90 -4.77 -5.39
N ASN A 66 -5.95 -3.96 -5.22
CA ASN A 66 -7.09 -4.37 -4.39
C ASN A 66 -7.55 -5.78 -4.74
N ASN A 67 -7.43 -6.69 -3.78
CA ASN A 67 -7.83 -8.08 -3.99
C ASN A 67 -6.99 -8.72 -5.08
N ILE A 68 -5.86 -9.31 -4.68
CA ILE A 68 -4.97 -9.98 -5.63
C ILE A 68 -4.35 -11.23 -5.01
N GLU A 69 -4.18 -12.26 -5.82
CA GLU A 69 -3.60 -13.51 -5.36
C GLU A 69 -2.08 -13.48 -5.50
N PHE A 70 -1.39 -13.96 -4.47
CA PHE A 70 0.08 -13.99 -4.48
C PHE A 70 0.60 -14.88 -3.35
N ARG A 71 1.43 -15.86 -3.72
CA ARG A 71 2.01 -16.77 -2.74
C ARG A 71 0.92 -17.56 -2.03
N GLY A 72 -0.17 -17.85 -2.75
CA GLY A 72 -1.26 -18.59 -2.17
C GLY A 72 -2.08 -17.76 -1.21
N SER A 73 -1.77 -16.48 -1.11
CA SER A 73 -2.47 -15.57 -0.22
C SER A 73 -3.11 -14.42 -0.99
N VAL A 74 -4.26 -13.97 -0.54
CA VAL A 74 -4.98 -12.87 -1.19
C VAL A 74 -4.70 -11.55 -0.49
N ILE A 75 -3.87 -10.72 -1.10
CA ILE A 75 -3.53 -9.42 -0.53
C ILE A 75 -4.53 -8.35 -0.95
N THR A 76 -4.69 -7.34 -0.12
CA THR A 76 -5.63 -6.26 -0.40
C THR A 76 -5.04 -4.90 -0.02
N VAL A 77 -5.44 -3.86 -0.73
CA VAL A 77 -4.94 -2.51 -0.46
C VAL A 77 -6.09 -1.57 -0.12
N GLU A 78 -5.89 -0.74 0.90
CA GLU A 78 -6.91 0.22 1.32
C GLU A 78 -6.27 1.55 1.70
N ARG A 79 -6.83 2.63 1.17
CA ARG A 79 -6.32 3.97 1.45
C ARG A 79 -6.63 4.38 2.88
N ASP A 80 -5.60 4.75 3.62
CA ASP A 80 -5.76 5.17 5.01
C ASP A 80 -5.76 6.68 5.13
N ASP A 81 -6.73 7.22 5.86
CA ASP A 81 -6.86 8.65 6.05
C ASP A 81 -6.52 9.05 7.49
N ASN A 82 -6.08 10.28 7.67
CA ASN A 82 -5.72 10.78 8.99
C ASN A 82 -6.39 12.12 9.27
N PRO A 83 -7.72 12.08 9.49
CA PRO A 83 -8.51 13.27 9.76
C PRO A 83 -8.21 13.85 11.15
N PRO A 84 -8.69 15.08 11.39
CA PRO A 84 -8.48 15.78 12.67
C PRO A 84 -9.29 15.14 13.80
N PRO A 85 -8.98 15.54 15.04
CA PRO A 85 -9.66 15.02 16.24
C PRO A 85 -11.10 15.50 16.33
N ILE A 86 -11.76 15.16 17.43
CA ILE A 86 -13.15 15.55 17.65
C ILE A 86 -13.23 16.83 18.47
N ARG A 87 -12.19 17.10 19.25
CA ARG A 87 -12.14 18.28 20.09
C ARG A 87 -11.02 19.22 19.65
N LYS A 1 -15.84 22.99 -0.51
CA LYS A 1 -15.15 22.00 0.32
C LYS A 1 -13.77 21.70 -0.22
N LEU A 2 -12.81 21.47 0.68
CA LEU A 2 -11.45 21.16 0.29
C LEU A 2 -10.76 20.27 1.33
N PRO A 3 -11.19 19.00 1.38
CA PRO A 3 -10.62 18.01 2.33
C PRO A 3 -9.18 17.64 1.99
N ALA A 4 -8.60 16.76 2.79
CA ALA A 4 -7.23 16.32 2.58
C ALA A 4 -7.19 15.00 1.82
N LYS A 5 -6.74 15.05 0.57
CA LYS A 5 -6.65 13.87 -0.27
C LYS A 5 -5.19 13.52 -0.57
N ARG A 6 -4.64 12.59 0.19
CA ARG A 6 -3.26 12.16 0.01
C ARG A 6 -3.17 11.01 -0.99
N TYR A 7 -1.97 10.47 -1.16
CA TYR A 7 -1.75 9.37 -2.09
C TYR A 7 -1.02 8.22 -1.41
N ARG A 8 -1.48 7.87 -0.21
CA ARG A 8 -0.88 6.78 0.55
C ARG A 8 -1.92 5.72 0.91
N ILE A 9 -1.54 4.46 0.75
CA ILE A 9 -2.45 3.35 1.07
C ILE A 9 -1.76 2.30 1.92
N THR A 10 -2.55 1.40 2.50
CA THR A 10 -2.01 0.34 3.35
C THR A 10 -2.45 -1.03 2.85
N MET A 11 -1.49 -1.95 2.75
CA MET A 11 -1.78 -3.30 2.29
C MET A 11 -1.90 -4.26 3.46
N LYS A 12 -2.79 -5.24 3.34
CA LYS A 12 -3.00 -6.22 4.39
C LYS A 12 -3.25 -7.61 3.79
N ASN A 13 -3.20 -8.64 4.65
CA ASN A 13 -3.42 -10.00 4.21
C ASN A 13 -2.29 -10.47 3.28
N LEU A 14 -1.06 -10.08 3.62
CA LEU A 14 0.10 -10.46 2.83
C LEU A 14 1.15 -11.15 3.70
N PRO A 15 0.81 -12.34 4.19
CA PRO A 15 1.72 -13.13 5.04
C PRO A 15 2.91 -13.68 4.27
N GLU A 16 3.73 -12.77 3.76
CA GLU A 16 4.92 -13.17 3.00
C GLU A 16 6.12 -12.30 3.36
N GLY A 17 7.31 -12.76 3.00
CA GLY A 17 8.52 -12.02 3.29
C GLY A 17 8.57 -10.69 2.56
N CYS A 18 7.61 -10.47 1.66
CA CYS A 18 7.56 -9.23 0.89
C CYS A 18 7.74 -8.02 1.79
N SER A 19 8.92 -7.42 1.75
CA SER A 19 9.22 -6.25 2.56
C SER A 19 9.19 -4.97 1.72
N TRP A 20 9.52 -3.86 2.35
CA TRP A 20 9.54 -2.57 1.66
C TRP A 20 10.20 -2.69 0.30
N GLN A 21 11.36 -3.35 0.25
CA GLN A 21 12.09 -3.54 -0.98
C GLN A 21 11.29 -4.39 -1.96
N ASP A 22 10.70 -5.47 -1.46
CA ASP A 22 9.91 -6.37 -2.29
C ASP A 22 8.71 -5.65 -2.88
N LEU A 23 7.81 -5.19 -2.01
CA LEU A 23 6.62 -4.48 -2.45
C LEU A 23 6.98 -3.33 -3.39
N LYS A 24 8.09 -2.66 -3.10
CA LYS A 24 8.55 -1.54 -3.92
C LYS A 24 8.98 -2.02 -5.30
N ASP A 25 9.62 -3.19 -5.35
CA ASP A 25 10.09 -3.76 -6.61
C ASP A 25 8.91 -4.12 -7.50
N LEU A 26 7.98 -4.89 -6.96
CA LEU A 26 6.80 -5.32 -7.71
C LEU A 26 5.94 -4.12 -8.08
N ALA A 27 5.92 -3.12 -7.22
CA ALA A 27 5.13 -1.91 -7.45
C ALA A 27 5.65 -1.16 -8.68
N ARG A 28 6.95 -0.91 -8.71
CA ARG A 28 7.58 -0.19 -9.82
C ARG A 28 7.50 -1.02 -11.10
N GLU A 29 7.54 -2.33 -10.95
CA GLU A 29 7.48 -3.24 -12.10
C GLU A 29 6.07 -3.30 -12.67
N ASN A 30 5.08 -3.13 -11.79
CA ASN A 30 3.68 -3.18 -12.21
C ASN A 30 3.21 -1.81 -12.68
N SER A 31 4.16 -0.96 -13.07
CA SER A 31 3.84 0.38 -13.53
C SER A 31 3.25 1.23 -12.41
N LEU A 32 3.83 1.10 -11.21
CA LEU A 32 3.37 1.85 -10.05
C LEU A 32 4.54 2.39 -9.24
N GLU A 33 4.89 3.65 -9.49
CA GLU A 33 6.00 4.28 -8.79
C GLU A 33 5.55 4.82 -7.43
N THR A 34 6.38 4.60 -6.41
CA THR A 34 6.06 5.05 -5.06
C THR A 34 7.17 5.93 -4.50
N THR A 35 6.83 6.77 -3.52
CA THR A 35 7.80 7.66 -2.91
C THR A 35 8.11 7.23 -1.49
N PHE A 36 7.27 6.36 -0.93
CA PHE A 36 7.46 5.88 0.43
C PHE A 36 6.89 4.47 0.59
N SER A 37 7.55 3.65 1.39
CA SER A 37 7.10 2.27 1.62
C SER A 37 7.70 1.73 2.93
N SER A 38 6.94 0.85 3.58
CA SER A 38 7.39 0.25 4.83
C SER A 38 6.54 -0.97 5.18
N VAL A 39 7.01 -1.74 6.16
CA VAL A 39 6.30 -2.95 6.58
C VAL A 39 6.00 -2.90 8.08
N ASN A 40 5.29 -3.91 8.57
CA ASN A 40 4.94 -3.99 9.97
C ASN A 40 5.60 -5.19 10.64
N THR A 41 6.73 -4.95 11.31
CA THR A 41 7.46 -6.01 11.98
C THR A 41 6.69 -6.52 13.20
N ARG A 42 5.79 -5.69 13.71
CA ARG A 42 4.99 -6.07 14.88
C ARG A 42 4.34 -7.43 14.67
N ASP A 43 3.98 -7.73 13.43
CA ASP A 43 3.35 -9.01 13.10
C ASP A 43 4.27 -9.87 12.25
N PHE A 44 3.70 -10.84 11.55
CA PHE A 44 4.47 -11.73 10.70
C PHE A 44 4.62 -11.15 9.29
N ASP A 45 4.64 -9.83 9.21
CA ASP A 45 4.77 -9.14 7.93
C ASP A 45 3.56 -9.41 7.04
N GLY A 46 2.37 -9.28 7.62
CA GLY A 46 1.15 -9.51 6.87
C GLY A 46 0.43 -8.22 6.52
N THR A 47 1.04 -7.09 6.86
CA THR A 47 0.46 -5.78 6.58
C THR A 47 1.54 -4.74 6.33
N GLY A 48 1.44 -4.05 5.20
CA GLY A 48 2.42 -3.03 4.86
C GLY A 48 1.76 -1.71 4.51
N ALA A 49 2.59 -0.72 4.17
CA ALA A 49 2.09 0.60 3.81
C ALA A 49 3.03 1.30 2.83
N LEU A 50 2.45 1.99 1.85
CA LEU A 50 3.24 2.69 0.85
C LEU A 50 2.52 3.96 0.38
N GLU A 51 3.23 4.81 -0.36
CA GLU A 51 2.66 6.05 -0.86
C GLU A 51 3.21 6.37 -2.24
N PHE A 52 2.38 6.99 -3.08
CA PHE A 52 2.79 7.36 -4.42
C PHE A 52 2.90 8.87 -4.56
N PRO A 53 3.75 9.32 -5.51
CA PRO A 53 3.97 10.75 -5.77
C PRO A 53 2.75 11.43 -6.38
N SER A 54 2.00 10.67 -7.17
CA SER A 54 0.81 11.20 -7.83
C SER A 54 -0.42 10.36 -7.49
N GLU A 55 -1.59 10.96 -7.59
CA GLU A 55 -2.84 10.27 -7.30
C GLU A 55 -3.15 9.22 -8.35
N GLU A 56 -2.73 9.50 -9.59
CA GLU A 56 -2.96 8.58 -10.70
C GLU A 56 -2.46 7.18 -10.35
N ILE A 57 -1.25 7.10 -9.82
CA ILE A 57 -0.66 5.82 -9.43
C ILE A 57 -1.35 5.24 -8.21
N LEU A 58 -1.86 6.12 -7.35
CA LEU A 58 -2.55 5.68 -6.14
C LEU A 58 -3.83 4.94 -6.48
N VAL A 59 -4.67 5.58 -7.30
CA VAL A 59 -5.94 4.97 -7.71
C VAL A 59 -5.71 3.74 -8.58
N GLU A 60 -4.75 3.86 -9.51
CA GLU A 60 -4.44 2.75 -10.41
C GLU A 60 -3.89 1.56 -9.64
N ALA A 61 -2.87 1.81 -8.82
CA ALA A 61 -2.26 0.75 -8.01
C ALA A 61 -3.25 0.19 -7.01
N LEU A 62 -4.14 1.04 -6.52
CA LEU A 62 -5.14 0.62 -5.55
C LEU A 62 -6.14 -0.35 -6.17
N GLU A 63 -6.59 -0.03 -7.38
CA GLU A 63 -7.54 -0.87 -8.08
C GLU A 63 -6.84 -2.05 -8.76
N ARG A 64 -5.53 -1.92 -8.96
CA ARG A 64 -4.76 -2.97 -9.59
C ARG A 64 -4.23 -3.96 -8.55
N LEU A 65 -4.11 -3.49 -7.32
CA LEU A 65 -3.62 -4.33 -6.23
C LEU A 65 -4.76 -4.87 -5.39
N ASN A 66 -5.86 -4.11 -5.35
CA ASN A 66 -7.04 -4.51 -4.58
C ASN A 66 -7.43 -5.95 -4.90
N ASN A 67 -7.33 -6.82 -3.91
CA ASN A 67 -7.68 -8.23 -4.08
C ASN A 67 -6.80 -8.87 -5.14
N ILE A 68 -5.65 -9.39 -4.71
CA ILE A 68 -4.72 -10.04 -5.62
C ILE A 68 -4.11 -11.29 -5.00
N GLU A 69 -3.93 -12.33 -5.80
CA GLU A 69 -3.36 -13.58 -5.33
C GLU A 69 -1.84 -13.54 -5.40
N PHE A 70 -1.19 -14.05 -4.35
CA PHE A 70 0.27 -14.07 -4.30
C PHE A 70 0.76 -15.01 -3.20
N ARG A 71 1.59 -15.97 -3.59
CA ARG A 71 2.13 -16.94 -2.63
C ARG A 71 1.00 -17.70 -1.95
N GLY A 72 -0.09 -17.93 -2.67
CA GLY A 72 -1.22 -18.65 -2.11
C GLY A 72 -2.02 -17.80 -1.14
N SER A 73 -1.70 -16.52 -1.08
CA SER A 73 -2.40 -15.61 -0.18
C SER A 73 -3.08 -14.48 -0.97
N VAL A 74 -4.20 -14.00 -0.44
CA VAL A 74 -4.95 -12.93 -1.09
C VAL A 74 -4.68 -11.58 -0.43
N ILE A 75 -3.82 -10.78 -1.05
CA ILE A 75 -3.48 -9.47 -0.52
C ILE A 75 -4.46 -8.40 -1.01
N THR A 76 -4.67 -7.38 -0.19
CA THR A 76 -5.57 -6.29 -0.54
C THR A 76 -5.00 -4.94 -0.13
N VAL A 77 -5.44 -3.88 -0.81
CA VAL A 77 -4.97 -2.53 -0.50
C VAL A 77 -6.14 -1.61 -0.17
N GLU A 78 -5.93 -0.73 0.80
CA GLU A 78 -6.96 0.20 1.21
C GLU A 78 -6.35 1.53 1.67
N ARG A 79 -6.83 2.63 1.10
CA ARG A 79 -6.32 3.95 1.44
C ARG A 79 -6.65 4.29 2.89
N ASP A 80 -5.73 4.98 3.56
CA ASP A 80 -5.91 5.37 4.95
C ASP A 80 -5.35 6.77 5.20
N ASP A 81 -6.15 7.61 5.85
CA ASP A 81 -5.74 8.97 6.15
C ASP A 81 -5.80 9.23 7.65
N ASN A 82 -4.85 10.03 8.15
CA ASN A 82 -4.79 10.36 9.57
C ASN A 82 -4.67 11.87 9.77
N PRO A 83 -5.76 12.60 9.48
CA PRO A 83 -5.79 14.05 9.63
C PRO A 83 -5.77 14.49 11.09
N PRO A 84 -5.54 15.80 11.31
CA PRO A 84 -5.48 16.37 12.66
C PRO A 84 -6.84 16.39 13.34
N PRO A 85 -6.84 16.65 14.65
CA PRO A 85 -8.08 16.71 15.45
C PRO A 85 -8.94 17.92 15.10
N ILE A 86 -9.98 18.14 15.89
CA ILE A 86 -10.89 19.26 15.67
C ILE A 86 -10.75 20.31 16.77
N ARG A 87 -10.47 19.84 17.99
CA ARG A 87 -10.32 20.73 19.13
C ARG A 87 -9.05 21.57 18.99
N LYS A 1 -18.60 12.54 -0.47
CA LYS A 1 -17.77 12.76 -1.65
C LYS A 1 -16.39 12.15 -1.48
N LEU A 2 -16.25 11.28 -0.49
CA LEU A 2 -14.97 10.62 -0.22
C LEU A 2 -13.85 11.66 -0.07
N PRO A 3 -13.83 12.35 1.09
CA PRO A 3 -12.82 13.37 1.38
C PRO A 3 -11.44 12.76 1.61
N ALA A 4 -10.45 13.28 0.88
CA ALA A 4 -9.09 12.78 1.01
C ALA A 4 -8.14 13.54 0.09
N LYS A 5 -7.11 14.15 0.67
CA LYS A 5 -6.13 14.91 -0.10
C LYS A 5 -4.73 14.32 0.06
N ARG A 6 -4.60 13.03 -0.26
CA ARG A 6 -3.32 12.35 -0.16
C ARG A 6 -3.19 11.27 -1.22
N TYR A 7 -2.07 10.55 -1.19
CA TYR A 7 -1.82 9.49 -2.15
C TYR A 7 -1.09 8.32 -1.50
N ARG A 8 -1.57 7.91 -0.33
CA ARG A 8 -0.96 6.81 0.41
C ARG A 8 -2.00 5.77 0.80
N ILE A 9 -1.65 4.49 0.64
CA ILE A 9 -2.56 3.40 0.98
C ILE A 9 -1.86 2.35 1.83
N THR A 10 -2.65 1.51 2.49
CA THR A 10 -2.11 0.45 3.33
C THR A 10 -2.58 -0.92 2.86
N MET A 11 -1.66 -1.87 2.81
CA MET A 11 -1.98 -3.22 2.37
C MET A 11 -2.12 -4.15 3.57
N LYS A 12 -2.91 -5.22 3.40
CA LYS A 12 -3.12 -6.19 4.46
C LYS A 12 -3.28 -7.59 3.90
N ASN A 13 -3.00 -8.59 4.73
CA ASN A 13 -3.10 -9.99 4.31
C ASN A 13 -1.96 -10.36 3.37
N LEU A 14 -0.74 -10.05 3.78
CA LEU A 14 0.44 -10.35 2.97
C LEU A 14 1.52 -11.02 3.82
N PRO A 15 1.22 -12.22 4.33
CA PRO A 15 2.15 -12.99 5.16
C PRO A 15 3.33 -13.52 4.36
N GLU A 16 4.15 -12.61 3.84
CA GLU A 16 5.32 -13.00 3.06
C GLU A 16 6.52 -12.12 3.42
N GLY A 17 7.71 -12.59 3.04
CA GLY A 17 8.92 -11.85 3.33
C GLY A 17 9.03 -10.56 2.54
N CYS A 18 8.03 -10.32 1.67
CA CYS A 18 8.02 -9.12 0.84
C CYS A 18 8.29 -7.88 1.68
N SER A 19 9.51 -7.34 1.57
CA SER A 19 9.89 -6.15 2.32
C SER A 19 9.76 -4.91 1.46
N TRP A 20 10.10 -3.76 2.04
CA TRP A 20 10.02 -2.49 1.33
C TRP A 20 10.60 -2.61 -0.08
N GLN A 21 11.73 -3.29 -0.18
CA GLN A 21 12.39 -3.47 -1.47
C GLN A 21 11.54 -4.33 -2.40
N ASP A 22 10.97 -5.41 -1.86
CA ASP A 22 10.14 -6.31 -2.64
C ASP A 22 8.91 -5.57 -3.18
N LEU A 23 8.09 -5.07 -2.28
CA LEU A 23 6.88 -4.35 -2.67
C LEU A 23 7.21 -3.20 -3.63
N LYS A 24 8.33 -2.53 -3.38
CA LYS A 24 8.76 -1.43 -4.22
C LYS A 24 9.15 -1.92 -5.60
N ASP A 25 9.78 -3.08 -5.66
CA ASP A 25 10.20 -3.67 -6.93
C ASP A 25 9.00 -4.02 -7.79
N LEU A 26 8.07 -4.78 -7.22
CA LEU A 26 6.87 -5.19 -7.93
C LEU A 26 6.00 -3.98 -8.29
N ALA A 27 6.02 -2.98 -7.42
CA ALA A 27 5.25 -1.77 -7.65
C ALA A 27 5.73 -1.02 -8.88
N ARG A 28 7.05 -0.80 -8.95
CA ARG A 28 7.64 -0.09 -10.09
C ARG A 28 7.54 -0.92 -11.36
N GLU A 29 7.57 -2.24 -11.21
CA GLU A 29 7.48 -3.14 -12.36
C GLU A 29 6.05 -3.19 -12.89
N ASN A 30 5.08 -3.01 -12.00
CA ASN A 30 3.69 -3.03 -12.39
C ASN A 30 3.22 -1.65 -12.86
N SER A 31 4.18 -0.82 -13.24
CA SER A 31 3.87 0.53 -13.69
C SER A 31 3.31 1.38 -12.56
N LEU A 32 3.90 1.25 -11.38
CA LEU A 32 3.45 2.00 -10.21
C LEU A 32 4.64 2.52 -9.41
N GLU A 33 4.97 3.79 -9.58
CA GLU A 33 6.08 4.40 -8.87
C GLU A 33 5.63 4.97 -7.53
N THR A 34 6.37 4.64 -6.47
CA THR A 34 6.04 5.12 -5.13
C THR A 34 7.14 6.03 -4.58
N THR A 35 6.79 6.84 -3.60
CA THR A 35 7.76 7.75 -2.99
C THR A 35 8.11 7.31 -1.57
N PHE A 36 7.29 6.44 -1.00
CA PHE A 36 7.51 5.94 0.35
C PHE A 36 6.85 4.58 0.54
N SER A 37 7.52 3.72 1.29
CA SER A 37 7.00 2.37 1.56
C SER A 37 7.39 1.90 2.95
N SER A 38 6.67 0.90 3.45
CA SER A 38 6.93 0.36 4.78
C SER A 38 6.23 -0.98 4.97
N VAL A 39 6.75 -1.80 5.89
CA VAL A 39 6.17 -3.11 6.17
C VAL A 39 6.13 -3.37 7.67
N ASN A 40 5.31 -4.35 8.06
CA ASN A 40 5.16 -4.71 9.47
C ASN A 40 5.59 -6.15 9.70
N THR A 41 6.82 -6.33 10.17
CA THR A 41 7.34 -7.67 10.44
C THR A 41 7.29 -7.99 11.93
N ARG A 42 7.23 -6.94 12.75
CA ARG A 42 7.19 -7.10 14.20
C ARG A 42 6.08 -8.08 14.61
N ASP A 43 5.01 -8.11 13.81
CA ASP A 43 3.89 -9.00 14.09
C ASP A 43 3.56 -9.85 12.87
N PHE A 44 2.70 -10.85 13.05
CA PHE A 44 2.31 -11.74 11.98
C PHE A 44 1.00 -11.28 11.34
N ASP A 45 0.72 -9.99 11.44
CA ASP A 45 -0.49 -9.42 10.87
C ASP A 45 -0.40 -9.35 9.35
N GLY A 46 0.82 -9.26 8.84
CA GLY A 46 1.02 -9.17 7.41
C GLY A 46 0.34 -7.97 6.80
N THR A 47 0.80 -6.77 7.17
CA THR A 47 0.23 -5.54 6.66
C THR A 47 1.31 -4.54 6.30
N GLY A 48 1.18 -3.92 5.14
CA GLY A 48 2.16 -2.93 4.69
C GLY A 48 1.55 -1.56 4.45
N ALA A 49 2.38 -0.63 4.00
CA ALA A 49 1.91 0.73 3.73
C ALA A 49 2.86 1.45 2.78
N LEU A 50 2.31 1.94 1.68
CA LEU A 50 3.11 2.65 0.69
C LEU A 50 2.41 3.94 0.24
N GLU A 51 3.14 4.78 -0.47
CA GLU A 51 2.58 6.04 -0.96
C GLU A 51 3.16 6.40 -2.32
N PHE A 52 2.33 7.01 -3.17
CA PHE A 52 2.77 7.40 -4.52
C PHE A 52 2.85 8.92 -4.63
N PRO A 53 3.69 9.39 -5.57
CA PRO A 53 3.87 10.84 -5.80
C PRO A 53 2.65 11.48 -6.43
N SER A 54 1.87 10.69 -7.17
CA SER A 54 0.67 11.19 -7.83
C SER A 54 -0.54 10.35 -7.44
N GLU A 55 -1.72 10.92 -7.61
CA GLU A 55 -2.97 10.24 -7.29
C GLU A 55 -3.28 9.16 -8.32
N GLU A 56 -2.95 9.45 -9.58
CA GLU A 56 -3.20 8.52 -10.67
C GLU A 56 -2.60 7.15 -10.36
N ILE A 57 -1.35 7.14 -9.89
CA ILE A 57 -0.67 5.91 -9.56
C ILE A 57 -1.29 5.26 -8.32
N LEU A 58 -1.82 6.08 -7.43
CA LEU A 58 -2.45 5.58 -6.21
C LEU A 58 -3.73 4.82 -6.52
N VAL A 59 -4.63 5.47 -7.25
CA VAL A 59 -5.89 4.85 -7.63
C VAL A 59 -5.67 3.62 -8.50
N GLU A 60 -4.77 3.74 -9.46
CA GLU A 60 -4.46 2.64 -10.37
C GLU A 60 -3.85 1.46 -9.59
N ALA A 61 -2.79 1.76 -8.85
CA ALA A 61 -2.10 0.72 -8.07
C ALA A 61 -3.03 0.15 -7.00
N LEU A 62 -3.93 0.97 -6.49
CA LEU A 62 -4.88 0.54 -5.47
C LEU A 62 -5.86 -0.49 -6.02
N GLU A 63 -6.38 -0.22 -7.21
CA GLU A 63 -7.32 -1.13 -7.85
C GLU A 63 -6.59 -2.31 -8.49
N ARG A 64 -5.29 -2.13 -8.74
CA ARG A 64 -4.49 -3.18 -9.36
C ARG A 64 -3.85 -4.07 -8.29
N LEU A 65 -3.79 -3.56 -7.06
CA LEU A 65 -3.21 -4.31 -5.96
C LEU A 65 -4.30 -4.88 -5.05
N ASN A 66 -5.44 -4.20 -5.01
CA ASN A 66 -6.56 -4.64 -4.18
C ASN A 66 -7.08 -6.00 -4.65
N ASN A 67 -7.16 -6.95 -3.73
CA ASN A 67 -7.63 -8.29 -4.04
C ASN A 67 -6.73 -8.96 -5.08
N ILE A 68 -5.51 -9.29 -4.66
CA ILE A 68 -4.56 -9.94 -5.55
C ILE A 68 -3.95 -11.18 -4.90
N GLU A 69 -3.75 -12.22 -5.71
CA GLU A 69 -3.17 -13.47 -5.22
C GLU A 69 -1.65 -13.44 -5.30
N PHE A 70 -0.98 -13.89 -4.25
CA PHE A 70 0.47 -13.92 -4.21
C PHE A 70 0.96 -14.95 -3.20
N ARG A 71 1.69 -15.96 -3.70
CA ARG A 71 2.21 -17.01 -2.84
C ARG A 71 1.10 -17.72 -2.09
N GLY A 72 -0.07 -17.82 -2.73
CA GLY A 72 -1.20 -18.47 -2.10
C GLY A 72 -1.89 -17.58 -1.08
N SER A 73 -1.57 -16.30 -1.10
CA SER A 73 -2.16 -15.35 -0.16
C SER A 73 -2.85 -14.21 -0.90
N VAL A 74 -4.05 -13.86 -0.45
CA VAL A 74 -4.80 -12.78 -1.07
C VAL A 74 -4.57 -11.45 -0.35
N ILE A 75 -3.78 -10.58 -0.97
CA ILE A 75 -3.47 -9.29 -0.40
C ILE A 75 -4.52 -8.25 -0.78
N THR A 76 -4.73 -7.28 0.10
CA THR A 76 -5.71 -6.22 -0.16
C THR A 76 -5.16 -4.86 0.26
N VAL A 77 -5.43 -3.86 -0.57
CA VAL A 77 -4.96 -2.50 -0.30
C VAL A 77 -6.14 -1.54 -0.11
N GLU A 78 -6.02 -0.64 0.86
CA GLU A 78 -7.07 0.33 1.13
C GLU A 78 -6.48 1.64 1.65
N ARG A 79 -6.92 2.75 1.06
CA ARG A 79 -6.44 4.07 1.46
C ARG A 79 -6.90 4.42 2.87
N ASP A 80 -6.02 5.02 3.65
CA ASP A 80 -6.33 5.41 5.02
C ASP A 80 -5.73 6.76 5.36
N ASP A 81 -6.56 7.68 5.84
CA ASP A 81 -6.10 9.01 6.21
C ASP A 81 -5.88 9.11 7.71
N ASN A 82 -4.63 9.33 8.11
CA ASN A 82 -4.28 9.45 9.52
C ASN A 82 -3.44 10.71 9.77
N PRO A 83 -4.09 11.88 9.66
CA PRO A 83 -3.42 13.16 9.88
C PRO A 83 -3.04 13.39 11.34
N PRO A 84 -2.20 14.41 11.59
CA PRO A 84 -1.74 14.74 12.94
C PRO A 84 -2.85 15.32 13.80
N PRO A 85 -2.60 15.42 15.11
CA PRO A 85 -3.57 15.95 16.07
C PRO A 85 -3.79 17.45 15.90
N ILE A 86 -4.57 18.04 16.80
CA ILE A 86 -4.87 19.46 16.75
C ILE A 86 -4.00 20.23 17.74
N ARG A 87 -3.54 19.55 18.78
CA ARG A 87 -2.70 20.17 19.80
C ARG A 87 -1.25 19.70 19.66
N LYS A 1 -13.08 24.34 8.52
CA LYS A 1 -12.08 23.32 8.33
C LYS A 1 -11.89 22.99 6.85
N LEU A 2 -10.69 22.55 6.49
CA LEU A 2 -10.38 22.22 5.11
C LEU A 2 -10.26 20.71 4.93
N PRO A 3 -10.51 20.24 3.70
CA PRO A 3 -10.44 18.81 3.37
C PRO A 3 -9.01 18.28 3.39
N ALA A 4 -8.84 17.03 2.95
CA ALA A 4 -7.53 16.41 2.92
C ALA A 4 -7.49 15.24 1.93
N LYS A 5 -6.57 15.31 0.98
CA LYS A 5 -6.43 14.26 -0.03
C LYS A 5 -4.96 13.92 -0.27
N ARG A 6 -4.59 12.68 0.02
CA ARG A 6 -3.21 12.24 -0.15
C ARG A 6 -3.15 11.09 -1.16
N TYR A 7 -1.95 10.58 -1.38
CA TYR A 7 -1.75 9.47 -2.31
C TYR A 7 -1.03 8.30 -1.62
N ARG A 8 -1.53 7.92 -0.45
CA ARG A 8 -0.95 6.82 0.30
C ARG A 8 -2.00 5.75 0.59
N ILE A 9 -1.59 4.49 0.54
CA ILE A 9 -2.49 3.37 0.81
C ILE A 9 -1.83 2.34 1.71
N THR A 10 -2.66 1.51 2.34
CA THR A 10 -2.16 0.47 3.24
C THR A 10 -2.61 -0.92 2.78
N MET A 11 -1.66 -1.84 2.72
CA MET A 11 -1.95 -3.21 2.30
C MET A 11 -2.12 -4.13 3.51
N LYS A 12 -2.98 -5.14 3.37
CA LYS A 12 -3.22 -6.08 4.45
C LYS A 12 -3.39 -7.50 3.91
N ASN A 13 -3.13 -8.49 4.76
CA ASN A 13 -3.25 -9.89 4.36
C ASN A 13 -2.11 -10.28 3.43
N LEU A 14 -0.88 -9.97 3.84
CA LEU A 14 0.30 -10.30 3.04
C LEU A 14 1.38 -10.92 3.90
N PRO A 15 1.10 -12.11 4.44
CA PRO A 15 2.05 -12.84 5.29
C PRO A 15 3.24 -13.37 4.51
N GLU A 16 4.06 -12.45 4.00
CA GLU A 16 5.24 -12.83 3.23
C GLU A 16 6.44 -11.95 3.60
N GLY A 17 7.63 -12.41 3.24
CA GLY A 17 8.83 -11.65 3.55
C GLY A 17 8.94 -10.39 2.73
N CYS A 18 7.96 -10.16 1.85
CA CYS A 18 7.96 -8.98 1.00
C CYS A 18 8.21 -7.72 1.82
N SER A 19 9.42 -7.18 1.72
CA SER A 19 9.78 -5.98 2.45
C SER A 19 9.71 -4.74 1.56
N TRP A 20 10.08 -3.60 2.11
CA TRP A 20 10.05 -2.35 1.36
C TRP A 20 10.65 -2.53 -0.03
N GLN A 21 11.78 -3.23 -0.09
CA GLN A 21 12.45 -3.48 -1.36
C GLN A 21 11.58 -4.33 -2.29
N ASP A 22 11.03 -5.40 -1.73
CA ASP A 22 10.18 -6.30 -2.51
C ASP A 22 8.99 -5.55 -3.08
N LEU A 23 8.13 -5.03 -2.21
CA LEU A 23 6.96 -4.29 -2.62
C LEU A 23 7.33 -3.17 -3.60
N LYS A 24 8.47 -2.55 -3.36
CA LYS A 24 8.95 -1.47 -4.22
C LYS A 24 9.34 -2.00 -5.60
N ASP A 25 9.92 -3.19 -5.62
CA ASP A 25 10.33 -3.81 -6.88
C ASP A 25 9.13 -4.17 -7.75
N LEU A 26 8.18 -4.88 -7.16
CA LEU A 26 6.97 -5.28 -7.88
C LEU A 26 6.13 -4.07 -8.24
N ALA A 27 6.12 -3.07 -7.36
CA ALA A 27 5.35 -1.85 -7.58
C ALA A 27 5.86 -1.10 -8.80
N ARG A 28 7.17 -0.88 -8.85
CA ARG A 28 7.78 -0.17 -9.97
C ARG A 28 7.71 -1.00 -11.25
N GLU A 29 7.76 -2.32 -11.09
CA GLU A 29 7.70 -3.22 -12.23
C GLU A 29 6.28 -3.34 -12.76
N ASN A 30 5.31 -3.09 -11.89
CA ASN A 30 3.90 -3.17 -12.27
C ASN A 30 3.39 -1.81 -12.77
N SER A 31 4.32 -0.96 -13.18
CA SER A 31 3.97 0.37 -13.67
C SER A 31 3.39 1.23 -12.56
N LEU A 32 3.97 1.12 -11.37
CA LEU A 32 3.53 1.90 -10.21
C LEU A 32 4.71 2.38 -9.39
N GLU A 33 5.03 3.66 -9.54
CA GLU A 33 6.14 4.26 -8.80
C GLU A 33 5.66 4.83 -7.47
N THR A 34 6.47 4.64 -6.43
CA THR A 34 6.13 5.13 -5.09
C THR A 34 7.23 6.04 -4.56
N THR A 35 6.87 6.85 -3.57
CA THR A 35 7.82 7.77 -2.96
C THR A 35 8.13 7.38 -1.52
N PHE A 36 7.28 6.54 -0.94
CA PHE A 36 7.47 6.07 0.42
C PHE A 36 6.92 4.67 0.61
N SER A 37 7.65 3.84 1.34
CA SER A 37 7.24 2.47 1.59
C SER A 37 7.46 2.09 3.05
N SER A 38 6.71 1.08 3.52
CA SER A 38 6.81 0.62 4.90
C SER A 38 6.13 -0.72 5.07
N VAL A 39 6.75 -1.60 5.87
CA VAL A 39 6.21 -2.93 6.12
C VAL A 39 6.43 -3.34 7.57
N ASN A 40 5.68 -4.34 8.01
CA ASN A 40 5.79 -4.84 9.38
C ASN A 40 6.47 -6.20 9.41
N THR A 41 7.77 -6.21 9.69
CA THR A 41 8.52 -7.44 9.75
C THR A 41 8.69 -7.92 11.18
N ARG A 42 7.71 -7.61 12.02
CA ARG A 42 7.73 -8.01 13.42
C ARG A 42 6.50 -8.83 13.78
N ASP A 43 5.37 -8.49 13.17
CA ASP A 43 4.12 -9.19 13.43
C ASP A 43 3.71 -10.04 12.22
N PHE A 44 2.89 -11.05 12.47
CA PHE A 44 2.43 -11.94 11.40
C PHE A 44 1.10 -11.47 10.85
N ASP A 45 0.78 -10.21 11.07
CA ASP A 45 -0.48 -9.63 10.59
C ASP A 45 -0.42 -9.37 9.08
N GLY A 46 0.80 -9.37 8.54
CA GLY A 46 0.97 -9.13 7.12
C GLY A 46 0.27 -7.86 6.66
N THR A 47 0.78 -6.72 7.11
CA THR A 47 0.19 -5.43 6.73
C THR A 47 1.27 -4.42 6.36
N GLY A 48 1.16 -3.84 5.17
CA GLY A 48 2.13 -2.86 4.73
C GLY A 48 1.51 -1.51 4.46
N ALA A 49 2.34 -0.55 4.05
CA ALA A 49 1.87 0.80 3.76
C ALA A 49 2.85 1.55 2.87
N LEU A 50 2.36 2.05 1.74
CA LEU A 50 3.20 2.79 0.80
C LEU A 50 2.48 4.03 0.29
N GLU A 51 3.22 4.90 -0.39
CA GLU A 51 2.66 6.13 -0.93
C GLU A 51 3.24 6.43 -2.32
N PHE A 52 2.43 7.06 -3.16
CA PHE A 52 2.86 7.42 -4.51
C PHE A 52 2.97 8.93 -4.67
N PRO A 53 3.81 9.37 -5.61
CA PRO A 53 4.03 10.79 -5.90
C PRO A 53 2.80 11.44 -6.54
N SER A 54 2.08 10.67 -7.34
CA SER A 54 0.90 11.17 -8.03
C SER A 54 -0.33 10.33 -7.69
N GLU A 55 -1.51 10.91 -7.86
CA GLU A 55 -2.76 10.22 -7.57
C GLU A 55 -3.03 9.15 -8.60
N GLU A 56 -2.55 9.35 -9.82
CA GLU A 56 -2.76 8.41 -10.91
C GLU A 56 -2.32 7.00 -10.49
N ILE A 57 -1.12 6.91 -9.93
CA ILE A 57 -0.57 5.63 -9.48
C ILE A 57 -1.28 5.15 -8.21
N LEU A 58 -1.78 6.09 -7.43
CA LEU A 58 -2.48 5.76 -6.19
C LEU A 58 -3.76 4.98 -6.49
N VAL A 59 -4.63 5.57 -7.30
CA VAL A 59 -5.89 4.93 -7.67
C VAL A 59 -5.65 3.72 -8.56
N GLU A 60 -4.67 3.82 -9.45
CA GLU A 60 -4.35 2.73 -10.37
C GLU A 60 -3.81 1.52 -9.59
N ALA A 61 -2.77 1.75 -8.80
CA ALA A 61 -2.17 0.68 -8.01
C ALA A 61 -3.16 0.14 -6.98
N LEU A 62 -4.02 1.01 -6.47
CA LEU A 62 -5.01 0.61 -5.48
C LEU A 62 -6.01 -0.38 -6.08
N GLU A 63 -6.48 -0.08 -7.28
CA GLU A 63 -7.44 -0.93 -7.97
C GLU A 63 -6.75 -2.13 -8.60
N ARG A 64 -5.45 -1.99 -8.84
CA ARG A 64 -4.67 -3.06 -9.45
C ARG A 64 -4.13 -4.02 -8.38
N LEU A 65 -4.09 -3.54 -7.14
CA LEU A 65 -3.59 -4.36 -6.04
C LEU A 65 -4.75 -4.89 -5.19
N ASN A 66 -5.84 -4.12 -5.13
CA ASN A 66 -7.00 -4.51 -4.36
C ASN A 66 -7.44 -5.94 -4.71
N ASN A 67 -7.38 -6.83 -3.72
CA ASN A 67 -7.76 -8.21 -3.93
C ASN A 67 -6.88 -8.87 -4.99
N ILE A 68 -5.73 -9.39 -4.56
CA ILE A 68 -4.81 -10.04 -5.47
C ILE A 68 -4.18 -11.27 -4.83
N GLU A 69 -3.99 -12.32 -5.64
CA GLU A 69 -3.41 -13.56 -5.14
C GLU A 69 -1.89 -13.52 -5.21
N PHE A 70 -1.24 -14.02 -4.17
CA PHE A 70 0.22 -14.03 -4.11
C PHE A 70 0.71 -14.96 -3.00
N ARG A 71 1.55 -15.92 -3.36
CA ARG A 71 2.08 -16.87 -2.39
C ARG A 71 0.97 -17.62 -1.68
N GLY A 72 -0.13 -17.86 -2.40
CA GLY A 72 -1.26 -18.56 -1.82
C GLY A 72 -2.06 -17.69 -0.88
N SER A 73 -1.70 -16.42 -0.79
CA SER A 73 -2.39 -15.47 0.08
C SER A 73 -3.02 -14.34 -0.72
N VAL A 74 -4.20 -13.90 -0.30
CA VAL A 74 -4.90 -12.82 -0.98
C VAL A 74 -4.66 -11.48 -0.28
N ILE A 75 -3.85 -10.63 -0.92
CA ILE A 75 -3.55 -9.32 -0.36
C ILE A 75 -4.59 -8.29 -0.78
N THR A 76 -4.77 -7.26 0.06
CA THR A 76 -5.74 -6.22 -0.22
C THR A 76 -5.17 -4.84 0.13
N VAL A 77 -5.49 -3.84 -0.68
CA VAL A 77 -5.02 -2.48 -0.44
C VAL A 77 -6.19 -1.53 -0.17
N GLU A 78 -5.95 -0.54 0.67
CA GLU A 78 -6.97 0.44 1.02
C GLU A 78 -6.35 1.67 1.67
N ARG A 79 -6.77 2.84 1.21
CA ARG A 79 -6.26 4.11 1.74
C ARG A 79 -6.67 4.29 3.20
N ASP A 80 -5.80 4.90 3.98
CA ASP A 80 -6.08 5.14 5.39
C ASP A 80 -5.75 6.58 5.78
N ASP A 81 -6.77 7.35 6.13
CA ASP A 81 -6.58 8.74 6.53
C ASP A 81 -7.00 8.96 7.98
N ASN A 82 -6.18 9.71 8.71
CA ASN A 82 -6.45 9.99 10.11
C ASN A 82 -6.35 11.49 10.40
N PRO A 83 -7.33 12.25 9.90
CA PRO A 83 -7.37 13.71 10.09
C PRO A 83 -7.66 14.10 11.53
N PRO A 84 -7.47 15.39 11.85
CA PRO A 84 -7.71 15.91 13.20
C PRO A 84 -9.20 15.95 13.54
N PRO A 85 -9.50 16.18 14.83
CA PRO A 85 -10.88 16.26 15.32
C PRO A 85 -11.61 17.51 14.83
N ILE A 86 -12.83 17.70 15.30
CA ILE A 86 -13.62 18.86 14.91
C ILE A 86 -13.88 19.78 16.10
N ARG A 87 -13.87 19.21 17.30
CA ARG A 87 -14.09 19.97 18.52
C ARG A 87 -13.01 21.02 18.71
N LYS A 1 -18.67 8.10 4.06
CA LYS A 1 -17.34 7.87 3.48
C LYS A 1 -16.28 8.61 4.28
N LEU A 2 -15.02 8.35 3.95
CA LEU A 2 -13.90 8.99 4.63
C LEU A 2 -12.71 9.17 3.69
N PRO A 3 -12.82 10.13 2.77
CA PRO A 3 -11.76 10.42 1.80
C PRO A 3 -10.53 11.05 2.45
N ALA A 4 -9.58 11.48 1.62
CA ALA A 4 -8.36 12.09 2.12
C ALA A 4 -7.61 12.80 1.00
N LYS A 5 -6.82 13.81 1.37
CA LYS A 5 -6.05 14.57 0.40
C LYS A 5 -4.61 14.08 0.34
N ARG A 6 -4.43 12.79 0.15
CA ARG A 6 -3.10 12.19 0.09
C ARG A 6 -3.02 11.15 -1.03
N TYR A 7 -1.91 10.43 -1.08
CA TYR A 7 -1.70 9.41 -2.09
C TYR A 7 -1.02 8.18 -1.49
N ARG A 8 -1.40 7.83 -0.28
CA ARG A 8 -0.83 6.68 0.40
C ARG A 8 -1.91 5.68 0.80
N ILE A 9 -1.65 4.40 0.55
CA ILE A 9 -2.61 3.35 0.88
C ILE A 9 -1.98 2.29 1.78
N THR A 10 -2.82 1.53 2.48
CA THR A 10 -2.34 0.49 3.37
C THR A 10 -2.76 -0.89 2.89
N MET A 11 -1.79 -1.79 2.76
CA MET A 11 -2.07 -3.15 2.30
C MET A 11 -2.13 -4.13 3.48
N LYS A 12 -2.84 -5.23 3.28
CA LYS A 12 -2.98 -6.24 4.33
C LYS A 12 -3.27 -7.61 3.72
N ASN A 13 -3.31 -8.63 4.57
CA ASN A 13 -3.58 -9.99 4.12
C ASN A 13 -2.43 -10.52 3.28
N LEU A 14 -1.21 -10.08 3.60
CA LEU A 14 -0.02 -10.51 2.87
C LEU A 14 0.97 -11.19 3.81
N PRO A 15 0.59 -12.37 4.31
CA PRO A 15 1.45 -13.15 5.22
C PRO A 15 2.68 -13.72 4.53
N GLU A 16 3.55 -12.83 4.05
CA GLU A 16 4.77 -13.24 3.37
C GLU A 16 5.95 -12.38 3.80
N GLY A 17 7.16 -12.86 3.51
CA GLY A 17 8.35 -12.13 3.87
C GLY A 17 8.54 -10.87 3.04
N CYS A 18 7.61 -10.62 2.13
CA CYS A 18 7.67 -9.45 1.26
C CYS A 18 7.95 -8.20 2.08
N SER A 19 9.18 -7.68 1.97
CA SER A 19 9.58 -6.49 2.70
C SER A 19 9.46 -5.25 1.83
N TRP A 20 9.80 -4.10 2.40
CA TRP A 20 9.73 -2.83 1.66
C TRP A 20 10.37 -2.97 0.29
N GLN A 21 11.51 -3.66 0.24
CA GLN A 21 12.23 -3.86 -1.02
C GLN A 21 11.39 -4.67 -2.00
N ASP A 22 10.74 -5.71 -1.50
CA ASP A 22 9.89 -6.56 -2.33
C ASP A 22 8.72 -5.78 -2.89
N LEU A 23 7.86 -5.29 -2.00
CA LEU A 23 6.69 -4.52 -2.40
C LEU A 23 7.08 -3.37 -3.33
N LYS A 24 8.24 -2.79 -3.07
CA LYS A 24 8.74 -1.67 -3.87
C LYS A 24 9.18 -2.15 -5.25
N ASP A 25 9.75 -3.35 -5.30
CA ASP A 25 10.21 -3.93 -6.56
C ASP A 25 9.03 -4.22 -7.49
N LEU A 26 8.05 -4.95 -6.97
CA LEU A 26 6.86 -5.30 -7.74
C LEU A 26 6.04 -4.06 -8.09
N ALA A 27 5.97 -3.13 -7.14
CA ALA A 27 5.22 -1.90 -7.34
C ALA A 27 5.80 -1.09 -8.51
N ARG A 28 7.11 -0.87 -8.47
CA ARG A 28 7.78 -0.11 -9.51
C ARG A 28 7.82 -0.89 -10.82
N GLU A 29 7.82 -2.22 -10.71
CA GLU A 29 7.84 -3.08 -11.88
C GLU A 29 6.46 -3.21 -12.51
N ASN A 30 5.44 -2.93 -11.71
CA ASN A 30 4.06 -3.01 -12.18
C ASN A 30 3.59 -1.67 -12.73
N SER A 31 4.54 -0.82 -13.10
CA SER A 31 4.22 0.49 -13.64
C SER A 31 3.65 1.41 -12.55
N LEU A 32 4.00 1.13 -11.30
CA LEU A 32 3.52 1.91 -10.18
C LEU A 32 4.68 2.42 -9.33
N GLU A 33 5.14 3.62 -9.62
CA GLU A 33 6.24 4.22 -8.88
C GLU A 33 5.76 4.83 -7.57
N THR A 34 6.42 4.47 -6.48
CA THR A 34 6.06 4.97 -5.16
C THR A 34 7.14 5.90 -4.61
N THR A 35 6.74 6.74 -3.66
CA THR A 35 7.68 7.69 -3.05
C THR A 35 8.03 7.28 -1.62
N PHE A 36 7.23 6.38 -1.06
CA PHE A 36 7.45 5.90 0.30
C PHE A 36 6.77 4.55 0.52
N SER A 37 7.52 3.60 1.08
CA SER A 37 6.99 2.27 1.35
C SER A 37 7.61 1.68 2.61
N SER A 38 6.85 0.82 3.28
CA SER A 38 7.32 0.19 4.50
C SER A 38 6.43 -0.99 4.89
N VAL A 39 6.83 -1.71 5.94
CA VAL A 39 6.06 -2.87 6.40
C VAL A 39 6.03 -2.92 7.92
N ASN A 40 5.31 -3.89 8.45
CA ASN A 40 5.19 -4.05 9.90
C ASN A 40 6.03 -5.22 10.38
N THR A 41 7.23 -4.92 10.86
CA THR A 41 8.14 -5.94 11.37
C THR A 41 7.64 -6.54 12.68
N ARG A 42 7.07 -5.68 13.52
CA ARG A 42 6.55 -6.12 14.81
C ARG A 42 5.60 -7.30 14.65
N ASP A 43 4.71 -7.20 13.66
CA ASP A 43 3.75 -8.25 13.39
C ASP A 43 4.39 -9.41 12.62
N PHE A 44 3.56 -10.27 12.05
CA PHE A 44 4.05 -11.42 11.30
C PHE A 44 4.24 -11.06 9.83
N ASP A 45 4.31 -9.76 9.55
CA ASP A 45 4.47 -9.28 8.18
C ASP A 45 3.26 -9.62 7.33
N GLY A 46 2.10 -9.11 7.72
CA GLY A 46 0.88 -9.37 6.99
C GLY A 46 0.20 -8.10 6.52
N THR A 47 0.80 -6.96 6.83
CA THR A 47 0.25 -5.66 6.44
C THR A 47 1.36 -4.64 6.21
N GLY A 48 1.28 -3.93 5.09
CA GLY A 48 2.27 -2.92 4.78
C GLY A 48 1.66 -1.61 4.34
N ALA A 49 2.50 -0.64 3.99
CA ALA A 49 2.03 0.66 3.55
C ALA A 49 2.82 1.15 2.34
N LEU A 50 2.12 1.83 1.43
CA LEU A 50 2.75 2.34 0.22
C LEU A 50 2.18 3.70 -0.15
N GLU A 51 3.01 4.55 -0.75
CA GLU A 51 2.59 5.89 -1.16
C GLU A 51 3.19 6.26 -2.51
N PHE A 52 2.44 7.01 -3.30
CA PHE A 52 2.89 7.44 -4.61
C PHE A 52 2.95 8.97 -4.70
N PRO A 53 3.82 9.47 -5.59
CA PRO A 53 3.99 10.92 -5.80
C PRO A 53 2.78 11.55 -6.47
N SER A 54 1.96 10.72 -7.12
CA SER A 54 0.78 11.21 -7.81
C SER A 54 -0.44 10.36 -7.45
N GLU A 55 -1.62 10.97 -7.53
CA GLU A 55 -2.86 10.28 -7.20
C GLU A 55 -3.21 9.24 -8.27
N GLU A 56 -2.87 9.55 -9.52
CA GLU A 56 -3.15 8.65 -10.63
C GLU A 56 -2.60 7.26 -10.34
N ILE A 57 -1.36 7.21 -9.87
CA ILE A 57 -0.72 5.93 -9.56
C ILE A 57 -1.36 5.28 -8.34
N LEU A 58 -1.83 6.12 -7.41
CA LEU A 58 -2.46 5.63 -6.20
C LEU A 58 -3.77 4.90 -6.52
N VAL A 59 -4.66 5.59 -7.20
CA VAL A 59 -5.95 5.01 -7.58
C VAL A 59 -5.77 3.80 -8.49
N GLU A 60 -4.84 3.91 -9.43
CA GLU A 60 -4.56 2.83 -10.37
C GLU A 60 -3.97 1.62 -9.64
N ALA A 61 -2.90 1.85 -8.89
CA ALA A 61 -2.24 0.79 -8.15
C ALA A 61 -3.18 0.20 -7.10
N LEU A 62 -4.06 1.02 -6.57
CA LEU A 62 -5.01 0.59 -5.55
C LEU A 62 -6.06 -0.35 -6.15
N GLU A 63 -6.52 -0.01 -7.36
CA GLU A 63 -7.52 -0.82 -8.04
C GLU A 63 -6.87 -2.03 -8.72
N ARG A 64 -5.56 -1.95 -8.94
CA ARG A 64 -4.83 -3.03 -9.58
C ARG A 64 -4.26 -4.00 -8.53
N LEU A 65 -4.09 -3.48 -7.31
CA LEU A 65 -3.56 -4.29 -6.22
C LEU A 65 -4.68 -4.86 -5.35
N ASN A 66 -5.76 -4.09 -5.22
CA ASN A 66 -6.90 -4.51 -4.42
C ASN A 66 -7.35 -5.92 -4.81
N ASN A 67 -7.35 -6.83 -3.84
CA ASN A 67 -7.76 -8.21 -4.08
C ASN A 67 -6.89 -8.85 -5.17
N ILE A 68 -5.75 -9.41 -4.75
CA ILE A 68 -4.84 -10.05 -5.68
C ILE A 68 -4.24 -11.32 -5.08
N GLU A 69 -4.12 -12.36 -5.90
CA GLU A 69 -3.56 -13.63 -5.44
C GLU A 69 -2.05 -13.64 -5.60
N PHE A 70 -1.35 -13.96 -4.52
CA PHE A 70 0.11 -14.01 -4.52
C PHE A 70 0.63 -14.96 -3.46
N ARG A 71 1.45 -15.93 -3.88
CA ARG A 71 2.01 -16.91 -2.96
C ARG A 71 0.91 -17.64 -2.20
N GLY A 72 -0.22 -17.86 -2.88
CA GLY A 72 -1.33 -18.55 -2.25
C GLY A 72 -2.06 -17.68 -1.25
N SER A 73 -1.70 -16.40 -1.20
CA SER A 73 -2.33 -15.46 -0.27
C SER A 73 -2.98 -14.31 -1.03
N VAL A 74 -4.19 -13.95 -0.61
CA VAL A 74 -4.92 -12.86 -1.25
C VAL A 74 -4.65 -11.53 -0.55
N ILE A 75 -3.86 -10.69 -1.20
CA ILE A 75 -3.52 -9.38 -0.65
C ILE A 75 -4.57 -8.33 -1.00
N THR A 76 -4.71 -7.32 -0.14
CA THR A 76 -5.68 -6.26 -0.37
C THR A 76 -5.12 -4.91 0.04
N VAL A 77 -5.49 -3.86 -0.69
CA VAL A 77 -5.03 -2.51 -0.39
C VAL A 77 -6.20 -1.56 -0.21
N GLU A 78 -6.03 -0.59 0.69
CA GLU A 78 -7.07 0.39 0.96
C GLU A 78 -6.48 1.67 1.55
N ARG A 79 -6.96 2.81 1.06
CA ARG A 79 -6.49 4.10 1.53
C ARG A 79 -6.83 4.31 3.00
N ASP A 80 -5.91 4.91 3.74
CA ASP A 80 -6.11 5.17 5.17
C ASP A 80 -5.63 6.57 5.54
N ASP A 81 -6.45 7.28 6.32
CA ASP A 81 -6.10 8.63 6.75
C ASP A 81 -6.15 8.74 8.27
N ASN A 82 -5.30 9.60 8.82
CA ASN A 82 -5.24 9.81 10.26
C ASN A 82 -5.31 11.29 10.60
N PRO A 83 -6.49 11.89 10.42
CA PRO A 83 -6.72 13.31 10.71
C PRO A 83 -6.69 13.62 12.20
N PRO A 84 -6.63 14.91 12.55
CA PRO A 84 -6.59 15.36 13.94
C PRO A 84 -7.92 15.13 14.65
N PRO A 85 -7.91 15.27 15.99
CA PRO A 85 -9.11 15.08 16.80
C PRO A 85 -10.14 16.20 16.60
N ILE A 86 -11.19 16.19 17.41
CA ILE A 86 -12.24 17.20 17.32
C ILE A 86 -11.98 18.36 18.26
N ARG A 87 -11.22 18.09 19.32
CA ARG A 87 -10.89 19.11 20.31
C ARG A 87 -10.18 20.28 19.65
N LYS A 1 -16.58 18.74 -5.22
CA LYS A 1 -15.18 18.87 -4.83
C LYS A 1 -14.84 17.90 -3.70
N LEU A 2 -13.56 17.84 -3.35
CA LEU A 2 -13.10 16.95 -2.28
C LEU A 2 -11.64 17.22 -1.94
N PRO A 3 -11.39 18.35 -1.25
CA PRO A 3 -10.04 18.74 -0.84
C PRO A 3 -9.47 17.83 0.24
N ALA A 4 -8.17 17.96 0.49
CA ALA A 4 -7.51 17.15 1.50
C ALA A 4 -7.53 15.67 1.14
N LYS A 5 -6.65 15.29 0.22
CA LYS A 5 -6.57 13.90 -0.23
C LYS A 5 -5.14 13.52 -0.59
N ARG A 6 -4.54 12.66 0.21
CA ARG A 6 -3.17 12.22 -0.03
C ARG A 6 -3.14 11.06 -1.02
N TYR A 7 -1.94 10.54 -1.28
CA TYR A 7 -1.76 9.44 -2.21
C TYR A 7 -1.04 8.27 -1.54
N ARG A 8 -1.48 7.92 -0.33
CA ARG A 8 -0.87 6.83 0.41
C ARG A 8 -1.91 5.75 0.72
N ILE A 9 -1.51 4.49 0.56
CA ILE A 9 -2.41 3.37 0.82
C ILE A 9 -1.74 2.34 1.72
N THR A 10 -2.55 1.52 2.39
CA THR A 10 -2.03 0.49 3.28
C THR A 10 -2.49 -0.89 2.85
N MET A 11 -1.54 -1.82 2.76
CA MET A 11 -1.85 -3.19 2.36
C MET A 11 -1.97 -4.10 3.57
N LYS A 12 -2.82 -5.13 3.45
CA LYS A 12 -3.02 -6.08 4.54
C LYS A 12 -3.24 -7.49 4.00
N ASN A 13 -2.99 -8.49 4.84
CA ASN A 13 -3.16 -9.87 4.45
C ASN A 13 -2.06 -10.31 3.48
N LEU A 14 -0.82 -10.04 3.85
CA LEU A 14 0.33 -10.41 3.01
C LEU A 14 1.41 -11.10 3.82
N PRO A 15 1.08 -12.28 4.37
CA PRO A 15 2.00 -13.06 5.19
C PRO A 15 3.14 -13.65 4.36
N GLU A 16 3.97 -12.78 3.80
CA GLU A 16 5.10 -13.22 2.98
C GLU A 16 6.35 -12.41 3.29
N GLY A 17 7.50 -12.92 2.88
CA GLY A 17 8.75 -12.23 3.13
C GLY A 17 8.84 -10.91 2.39
N CYS A 18 7.86 -10.65 1.54
CA CYS A 18 7.84 -9.42 0.76
C CYS A 18 8.08 -8.20 1.66
N SER A 19 9.28 -7.65 1.58
CA SER A 19 9.65 -6.49 2.38
C SER A 19 9.52 -5.21 1.57
N TRP A 20 9.81 -4.08 2.22
CA TRP A 20 9.73 -2.77 1.56
C TRP A 20 10.40 -2.82 0.19
N GLN A 21 11.57 -3.45 0.12
CA GLN A 21 12.30 -3.57 -1.13
C GLN A 21 11.51 -4.37 -2.15
N ASP A 22 10.92 -5.47 -1.71
CA ASP A 22 10.14 -6.33 -2.58
C ASP A 22 8.92 -5.59 -3.13
N LEU A 23 8.03 -5.19 -2.24
CA LEU A 23 6.82 -4.48 -2.63
C LEU A 23 7.17 -3.28 -3.51
N LYS A 24 8.29 -2.64 -3.23
CA LYS A 24 8.74 -1.49 -4.00
C LYS A 24 9.17 -1.90 -5.40
N ASP A 25 9.83 -3.05 -5.49
CA ASP A 25 10.31 -3.57 -6.77
C ASP A 25 9.13 -3.90 -7.69
N LEU A 26 8.20 -4.70 -7.18
CA LEU A 26 7.03 -5.10 -7.95
C LEU A 26 6.14 -3.90 -8.24
N ALA A 27 6.08 -2.97 -7.31
CA ALA A 27 5.27 -1.77 -7.47
C ALA A 27 5.75 -0.94 -8.65
N ARG A 28 7.04 -0.65 -8.69
CA ARG A 28 7.63 0.14 -9.76
C ARG A 28 7.62 -0.64 -11.08
N GLU A 29 7.70 -1.96 -10.96
CA GLU A 29 7.70 -2.83 -12.14
C GLU A 29 6.29 -2.98 -12.70
N ASN A 30 5.30 -2.77 -11.85
CA ASN A 30 3.90 -2.91 -12.26
C ASN A 30 3.36 -1.56 -12.75
N SER A 31 4.27 -0.67 -13.15
CA SER A 31 3.88 0.65 -13.64
C SER A 31 3.32 1.50 -12.51
N LEU A 32 3.81 1.26 -11.30
CA LEU A 32 3.36 2.02 -10.13
C LEU A 32 4.54 2.53 -9.33
N GLU A 33 4.92 3.78 -9.56
CA GLU A 33 6.04 4.39 -8.86
C GLU A 33 5.60 4.94 -7.51
N THR A 34 6.34 4.60 -6.46
CA THR A 34 6.02 5.06 -5.12
C THR A 34 7.13 5.93 -4.56
N THR A 35 6.76 6.85 -3.66
CA THR A 35 7.73 7.76 -3.07
C THR A 35 8.10 7.30 -1.66
N PHE A 36 7.28 6.44 -1.08
CA PHE A 36 7.54 5.92 0.27
C PHE A 36 6.90 4.54 0.45
N SER A 37 7.56 3.69 1.23
CA SER A 37 7.08 2.34 1.48
C SER A 37 7.50 1.87 2.87
N SER A 38 6.76 0.89 3.40
CA SER A 38 7.06 0.34 4.71
C SER A 38 6.41 -1.03 4.89
N VAL A 39 7.04 -1.88 5.69
CA VAL A 39 6.52 -3.22 5.95
C VAL A 39 6.83 -3.67 7.37
N ASN A 40 5.94 -4.46 7.95
CA ASN A 40 6.13 -4.96 9.31
C ASN A 40 6.48 -6.44 9.30
N THR A 41 7.77 -6.74 9.41
CA THR A 41 8.25 -8.12 9.41
C THR A 41 8.40 -8.65 10.82
N ARG A 42 7.68 -8.04 11.76
CA ARG A 42 7.73 -8.45 13.16
C ARG A 42 6.36 -8.90 13.65
N ASP A 43 5.30 -8.27 13.12
CA ASP A 43 3.95 -8.61 13.50
C ASP A 43 3.40 -9.76 12.65
N PHE A 44 2.43 -10.48 13.18
CA PHE A 44 1.83 -11.60 12.46
C PHE A 44 0.56 -11.16 11.75
N ASP A 45 0.46 -9.87 11.47
CA ASP A 45 -0.70 -9.32 10.78
C ASP A 45 -0.43 -9.18 9.28
N GLY A 46 0.85 -9.15 8.92
CA GLY A 46 1.21 -9.02 7.52
C GLY A 46 0.51 -7.85 6.84
N THR A 47 0.88 -6.64 7.24
CA THR A 47 0.29 -5.44 6.67
C THR A 47 1.35 -4.38 6.38
N GLY A 48 1.36 -3.88 5.15
CA GLY A 48 2.33 -2.87 4.77
C GLY A 48 1.69 -1.53 4.49
N ALA A 49 2.50 -0.56 4.05
CA ALA A 49 1.99 0.76 3.74
C ALA A 49 2.94 1.52 2.81
N LEU A 50 2.41 1.99 1.69
CA LEU A 50 3.22 2.72 0.72
C LEU A 50 2.50 3.99 0.26
N GLU A 51 3.20 4.81 -0.51
CA GLU A 51 2.63 6.05 -1.02
C GLU A 51 3.19 6.39 -2.40
N PHE A 52 2.38 7.06 -3.21
CA PHE A 52 2.80 7.44 -4.56
C PHE A 52 2.89 8.96 -4.69
N PRO A 53 3.75 9.42 -5.61
CA PRO A 53 3.94 10.86 -5.86
C PRO A 53 2.72 11.50 -6.52
N SER A 54 1.97 10.70 -7.28
CA SER A 54 0.78 11.21 -7.96
C SER A 54 -0.45 10.39 -7.57
N GLU A 55 -1.63 10.99 -7.74
CA GLU A 55 -2.87 10.32 -7.40
C GLU A 55 -3.22 9.25 -8.43
N GLU A 56 -2.83 9.49 -9.68
CA GLU A 56 -3.08 8.55 -10.76
C GLU A 56 -2.59 7.15 -10.39
N ILE A 57 -1.37 7.06 -9.89
CA ILE A 57 -0.79 5.79 -9.49
C ILE A 57 -1.45 5.26 -8.23
N LEU A 58 -1.92 6.16 -7.38
CA LEU A 58 -2.57 5.78 -6.14
C LEU A 58 -3.85 4.99 -6.41
N VAL A 59 -4.70 5.54 -7.28
CA VAL A 59 -5.95 4.89 -7.62
C VAL A 59 -5.71 3.64 -8.46
N GLU A 60 -4.84 3.76 -9.46
CA GLU A 60 -4.51 2.64 -10.33
C GLU A 60 -3.90 1.49 -9.53
N ALA A 61 -2.87 1.78 -8.76
CA ALA A 61 -2.21 0.77 -7.95
C ALA A 61 -3.15 0.21 -6.90
N LEU A 62 -4.02 1.06 -6.37
CA LEU A 62 -4.98 0.64 -5.35
C LEU A 62 -5.93 -0.42 -5.89
N GLU A 63 -6.44 -0.17 -7.10
CA GLU A 63 -7.36 -1.11 -7.74
C GLU A 63 -6.60 -2.27 -8.38
N ARG A 64 -5.32 -2.05 -8.65
CA ARG A 64 -4.48 -3.07 -9.27
C ARG A 64 -3.83 -3.96 -8.21
N LEU A 65 -3.87 -3.51 -6.96
CA LEU A 65 -3.29 -4.25 -5.86
C LEU A 65 -4.36 -4.84 -4.96
N ASN A 66 -5.51 -4.18 -4.92
CA ASN A 66 -6.63 -4.65 -4.10
C ASN A 66 -7.10 -6.02 -4.55
N ASN A 67 -7.16 -6.95 -3.61
CA ASN A 67 -7.60 -8.32 -3.91
C ASN A 67 -6.68 -8.96 -4.94
N ILE A 68 -5.46 -9.30 -4.52
CA ILE A 68 -4.49 -9.92 -5.41
C ILE A 68 -3.89 -11.16 -4.76
N GLU A 69 -3.69 -12.20 -5.56
CA GLU A 69 -3.11 -13.45 -5.08
C GLU A 69 -1.59 -13.42 -5.16
N PHE A 70 -0.93 -13.91 -4.11
CA PHE A 70 0.52 -13.93 -4.06
C PHE A 70 1.02 -14.96 -3.04
N ARG A 71 1.74 -15.96 -3.53
CA ARG A 71 2.28 -17.01 -2.66
C ARG A 71 1.15 -17.72 -1.93
N GLY A 72 -0.01 -17.83 -2.58
CA GLY A 72 -1.15 -18.49 -1.98
C GLY A 72 -1.85 -17.63 -0.96
N SER A 73 -1.53 -16.34 -0.96
CA SER A 73 -2.14 -15.41 -0.02
C SER A 73 -2.86 -14.29 -0.77
N VAL A 74 -4.01 -13.87 -0.23
CA VAL A 74 -4.79 -12.81 -0.85
C VAL A 74 -4.55 -11.47 -0.15
N ILE A 75 -3.76 -10.61 -0.79
CA ILE A 75 -3.45 -9.30 -0.23
C ILE A 75 -4.50 -8.27 -0.64
N THR A 76 -4.69 -7.26 0.20
CA THR A 76 -5.66 -6.22 -0.07
C THR A 76 -5.11 -4.84 0.31
N VAL A 77 -5.40 -3.84 -0.52
CA VAL A 77 -4.93 -2.48 -0.26
C VAL A 77 -6.11 -1.53 -0.06
N GLU A 78 -5.93 -0.56 0.84
CA GLU A 78 -6.97 0.42 1.13
C GLU A 78 -6.36 1.73 1.61
N ARG A 79 -6.82 2.83 1.03
CA ARG A 79 -6.32 4.16 1.39
C ARG A 79 -6.66 4.48 2.84
N ASP A 80 -5.73 5.15 3.52
CA ASP A 80 -5.92 5.52 4.92
C ASP A 80 -5.80 7.03 5.10
N ASP A 81 -6.90 7.66 5.49
CA ASP A 81 -6.92 9.11 5.69
C ASP A 81 -7.24 9.44 7.15
N ASN A 82 -6.42 10.29 7.75
CA ASN A 82 -6.62 10.68 9.14
C ASN A 82 -6.57 12.20 9.29
N PRO A 83 -7.61 12.88 8.79
CA PRO A 83 -7.71 14.34 8.85
C PRO A 83 -7.93 14.84 10.27
N PRO A 84 -7.78 16.16 10.46
CA PRO A 84 -7.96 16.81 11.77
C PRO A 84 -9.42 16.80 12.21
N PRO A 85 -9.65 17.13 13.49
CA PRO A 85 -11.00 17.19 14.07
C PRO A 85 -11.82 18.35 13.52
N ILE A 86 -13.00 18.55 14.10
CA ILE A 86 -13.88 19.63 13.67
C ILE A 86 -13.23 20.99 13.90
N ARG A 87 -12.33 21.06 14.88
CA ARG A 87 -11.64 22.29 15.20
C ARG A 87 -10.18 22.23 14.77
N LYS A 1 -7.53 17.54 13.40
CA LYS A 1 -7.23 17.04 12.07
C LYS A 1 -8.20 17.63 11.04
N LEU A 2 -7.70 17.91 9.85
CA LEU A 2 -8.52 18.47 8.78
C LEU A 2 -8.54 17.55 7.56
N PRO A 3 -9.62 17.66 6.77
CA PRO A 3 -9.78 16.83 5.56
C PRO A 3 -8.79 17.22 4.46
N ALA A 4 -8.10 16.22 3.92
CA ALA A 4 -7.13 16.45 2.86
C ALA A 4 -7.12 15.29 1.86
N LYS A 5 -6.28 15.40 0.84
CA LYS A 5 -6.17 14.38 -0.19
C LYS A 5 -4.72 13.97 -0.40
N ARG A 6 -4.35 12.80 0.09
CA ARG A 6 -2.99 12.30 -0.06
C ARG A 6 -2.95 11.11 -1.02
N TYR A 7 -1.76 10.54 -1.19
CA TYR A 7 -1.59 9.39 -2.07
C TYR A 7 -0.87 8.26 -1.35
N ARG A 8 -1.33 7.94 -0.15
CA ARG A 8 -0.74 6.87 0.65
C ARG A 8 -1.78 5.82 1.01
N ILE A 9 -1.46 4.56 0.75
CA ILE A 9 -2.37 3.46 1.05
C ILE A 9 -1.70 2.41 1.92
N THR A 10 -2.50 1.53 2.51
CA THR A 10 -1.97 0.47 3.37
C THR A 10 -2.47 -0.89 2.92
N MET A 11 -1.56 -1.86 2.84
CA MET A 11 -1.90 -3.21 2.42
C MET A 11 -2.07 -4.13 3.63
N LYS A 12 -2.88 -5.16 3.47
CA LYS A 12 -3.12 -6.12 4.55
C LYS A 12 -3.30 -7.53 3.99
N ASN A 13 -3.07 -8.52 4.85
CA ASN A 13 -3.21 -9.91 4.44
C ASN A 13 -2.08 -10.32 3.50
N LEU A 14 -0.86 -9.97 3.88
CA LEU A 14 0.32 -10.31 3.07
C LEU A 14 1.40 -10.96 3.92
N PRO A 15 1.11 -12.16 4.44
CA PRO A 15 2.05 -12.92 5.27
C PRO A 15 3.24 -13.43 4.48
N GLU A 16 4.07 -12.50 3.98
CA GLU A 16 5.24 -12.87 3.21
C GLU A 16 6.43 -11.99 3.58
N GLY A 17 7.63 -12.42 3.19
CA GLY A 17 8.83 -11.66 3.49
C GLY A 17 8.95 -10.41 2.65
N CYS A 18 7.95 -10.16 1.81
CA CYS A 18 7.95 -8.98 0.95
C CYS A 18 8.27 -7.72 1.75
N SER A 19 9.49 -7.23 1.60
CA SER A 19 9.92 -6.03 2.31
C SER A 19 9.80 -4.80 1.42
N TRP A 20 10.16 -3.64 1.98
CA TRP A 20 10.09 -2.39 1.24
C TRP A 20 10.70 -2.54 -0.15
N GLN A 21 11.85 -3.19 -0.21
CA GLN A 21 12.54 -3.41 -1.49
C GLN A 21 11.70 -4.28 -2.41
N ASP A 22 11.11 -5.34 -1.87
CA ASP A 22 10.29 -6.25 -2.64
C ASP A 22 9.06 -5.52 -3.19
N LEU A 23 8.20 -5.06 -2.29
CA LEU A 23 6.98 -4.36 -2.69
C LEU A 23 7.31 -3.22 -3.66
N LYS A 24 8.46 -2.58 -3.44
CA LYS A 24 8.87 -1.47 -4.30
C LYS A 24 9.25 -1.97 -5.68
N ASP A 25 9.88 -3.14 -5.74
CA ASP A 25 10.30 -3.73 -7.00
C ASP A 25 9.08 -4.10 -7.86
N LEU A 26 8.16 -4.85 -7.27
CA LEU A 26 6.96 -5.27 -7.97
C LEU A 26 6.07 -4.07 -8.29
N ALA A 27 6.05 -3.09 -7.40
CA ALA A 27 5.25 -1.89 -7.60
C ALA A 27 5.72 -1.12 -8.83
N ARG A 28 7.02 -0.86 -8.90
CA ARG A 28 7.59 -0.13 -10.02
C ARG A 28 7.52 -0.96 -11.31
N GLU A 29 7.59 -2.28 -11.16
CA GLU A 29 7.53 -3.17 -12.31
C GLU A 29 6.10 -3.33 -12.81
N ASN A 30 5.14 -3.08 -11.92
CA ASN A 30 3.73 -3.18 -12.28
C ASN A 30 3.19 -1.84 -12.76
N SER A 31 4.09 -0.96 -13.19
CA SER A 31 3.70 0.36 -13.67
C SER A 31 3.15 1.21 -12.53
N LEU A 32 3.77 1.09 -11.36
CA LEU A 32 3.34 1.85 -10.20
C LEU A 32 4.54 2.36 -9.40
N GLU A 33 4.87 3.63 -9.57
CA GLU A 33 5.99 4.24 -8.88
C GLU A 33 5.56 4.78 -7.52
N THR A 34 6.40 4.56 -6.51
CA THR A 34 6.09 5.03 -5.16
C THR A 34 7.24 5.89 -4.62
N THR A 35 6.91 6.72 -3.63
CA THR A 35 7.90 7.60 -3.03
C THR A 35 8.22 7.16 -1.60
N PHE A 36 7.36 6.34 -1.02
CA PHE A 36 7.55 5.86 0.34
C PHE A 36 6.94 4.46 0.50
N SER A 37 7.59 3.64 1.32
CA SER A 37 7.13 2.28 1.57
C SER A 37 7.56 1.79 2.94
N SER A 38 6.82 0.84 3.49
CA SER A 38 7.13 0.29 4.81
C SER A 38 6.36 -1.01 5.06
N VAL A 39 7.02 -1.97 5.69
CA VAL A 39 6.39 -3.25 5.99
C VAL A 39 6.67 -3.67 7.43
N ASN A 40 5.81 -4.55 7.95
CA ASN A 40 5.96 -5.04 9.32
C ASN A 40 6.60 -6.42 9.34
N THR A 41 7.91 -6.46 9.56
CA THR A 41 8.65 -7.71 9.60
C THR A 41 8.83 -8.20 11.03
N ARG A 42 7.89 -7.84 11.90
CA ARG A 42 7.95 -8.24 13.30
C ARG A 42 6.69 -8.99 13.71
N ASP A 43 5.55 -8.59 13.16
CA ASP A 43 4.28 -9.23 13.46
C ASP A 43 3.81 -10.08 12.29
N PHE A 44 2.95 -11.05 12.59
CA PHE A 44 2.42 -11.95 11.56
C PHE A 44 1.10 -11.42 11.01
N ASP A 45 0.82 -10.15 11.26
CA ASP A 45 -0.41 -9.52 10.79
C ASP A 45 -0.38 -9.32 9.28
N GLY A 46 0.82 -9.35 8.71
CA GLY A 46 0.98 -9.17 7.28
C GLY A 46 0.30 -7.90 6.78
N THR A 47 0.85 -6.75 7.18
CA THR A 47 0.29 -5.46 6.78
C THR A 47 1.41 -4.50 6.36
N GLY A 48 1.22 -3.84 5.22
CA GLY A 48 2.20 -2.90 4.73
C GLY A 48 1.63 -1.52 4.50
N ALA A 49 2.48 -0.58 4.12
CA ALA A 49 2.05 0.79 3.87
C ALA A 49 3.01 1.51 2.92
N LEU A 50 2.46 2.04 1.83
CA LEU A 50 3.27 2.74 0.84
C LEU A 50 2.56 4.02 0.38
N GLU A 51 3.29 4.84 -0.37
CA GLU A 51 2.73 6.09 -0.89
C GLU A 51 3.29 6.41 -2.28
N PHE A 52 2.45 6.99 -3.12
CA PHE A 52 2.85 7.35 -4.48
C PHE A 52 3.00 8.85 -4.62
N PRO A 53 3.83 9.27 -5.59
CA PRO A 53 4.08 10.70 -5.85
C PRO A 53 2.87 11.40 -6.46
N SER A 54 2.13 10.67 -7.29
CA SER A 54 0.94 11.22 -7.94
C SER A 54 -0.30 10.40 -7.59
N GLU A 55 -1.46 11.04 -7.64
CA GLU A 55 -2.72 10.38 -7.33
C GLU A 55 -3.04 9.31 -8.38
N GLU A 56 -2.67 9.58 -9.63
CA GLU A 56 -2.92 8.65 -10.72
C GLU A 56 -2.40 7.26 -10.37
N ILE A 57 -1.17 7.20 -9.87
CA ILE A 57 -0.55 5.93 -9.50
C ILE A 57 -1.23 5.32 -8.28
N LEU A 58 -1.73 6.18 -7.40
CA LEU A 58 -2.41 5.73 -6.19
C LEU A 58 -3.70 4.98 -6.53
N VAL A 59 -4.53 5.60 -7.36
CA VAL A 59 -5.79 4.99 -7.77
C VAL A 59 -5.55 3.73 -8.59
N GLU A 60 -4.64 3.82 -9.56
CA GLU A 60 -4.31 2.69 -10.41
C GLU A 60 -3.73 1.54 -9.59
N ALA A 61 -2.71 1.84 -8.81
CA ALA A 61 -2.06 0.83 -7.98
C ALA A 61 -3.03 0.27 -6.95
N LEU A 62 -3.96 1.12 -6.50
CA LEU A 62 -4.94 0.71 -5.50
C LEU A 62 -5.87 -0.36 -6.06
N GLU A 63 -6.41 -0.10 -7.24
CA GLU A 63 -7.32 -1.05 -7.89
C GLU A 63 -6.54 -2.21 -8.50
N ARG A 64 -5.26 -2.00 -8.73
CA ARG A 64 -4.40 -3.03 -9.32
C ARG A 64 -3.80 -3.92 -8.24
N LEU A 65 -3.79 -3.42 -7.00
CA LEU A 65 -3.23 -4.17 -5.88
C LEU A 65 -4.35 -4.75 -5.02
N ASN A 66 -5.46 -4.01 -4.91
CA ASN A 66 -6.59 -4.45 -4.12
C ASN A 66 -7.09 -5.82 -4.58
N ASN A 67 -7.17 -6.76 -3.64
CA ASN A 67 -7.63 -8.11 -3.96
C ASN A 67 -6.72 -8.76 -4.99
N ILE A 68 -5.57 -9.25 -4.54
CA ILE A 68 -4.61 -9.90 -5.42
C ILE A 68 -4.05 -11.17 -4.79
N GLU A 69 -3.93 -12.22 -5.59
CA GLU A 69 -3.41 -13.50 -5.11
C GLU A 69 -1.88 -13.49 -5.11
N PHE A 70 -1.29 -13.98 -4.04
CA PHE A 70 0.17 -14.04 -3.92
C PHE A 70 0.58 -14.99 -2.80
N ARG A 71 1.40 -15.98 -3.15
CA ARG A 71 1.87 -16.96 -2.18
C ARG A 71 0.70 -17.68 -1.52
N GLY A 72 -0.37 -17.88 -2.28
CA GLY A 72 -1.54 -18.55 -1.75
C GLY A 72 -2.34 -17.67 -0.81
N SER A 73 -1.99 -16.40 -0.75
CA SER A 73 -2.68 -15.45 0.13
C SER A 73 -3.25 -14.29 -0.68
N VAL A 74 -4.41 -13.78 -0.24
CA VAL A 74 -5.06 -12.67 -0.91
C VAL A 74 -4.77 -11.36 -0.22
N ILE A 75 -3.96 -10.52 -0.84
CA ILE A 75 -3.60 -9.22 -0.28
C ILE A 75 -4.62 -8.15 -0.67
N THR A 76 -4.78 -7.16 0.20
CA THR A 76 -5.73 -6.08 -0.05
C THR A 76 -5.13 -4.73 0.33
N VAL A 77 -5.35 -3.73 -0.50
CA VAL A 77 -4.83 -2.39 -0.24
C VAL A 77 -5.97 -1.37 -0.13
N GLU A 78 -5.79 -0.39 0.74
CA GLU A 78 -6.80 0.65 0.95
C GLU A 78 -6.17 1.93 1.48
N ARG A 79 -6.64 3.07 0.98
CA ARG A 79 -6.12 4.36 1.40
C ARG A 79 -6.41 4.60 2.89
N ASP A 80 -5.45 5.20 3.58
CA ASP A 80 -5.60 5.50 5.00
C ASP A 80 -6.00 6.95 5.21
N ASP A 81 -7.21 7.16 5.69
CA ASP A 81 -7.72 8.51 5.94
C ASP A 81 -8.33 8.62 7.33
N ASN A 82 -8.17 9.78 7.96
CA ASN A 82 -8.72 10.00 9.30
C ASN A 82 -9.51 11.31 9.34
N PRO A 83 -10.69 11.30 8.71
CA PRO A 83 -11.57 12.48 8.66
C PRO A 83 -12.20 12.78 10.02
N PRO A 84 -12.80 13.97 10.14
CA PRO A 84 -13.45 14.41 11.38
C PRO A 84 -14.71 13.62 11.68
N PRO A 85 -15.23 13.77 12.91
CA PRO A 85 -16.46 13.08 13.35
C PRO A 85 -17.70 13.61 12.65
N ILE A 86 -18.86 13.08 13.04
CA ILE A 86 -20.12 13.50 12.45
C ILE A 86 -20.37 14.99 12.69
N ARG A 87 -19.79 15.52 13.77
CA ARG A 87 -19.95 16.93 14.11
C ARG A 87 -19.41 17.82 12.99
N LYS A 1 -13.42 22.50 8.34
CA LYS A 1 -12.37 21.58 7.92
C LYS A 1 -12.55 21.17 6.46
N LEU A 2 -11.46 21.19 5.71
CA LEU A 2 -11.49 20.82 4.30
C LEU A 2 -11.11 19.35 4.11
N PRO A 3 -11.59 18.75 3.02
CA PRO A 3 -11.30 17.34 2.69
C PRO A 3 -9.85 17.14 2.29
N ALA A 4 -9.19 16.16 2.92
CA ALA A 4 -7.81 15.85 2.62
C ALA A 4 -7.69 14.55 1.83
N LYS A 5 -7.21 14.65 0.60
CA LYS A 5 -7.05 13.47 -0.26
C LYS A 5 -5.58 13.25 -0.58
N ARG A 6 -4.93 12.39 0.21
CA ARG A 6 -3.52 12.08 0.01
C ARG A 6 -3.35 10.98 -1.05
N TYR A 7 -2.13 10.49 -1.19
CA TYR A 7 -1.83 9.45 -2.16
C TYR A 7 -1.13 8.26 -1.50
N ARG A 8 -1.56 7.93 -0.29
CA ARG A 8 -0.97 6.83 0.45
C ARG A 8 -2.04 5.80 0.83
N ILE A 9 -1.64 4.53 0.83
CA ILE A 9 -2.57 3.46 1.18
C ILE A 9 -1.88 2.38 2.01
N THR A 10 -2.67 1.49 2.61
CA THR A 10 -2.13 0.42 3.43
C THR A 10 -2.50 -0.95 2.87
N MET A 11 -1.57 -1.90 2.97
CA MET A 11 -1.81 -3.25 2.47
C MET A 11 -2.07 -4.21 3.62
N LYS A 12 -2.89 -5.23 3.37
CA LYS A 12 -3.22 -6.23 4.38
C LYS A 12 -3.40 -7.60 3.75
N ASN A 13 -3.33 -8.64 4.58
CA ASN A 13 -3.49 -10.01 4.11
C ASN A 13 -2.33 -10.41 3.21
N LEU A 14 -1.12 -10.00 3.59
CA LEU A 14 0.08 -10.31 2.83
C LEU A 14 1.11 -11.02 3.70
N PRO A 15 0.78 -12.23 4.15
CA PRO A 15 1.67 -13.03 5.00
C PRO A 15 2.88 -13.54 4.24
N GLU A 16 3.73 -12.61 3.79
CA GLU A 16 4.93 -12.97 3.05
C GLU A 16 6.11 -12.11 3.49
N GLY A 17 7.32 -12.55 3.15
CA GLY A 17 8.51 -11.81 3.51
C GLY A 17 8.69 -10.56 2.68
N CYS A 18 7.72 -10.28 1.81
CA CYS A 18 7.77 -9.10 0.95
C CYS A 18 8.10 -7.85 1.76
N SER A 19 9.33 -7.39 1.63
CA SER A 19 9.78 -6.21 2.36
C SER A 19 9.70 -4.96 1.47
N TRP A 20 10.07 -3.82 2.04
CA TRP A 20 10.03 -2.56 1.30
C TRP A 20 10.66 -2.72 -0.08
N GLN A 21 11.80 -3.40 -0.13
CA GLN A 21 12.49 -3.62 -1.39
C GLN A 21 11.64 -4.46 -2.35
N ASP A 22 11.04 -5.51 -1.81
CA ASP A 22 10.19 -6.40 -2.61
C ASP A 22 9.00 -5.63 -3.17
N LEU A 23 8.14 -5.15 -2.29
CA LEU A 23 6.95 -4.41 -2.70
C LEU A 23 7.32 -3.27 -3.65
N LYS A 24 8.47 -2.65 -3.40
CA LYS A 24 8.94 -1.55 -4.24
C LYS A 24 9.31 -2.05 -5.62
N ASP A 25 9.91 -3.23 -5.67
CA ASP A 25 10.32 -3.82 -6.95
C ASP A 25 9.11 -4.16 -7.81
N LEU A 26 8.16 -4.89 -7.24
CA LEU A 26 6.95 -5.27 -7.96
C LEU A 26 6.10 -4.05 -8.28
N ALA A 27 6.10 -3.07 -7.38
CA ALA A 27 5.33 -1.86 -7.56
C ALA A 27 5.83 -1.07 -8.78
N ARG A 28 7.14 -0.86 -8.84
CA ARG A 28 7.75 -0.13 -9.94
C ARG A 28 7.66 -0.92 -11.24
N GLU A 29 7.70 -2.24 -11.11
CA GLU A 29 7.63 -3.13 -12.27
C GLU A 29 6.20 -3.22 -12.80
N ASN A 30 5.23 -2.98 -11.91
CA ASN A 30 3.83 -3.05 -12.29
C ASN A 30 3.32 -1.69 -12.74
N SER A 31 4.25 -0.82 -13.11
CA SER A 31 3.89 0.53 -13.56
C SER A 31 3.33 1.36 -12.42
N LEU A 32 3.94 1.23 -11.24
CA LEU A 32 3.50 1.97 -10.07
C LEU A 32 4.69 2.46 -9.25
N GLU A 33 5.00 3.73 -9.37
CA GLU A 33 6.11 4.32 -8.64
C GLU A 33 5.64 4.93 -7.32
N THR A 34 6.39 4.66 -6.25
CA THR A 34 6.05 5.17 -4.93
C THR A 34 7.15 6.09 -4.40
N THR A 35 6.79 6.90 -3.40
CA THR A 35 7.75 7.82 -2.81
C THR A 35 8.11 7.40 -1.39
N PHE A 36 7.28 6.54 -0.80
CA PHE A 36 7.51 6.07 0.55
C PHE A 36 6.93 4.66 0.74
N SER A 37 7.76 3.76 1.27
CA SER A 37 7.33 2.38 1.50
C SER A 37 7.59 1.96 2.94
N SER A 38 6.84 0.98 3.41
CA SER A 38 6.98 0.48 4.78
C SER A 38 6.25 -0.84 4.95
N VAL A 39 6.75 -1.67 5.86
CA VAL A 39 6.15 -2.97 6.13
C VAL A 39 6.08 -3.25 7.63
N ASN A 40 5.34 -4.28 8.00
CA ASN A 40 5.18 -4.65 9.41
C ASN A 40 5.64 -6.09 9.64
N THR A 41 6.87 -6.26 10.12
CA THR A 41 7.41 -7.57 10.38
C THR A 41 7.65 -7.78 11.88
N ARG A 42 7.63 -6.69 12.63
CA ARG A 42 7.85 -6.74 14.07
C ARG A 42 6.68 -7.44 14.77
N ASP A 43 5.50 -7.33 14.18
CA ASP A 43 4.31 -7.96 14.74
C ASP A 43 3.90 -9.18 13.93
N PHE A 44 4.43 -9.28 12.71
CA PHE A 44 4.12 -10.41 11.84
C PHE A 44 2.61 -10.59 11.69
N ASP A 45 1.97 -9.61 11.06
CA ASP A 45 0.52 -9.65 10.86
C ASP A 45 0.18 -9.73 9.37
N GLY A 46 1.12 -9.28 8.54
CA GLY A 46 0.91 -9.31 7.10
C GLY A 46 0.23 -8.04 6.60
N THR A 47 0.80 -6.90 6.94
CA THR A 47 0.24 -5.62 6.52
C THR A 47 1.35 -4.62 6.16
N GLY A 48 1.20 -3.96 5.03
CA GLY A 48 2.19 -2.99 4.59
C GLY A 48 1.62 -1.60 4.47
N ALA A 49 2.47 -0.64 4.10
CA ALA A 49 2.04 0.75 3.94
C ALA A 49 2.99 1.51 3.04
N LEU A 50 2.45 2.09 1.97
CA LEU A 50 3.26 2.86 1.02
C LEU A 50 2.51 4.10 0.55
N GLU A 51 3.18 4.91 -0.26
CA GLU A 51 2.57 6.14 -0.78
C GLU A 51 3.16 6.49 -2.14
N PHE A 52 2.32 7.07 -3.01
CA PHE A 52 2.76 7.46 -4.34
C PHE A 52 2.83 8.98 -4.47
N PRO A 53 3.67 9.46 -5.39
CA PRO A 53 3.84 10.90 -5.64
C PRO A 53 2.62 11.53 -6.28
N SER A 54 1.94 10.77 -7.13
CA SER A 54 0.75 11.26 -7.82
C SER A 54 -0.47 10.38 -7.49
N GLU A 55 -1.65 10.97 -7.56
CA GLU A 55 -2.89 10.26 -7.27
C GLU A 55 -3.17 9.20 -8.33
N GLU A 56 -2.78 9.50 -9.57
CA GLU A 56 -2.98 8.57 -10.67
C GLU A 56 -2.43 7.19 -10.33
N ILE A 57 -1.20 7.15 -9.83
CA ILE A 57 -0.56 5.90 -9.46
C ILE A 57 -1.24 5.26 -8.26
N LEU A 58 -1.77 6.10 -7.37
CA LEU A 58 -2.46 5.62 -6.18
C LEU A 58 -3.73 4.87 -6.54
N VAL A 59 -4.62 5.54 -7.26
CA VAL A 59 -5.88 4.94 -7.67
C VAL A 59 -5.64 3.72 -8.56
N GLU A 60 -4.68 3.84 -9.48
CA GLU A 60 -4.35 2.76 -10.39
C GLU A 60 -3.77 1.56 -9.63
N ALA A 61 -2.73 1.82 -8.84
CA ALA A 61 -2.09 0.77 -8.06
C ALA A 61 -3.06 0.17 -7.03
N LEU A 62 -3.95 1.01 -6.52
CA LEU A 62 -4.93 0.58 -5.54
C LEU A 62 -5.91 -0.42 -6.15
N GLU A 63 -6.40 -0.11 -7.34
CA GLU A 63 -7.34 -0.99 -8.03
C GLU A 63 -6.62 -2.17 -8.68
N ARG A 64 -5.31 -2.00 -8.90
CA ARG A 64 -4.51 -3.04 -9.52
C ARG A 64 -3.93 -3.98 -8.46
N LEU A 65 -3.88 -3.50 -7.22
CA LEU A 65 -3.35 -4.29 -6.12
C LEU A 65 -4.48 -4.89 -5.28
N ASN A 66 -5.56 -4.14 -5.14
CA ASN A 66 -6.71 -4.59 -4.36
C ASN A 66 -7.18 -5.96 -4.84
N ASN A 67 -7.30 -6.90 -3.91
CA ASN A 67 -7.74 -8.24 -4.23
C ASN A 67 -6.84 -8.88 -5.29
N ILE A 68 -5.73 -9.46 -4.83
CA ILE A 68 -4.78 -10.10 -5.73
C ILE A 68 -4.21 -11.37 -5.12
N GLU A 69 -4.04 -12.41 -5.95
CA GLU A 69 -3.51 -13.68 -5.48
C GLU A 69 -1.98 -13.68 -5.54
N PHE A 70 -1.36 -14.22 -4.49
CA PHE A 70 0.10 -14.27 -4.43
C PHE A 70 0.55 -15.21 -3.31
N ARG A 71 1.38 -16.19 -3.66
CA ARG A 71 1.88 -17.15 -2.70
C ARG A 71 0.74 -17.91 -2.03
N GLY A 72 -0.34 -18.12 -2.78
CA GLY A 72 -1.49 -18.83 -2.25
C GLY A 72 -2.30 -17.97 -1.30
N SER A 73 -1.95 -16.69 -1.20
CA SER A 73 -2.65 -15.77 -0.32
C SER A 73 -3.28 -14.63 -1.11
N VAL A 74 -4.35 -14.06 -0.56
CA VAL A 74 -5.04 -12.96 -1.22
C VAL A 74 -4.75 -11.64 -0.53
N ILE A 75 -3.93 -10.81 -1.17
CA ILE A 75 -3.58 -9.50 -0.63
C ILE A 75 -4.59 -8.44 -1.03
N THR A 76 -4.71 -7.40 -0.20
CA THR A 76 -5.64 -6.31 -0.46
C THR A 76 -5.03 -4.97 -0.09
N VAL A 77 -5.48 -3.91 -0.76
CA VAL A 77 -4.99 -2.57 -0.49
C VAL A 77 -6.14 -1.59 -0.25
N GLU A 78 -5.98 -0.72 0.74
CA GLU A 78 -7.00 0.26 1.07
C GLU A 78 -6.38 1.53 1.63
N ARG A 79 -6.92 2.68 1.23
CA ARG A 79 -6.42 3.97 1.69
C ARG A 79 -6.76 4.19 3.16
N ASP A 80 -5.87 4.87 3.87
CA ASP A 80 -6.08 5.15 5.29
C ASP A 80 -5.78 6.61 5.61
N ASP A 81 -6.84 7.41 5.70
CA ASP A 81 -6.69 8.83 5.99
C ASP A 81 -6.45 9.05 7.49
N ASN A 82 -5.22 9.40 7.83
CA ASN A 82 -4.86 9.64 9.23
C ASN A 82 -4.12 10.97 9.38
N PRO A 83 -4.86 12.08 9.21
CA PRO A 83 -4.30 13.43 9.33
C PRO A 83 -3.91 13.78 10.76
N PRO A 84 -3.17 14.87 10.92
CA PRO A 84 -2.71 15.34 12.23
C PRO A 84 -3.86 15.88 13.08
N PRO A 85 -3.59 16.09 14.38
CA PRO A 85 -4.59 16.61 15.33
C PRO A 85 -4.93 18.06 15.06
N ILE A 86 -5.73 18.64 15.95
CA ILE A 86 -6.14 20.04 15.81
C ILE A 86 -5.50 20.90 16.89
N ARG A 87 -5.19 20.29 18.03
CA ARG A 87 -4.58 21.01 19.14
C ARG A 87 -3.05 20.99 19.02
N LYS A 1 -10.97 26.41 -4.26
CA LYS A 1 -11.20 25.61 -3.06
C LYS A 1 -11.38 24.14 -3.41
N LEU A 2 -10.59 23.28 -2.77
CA LEU A 2 -10.67 21.84 -3.03
C LEU A 2 -10.45 21.05 -1.74
N PRO A 3 -10.91 19.79 -1.73
CA PRO A 3 -10.77 18.91 -0.56
C PRO A 3 -9.32 18.48 -0.33
N ALA A 4 -9.10 17.72 0.73
CA ALA A 4 -7.76 17.24 1.06
C ALA A 4 -7.67 15.73 0.91
N LYS A 5 -6.90 15.27 -0.07
CA LYS A 5 -6.73 13.84 -0.31
C LYS A 5 -5.27 13.52 -0.64
N ARG A 6 -4.67 12.65 0.16
CA ARG A 6 -3.28 12.26 -0.04
C ARG A 6 -3.18 11.15 -1.10
N TYR A 7 -2.00 10.55 -1.20
CA TYR A 7 -1.77 9.48 -2.17
C TYR A 7 -1.04 8.31 -1.51
N ARG A 8 -1.50 7.93 -0.32
CA ARG A 8 -0.89 6.82 0.40
C ARG A 8 -1.94 5.80 0.82
N ILE A 9 -1.63 4.52 0.61
CA ILE A 9 -2.55 3.45 0.97
C ILE A 9 -1.86 2.38 1.80
N THR A 10 -2.66 1.52 2.44
CA THR A 10 -2.12 0.45 3.27
C THR A 10 -2.60 -0.91 2.80
N MET A 11 -1.71 -1.89 2.80
CA MET A 11 -2.05 -3.25 2.39
C MET A 11 -2.31 -4.14 3.59
N LYS A 12 -2.95 -5.27 3.34
CA LYS A 12 -3.27 -6.23 4.41
C LYS A 12 -3.34 -7.65 3.86
N ASN A 13 -2.98 -8.61 4.70
CA ASN A 13 -3.01 -10.02 4.30
C ASN A 13 -1.83 -10.35 3.39
N LEU A 14 -0.63 -9.99 3.83
CA LEU A 14 0.58 -10.25 3.05
C LEU A 14 1.61 -11.01 3.87
N PRO A 15 1.25 -12.25 4.27
CA PRO A 15 2.13 -13.11 5.07
C PRO A 15 3.33 -13.61 4.27
N GLU A 16 4.14 -12.67 3.80
CA GLU A 16 5.32 -13.02 3.01
C GLU A 16 6.51 -12.14 3.41
N GLY A 17 7.71 -12.57 3.03
CA GLY A 17 8.91 -11.81 3.35
C GLY A 17 9.01 -10.54 2.53
N CYS A 18 8.03 -10.30 1.68
CA CYS A 18 8.02 -9.11 0.83
C CYS A 18 8.30 -7.86 1.65
N SER A 19 9.52 -7.34 1.53
CA SER A 19 9.92 -6.13 2.27
C SER A 19 9.76 -4.89 1.41
N TRP A 20 10.09 -3.74 1.97
CA TRP A 20 9.99 -2.47 1.25
C TRP A 20 10.57 -2.59 -0.15
N GLN A 21 11.72 -3.26 -0.26
CA GLN A 21 12.38 -3.44 -1.54
C GLN A 21 11.53 -4.31 -2.47
N ASP A 22 10.97 -5.38 -1.92
CA ASP A 22 10.13 -6.28 -2.70
C ASP A 22 8.91 -5.56 -3.25
N LEU A 23 8.07 -5.07 -2.35
CA LEU A 23 6.85 -4.36 -2.74
C LEU A 23 7.19 -3.21 -3.70
N LYS A 24 8.31 -2.55 -3.46
CA LYS A 24 8.75 -1.45 -4.30
C LYS A 24 9.13 -1.94 -5.69
N ASP A 25 9.77 -3.11 -5.74
CA ASP A 25 10.21 -3.68 -7.02
C ASP A 25 9.00 -4.05 -7.87
N LEU A 26 8.06 -4.80 -7.30
CA LEU A 26 6.87 -5.21 -8.03
C LEU A 26 6.00 -4.01 -8.37
N ALA A 27 6.01 -3.00 -7.50
CA ALA A 27 5.23 -1.79 -7.72
C ALA A 27 5.71 -1.04 -8.96
N ARG A 28 7.02 -0.81 -9.02
CA ARG A 28 7.61 -0.10 -10.15
C ARG A 28 7.50 -0.92 -11.43
N GLU A 29 7.58 -2.23 -11.29
CA GLU A 29 7.50 -3.14 -12.43
C GLU A 29 6.07 -3.19 -12.98
N ASN A 30 5.09 -3.01 -12.08
CA ASN A 30 3.69 -3.03 -12.48
C ASN A 30 3.24 -1.66 -12.94
N SER A 31 4.19 -0.82 -13.32
CA SER A 31 3.89 0.54 -13.78
C SER A 31 3.31 1.38 -12.64
N LEU A 32 3.88 1.24 -11.46
CA LEU A 32 3.43 1.98 -10.29
C LEU A 32 4.62 2.46 -9.45
N GLU A 33 4.98 3.74 -9.61
CA GLU A 33 6.09 4.32 -8.87
C GLU A 33 5.62 4.88 -7.54
N THR A 34 6.37 4.59 -6.48
CA THR A 34 6.03 5.06 -5.14
C THR A 34 7.13 5.96 -4.58
N THR A 35 6.77 6.79 -3.60
CA THR A 35 7.72 7.69 -2.98
C THR A 35 8.09 7.24 -1.57
N PHE A 36 7.25 6.37 -1.01
CA PHE A 36 7.49 5.85 0.34
C PHE A 36 6.83 4.48 0.52
N SER A 37 7.48 3.62 1.28
CA SER A 37 6.97 2.28 1.53
C SER A 37 7.41 1.77 2.91
N SER A 38 6.67 0.80 3.43
CA SER A 38 6.98 0.23 4.74
C SER A 38 6.22 -1.07 4.96
N VAL A 39 6.75 -1.91 5.85
CA VAL A 39 6.12 -3.19 6.16
C VAL A 39 6.18 -3.50 7.64
N ASN A 40 5.34 -4.43 8.08
CA ASN A 40 5.30 -4.82 9.50
C ASN A 40 5.69 -6.28 9.66
N THR A 41 6.95 -6.52 10.03
CA THR A 41 7.45 -7.87 10.22
C THR A 41 7.48 -8.23 11.70
N ARG A 42 7.53 -7.21 12.55
CA ARG A 42 7.57 -7.42 14.00
C ARG A 42 6.43 -8.34 14.44
N ASP A 43 5.24 -8.09 13.91
CA ASP A 43 4.07 -8.89 14.26
C ASP A 43 3.67 -9.79 13.09
N PHE A 44 2.70 -10.67 13.34
CA PHE A 44 2.23 -11.59 12.30
C PHE A 44 0.92 -11.10 11.69
N ASP A 45 0.73 -9.78 11.68
CA ASP A 45 -0.48 -9.19 11.13
C ASP A 45 -0.44 -9.19 9.61
N GLY A 46 0.76 -9.17 9.05
CA GLY A 46 0.91 -9.17 7.60
C GLY A 46 0.26 -7.97 6.96
N THR A 47 0.73 -6.78 7.32
CA THR A 47 0.18 -5.55 6.76
C THR A 47 1.30 -4.59 6.36
N GLY A 48 1.10 -3.86 5.27
CA GLY A 48 2.08 -2.92 4.80
C GLY A 48 1.50 -1.54 4.54
N ALA A 49 2.34 -0.62 4.10
CA ALA A 49 1.91 0.74 3.81
C ALA A 49 2.84 1.43 2.82
N LEU A 50 2.28 1.93 1.73
CA LEU A 50 3.07 2.61 0.70
C LEU A 50 2.39 3.90 0.26
N GLU A 51 3.12 4.73 -0.47
CA GLU A 51 2.58 5.99 -0.96
C GLU A 51 3.16 6.33 -2.33
N PHE A 52 2.36 7.00 -3.17
CA PHE A 52 2.79 7.37 -4.51
C PHE A 52 2.89 8.89 -4.62
N PRO A 53 3.74 9.36 -5.56
CA PRO A 53 3.94 10.79 -5.80
C PRO A 53 2.72 11.45 -6.43
N SER A 54 1.93 10.67 -7.15
CA SER A 54 0.73 11.18 -7.81
C SER A 54 -0.50 10.35 -7.43
N GLU A 55 -1.68 10.92 -7.65
CA GLU A 55 -2.92 10.24 -7.32
C GLU A 55 -3.23 9.16 -8.35
N GLU A 56 -2.93 9.45 -9.62
CA GLU A 56 -3.17 8.50 -10.70
C GLU A 56 -2.59 7.14 -10.37
N ILE A 57 -1.34 7.13 -9.89
CA ILE A 57 -0.66 5.89 -9.54
C ILE A 57 -1.29 5.26 -8.31
N LEU A 58 -1.80 6.10 -7.41
CA LEU A 58 -2.43 5.61 -6.18
C LEU A 58 -3.71 4.83 -6.50
N VAL A 59 -4.61 5.46 -7.24
CA VAL A 59 -5.87 4.83 -7.61
C VAL A 59 -5.63 3.59 -8.47
N GLU A 60 -4.72 3.72 -9.43
CA GLU A 60 -4.41 2.61 -10.33
C GLU A 60 -3.76 1.46 -9.56
N ALA A 61 -2.71 1.77 -8.80
CA ALA A 61 -2.02 0.76 -8.02
C ALA A 61 -2.92 0.16 -6.96
N LEU A 62 -3.84 0.98 -6.44
CA LEU A 62 -4.78 0.53 -5.42
C LEU A 62 -5.73 -0.52 -5.97
N GLU A 63 -6.27 -0.26 -7.15
CA GLU A 63 -7.20 -1.18 -7.80
C GLU A 63 -6.45 -2.36 -8.41
N ARG A 64 -5.16 -2.17 -8.66
CA ARG A 64 -4.34 -3.21 -9.25
C ARG A 64 -3.68 -4.07 -8.17
N LEU A 65 -3.64 -3.55 -6.95
CA LEU A 65 -3.04 -4.26 -5.83
C LEU A 65 -4.11 -4.85 -4.93
N ASN A 66 -5.29 -4.22 -4.93
CA ASN A 66 -6.40 -4.68 -4.10
C ASN A 66 -6.93 -6.02 -4.61
N ASN A 67 -7.08 -6.97 -3.70
CA ASN A 67 -7.58 -8.30 -4.05
C ASN A 67 -6.68 -8.97 -5.08
N ILE A 68 -5.43 -9.20 -4.69
CA ILE A 68 -4.46 -9.83 -5.58
C ILE A 68 -3.90 -11.11 -4.96
N GLU A 69 -3.64 -12.11 -5.80
CA GLU A 69 -3.11 -13.38 -5.33
C GLU A 69 -1.58 -13.36 -5.36
N PHE A 70 -0.97 -13.79 -4.26
CA PHE A 70 0.49 -13.83 -4.16
C PHE A 70 0.93 -14.87 -3.15
N ARG A 71 1.68 -15.86 -3.62
CA ARG A 71 2.17 -16.93 -2.75
C ARG A 71 1.02 -17.70 -2.12
N GLY A 72 -0.10 -17.78 -2.83
CA GLY A 72 -1.26 -18.49 -2.32
C GLY A 72 -2.05 -17.65 -1.34
N SER A 73 -1.70 -16.37 -1.23
CA SER A 73 -2.39 -15.47 -0.30
C SER A 73 -3.09 -14.35 -1.06
N VAL A 74 -4.10 -13.77 -0.43
CA VAL A 74 -4.87 -12.69 -1.05
C VAL A 74 -4.62 -11.37 -0.32
N ILE A 75 -3.81 -10.50 -0.94
CA ILE A 75 -3.50 -9.21 -0.35
C ILE A 75 -4.54 -8.16 -0.75
N THR A 76 -4.82 -7.23 0.16
CA THR A 76 -5.78 -6.17 -0.10
C THR A 76 -5.24 -4.81 0.31
N VAL A 77 -5.47 -3.81 -0.53
CA VAL A 77 -5.00 -2.46 -0.24
C VAL A 77 -6.17 -1.49 -0.12
N GLU A 78 -6.03 -0.52 0.78
CA GLU A 78 -7.07 0.48 1.00
C GLU A 78 -6.49 1.77 1.54
N ARG A 79 -6.96 2.90 1.01
CA ARG A 79 -6.48 4.21 1.44
C ARG A 79 -6.83 4.47 2.90
N ASP A 80 -5.88 5.04 3.65
CA ASP A 80 -6.10 5.33 5.05
C ASP A 80 -5.74 6.77 5.36
N ASP A 81 -6.71 7.52 5.89
CA ASP A 81 -6.50 8.93 6.23
C ASP A 81 -6.38 9.10 7.73
N ASN A 82 -5.34 9.82 8.16
CA ASN A 82 -5.11 10.06 9.58
C ASN A 82 -4.88 11.55 9.85
N PRO A 83 -5.96 12.34 9.72
CA PRO A 83 -5.90 13.79 9.96
C PRO A 83 -5.68 14.14 11.42
N PRO A 84 -5.35 15.42 11.68
CA PRO A 84 -5.11 15.91 13.05
C PRO A 84 -6.38 15.95 13.88
N PRO A 85 -6.21 16.15 15.19
CA PRO A 85 -7.34 16.22 16.13
C PRO A 85 -8.17 17.49 15.94
N ILE A 86 -9.10 17.72 16.87
CA ILE A 86 -9.96 18.89 16.80
C ILE A 86 -9.56 19.92 17.87
N ARG A 87 -8.97 19.44 18.95
CA ARG A 87 -8.54 20.32 20.04
C ARG A 87 -7.23 21.01 19.69
N LYS A 1 -7.78 19.55 12.61
CA LYS A 1 -7.07 19.48 11.34
C LYS A 1 -7.96 19.97 10.19
N LEU A 2 -7.41 20.01 8.99
CA LEU A 2 -8.15 20.45 7.82
C LEU A 2 -8.38 19.30 6.85
N PRO A 3 -9.38 19.45 5.97
CA PRO A 3 -9.72 18.44 4.97
C PRO A 3 -8.65 18.31 3.88
N ALA A 4 -8.23 17.08 3.64
CA ALA A 4 -7.21 16.81 2.63
C ALA A 4 -7.18 15.34 2.24
N LYS A 5 -6.44 15.02 1.19
CA LYS A 5 -6.33 13.65 0.71
C LYS A 5 -4.94 13.36 0.17
N ARG A 6 -4.21 12.49 0.86
CA ARG A 6 -2.86 12.14 0.45
C ARG A 6 -2.88 11.07 -0.64
N TYR A 7 -1.71 10.50 -0.94
CA TYR A 7 -1.60 9.47 -1.96
C TYR A 7 -0.89 8.24 -1.41
N ARG A 8 -1.33 7.78 -0.24
CA ARG A 8 -0.74 6.61 0.40
C ARG A 8 -1.81 5.55 0.67
N ILE A 9 -1.41 4.29 0.54
CA ILE A 9 -2.33 3.18 0.77
C ILE A 9 -1.69 2.11 1.66
N THR A 10 -2.54 1.29 2.28
CA THR A 10 -2.06 0.23 3.16
C THR A 10 -2.55 -1.14 2.70
N MET A 11 -1.63 -2.08 2.55
CA MET A 11 -1.97 -3.43 2.11
C MET A 11 -2.01 -4.39 3.30
N LYS A 12 -2.97 -5.30 3.28
CA LYS A 12 -3.11 -6.29 4.35
C LYS A 12 -3.38 -7.68 3.78
N ASN A 13 -3.32 -8.69 4.65
CA ASN A 13 -3.55 -10.06 4.23
C ASN A 13 -2.42 -10.56 3.35
N LEU A 14 -1.21 -10.10 3.64
CA LEU A 14 -0.03 -10.50 2.87
C LEU A 14 1.06 -11.04 3.79
N PRO A 15 0.79 -12.20 4.41
CA PRO A 15 1.73 -12.85 5.32
C PRO A 15 2.94 -13.41 4.60
N GLU A 16 3.80 -12.52 4.11
CA GLU A 16 5.01 -12.93 3.40
C GLU A 16 6.21 -12.08 3.80
N GLY A 17 7.40 -12.57 3.50
CA GLY A 17 8.61 -11.84 3.83
C GLY A 17 8.81 -10.61 2.97
N CYS A 18 7.86 -10.35 2.09
CA CYS A 18 7.94 -9.19 1.20
C CYS A 18 8.29 -7.93 1.97
N SER A 19 9.53 -7.48 1.80
CA SER A 19 10.00 -6.27 2.48
C SER A 19 9.84 -5.04 1.60
N TRP A 20 10.18 -3.88 2.15
CA TRP A 20 10.07 -2.62 1.41
C TRP A 20 10.65 -2.77 0.01
N GLN A 21 11.79 -3.44 -0.09
CA GLN A 21 12.45 -3.66 -1.37
C GLN A 21 11.57 -4.48 -2.31
N ASP A 22 10.98 -5.55 -1.78
CA ASP A 22 10.12 -6.41 -2.57
C ASP A 22 8.91 -5.63 -3.09
N LEU A 23 8.09 -5.15 -2.17
CA LEU A 23 6.88 -4.40 -2.54
C LEU A 23 7.23 -3.25 -3.47
N LYS A 24 8.39 -2.64 -3.26
CA LYS A 24 8.85 -1.53 -4.09
C LYS A 24 9.21 -2.01 -5.48
N ASP A 25 9.79 -3.20 -5.57
CA ASP A 25 10.18 -3.78 -6.85
C ASP A 25 8.96 -4.08 -7.71
N LEU A 26 8.01 -4.80 -7.14
CA LEU A 26 6.79 -5.14 -7.86
C LEU A 26 5.97 -3.90 -8.19
N ALA A 27 6.00 -2.93 -7.29
CA ALA A 27 5.27 -1.69 -7.48
C ALA A 27 5.80 -0.92 -8.70
N ARG A 28 7.11 -0.77 -8.78
CA ARG A 28 7.74 -0.06 -9.88
C ARG A 28 7.63 -0.87 -11.17
N GLU A 29 7.58 -2.19 -11.03
CA GLU A 29 7.48 -3.08 -12.19
C GLU A 29 6.05 -3.13 -12.71
N ASN A 30 5.10 -2.85 -11.83
CA ASN A 30 3.69 -2.87 -12.19
C ASN A 30 3.23 -1.49 -12.68
N SER A 31 4.19 -0.66 -13.09
CA SER A 31 3.89 0.68 -13.57
C SER A 31 3.35 1.56 -12.44
N LEU A 32 3.92 1.41 -11.26
CA LEU A 32 3.50 2.19 -10.10
C LEU A 32 4.71 2.70 -9.31
N GLU A 33 5.11 3.93 -9.60
CA GLU A 33 6.25 4.54 -8.92
C GLU A 33 5.82 5.13 -7.57
N THR A 34 6.54 4.77 -6.52
CA THR A 34 6.24 5.26 -5.19
C THR A 34 7.37 6.13 -4.65
N THR A 35 7.04 6.98 -3.68
CA THR A 35 8.03 7.87 -3.09
C THR A 35 8.34 7.47 -1.65
N PHE A 36 7.50 6.62 -1.08
CA PHE A 36 7.69 6.15 0.29
C PHE A 36 7.11 4.75 0.47
N SER A 37 7.87 3.88 1.14
CA SER A 37 7.44 2.52 1.39
C SER A 37 7.67 2.12 2.84
N SER A 38 6.91 1.15 3.31
CA SER A 38 7.02 0.68 4.69
C SER A 38 6.30 -0.65 4.87
N VAL A 39 6.80 -1.47 5.79
CA VAL A 39 6.19 -2.77 6.07
C VAL A 39 6.16 -3.05 7.57
N ASN A 40 5.56 -4.17 7.94
CA ASN A 40 5.47 -4.57 9.34
C ASN A 40 5.97 -5.99 9.54
N THR A 41 7.23 -6.11 9.97
CA THR A 41 7.83 -7.42 10.21
C THR A 41 8.11 -7.64 11.69
N ARG A 42 7.38 -6.93 12.54
CA ARG A 42 7.56 -7.04 13.97
C ARG A 42 6.39 -7.78 14.61
N ASP A 43 5.24 -7.73 13.96
CA ASP A 43 4.04 -8.39 14.46
C ASP A 43 3.65 -9.56 13.56
N PHE A 44 4.29 -9.64 12.40
CA PHE A 44 4.00 -10.70 11.44
C PHE A 44 2.53 -10.70 11.04
N ASP A 45 1.89 -9.55 11.18
CA ASP A 45 0.48 -9.40 10.84
C ASP A 45 0.28 -9.46 9.33
N GLY A 46 1.37 -9.29 8.59
CA GLY A 46 1.29 -9.33 7.13
C GLY A 46 0.57 -8.13 6.56
N THR A 47 1.10 -6.94 6.82
CA THR A 47 0.49 -5.71 6.34
C THR A 47 1.56 -4.65 6.05
N GLY A 48 1.44 -3.99 4.91
CA GLY A 48 2.40 -2.96 4.54
C GLY A 48 1.73 -1.67 4.14
N ALA A 49 2.53 -0.68 3.76
CA ALA A 49 2.00 0.62 3.35
C ALA A 49 2.92 1.28 2.33
N LEU A 50 2.32 1.88 1.31
CA LEU A 50 3.08 2.56 0.27
C LEU A 50 2.49 3.93 -0.05
N GLU A 51 3.27 4.77 -0.72
CA GLU A 51 2.82 6.11 -1.08
C GLU A 51 3.40 6.53 -2.43
N PHE A 52 2.55 7.13 -3.26
CA PHE A 52 2.98 7.57 -4.59
C PHE A 52 3.01 9.09 -4.66
N PRO A 53 3.83 9.63 -5.56
CA PRO A 53 3.98 11.08 -5.75
C PRO A 53 2.74 11.71 -6.37
N SER A 54 1.96 10.89 -7.08
CA SER A 54 0.75 11.37 -7.73
C SER A 54 -0.46 10.54 -7.30
N GLU A 55 -1.64 11.14 -7.41
CA GLU A 55 -2.88 10.46 -7.03
C GLU A 55 -3.26 9.40 -8.07
N GLU A 56 -3.00 9.70 -9.33
CA GLU A 56 -3.31 8.79 -10.42
C GLU A 56 -2.72 7.40 -10.15
N ILE A 57 -1.48 7.38 -9.67
CA ILE A 57 -0.81 6.12 -9.38
C ILE A 57 -1.40 5.46 -8.13
N LEU A 58 -1.87 6.29 -7.20
CA LEU A 58 -2.47 5.79 -5.96
C LEU A 58 -3.74 5.01 -6.25
N VAL A 59 -4.63 5.59 -7.03
CA VAL A 59 -5.89 4.95 -7.38
C VAL A 59 -5.65 3.74 -8.29
N GLU A 60 -4.80 3.91 -9.29
CA GLU A 60 -4.49 2.83 -10.22
C GLU A 60 -3.83 1.66 -9.49
N ALA A 61 -2.80 1.97 -8.70
CA ALA A 61 -2.10 0.94 -7.95
C ALA A 61 -3.01 0.24 -6.95
N LEU A 62 -3.90 1.01 -6.34
CA LEU A 62 -4.84 0.47 -5.36
C LEU A 62 -5.77 -0.54 -6.02
N GLU A 63 -6.29 -0.20 -7.19
CA GLU A 63 -7.20 -1.07 -7.92
C GLU A 63 -6.42 -2.18 -8.63
N ARG A 64 -5.14 -1.95 -8.84
CA ARG A 64 -4.28 -2.93 -9.51
C ARG A 64 -3.69 -3.91 -8.50
N LEU A 65 -3.67 -3.51 -7.24
CA LEU A 65 -3.12 -4.36 -6.18
C LEU A 65 -4.24 -5.00 -5.36
N ASN A 66 -5.24 -4.20 -5.00
CA ASN A 66 -6.36 -4.69 -4.22
C ASN A 66 -6.93 -5.97 -4.82
N ASN A 67 -7.16 -6.97 -3.97
CA ASN A 67 -7.70 -8.24 -4.41
C ASN A 67 -6.74 -8.93 -5.39
N ILE A 68 -5.75 -9.62 -4.86
CA ILE A 68 -4.77 -10.31 -5.69
C ILE A 68 -4.28 -11.59 -5.00
N GLU A 69 -4.01 -12.61 -5.80
CA GLU A 69 -3.53 -13.89 -5.28
C GLU A 69 -2.01 -13.98 -5.36
N PHE A 70 -1.40 -14.43 -4.27
CA PHE A 70 0.05 -14.55 -4.21
C PHE A 70 0.46 -15.62 -3.21
N ARG A 71 1.06 -16.70 -3.71
CA ARG A 71 1.51 -17.80 -2.86
C ARG A 71 0.31 -18.43 -2.12
N GLY A 72 -0.84 -18.41 -2.77
CA GLY A 72 -2.04 -18.98 -2.17
C GLY A 72 -2.70 -18.03 -1.19
N SER A 73 -2.18 -16.81 -1.11
CA SER A 73 -2.73 -15.80 -0.20
C SER A 73 -3.42 -14.69 -0.98
N VAL A 74 -4.48 -14.14 -0.40
CA VAL A 74 -5.22 -13.06 -1.03
C VAL A 74 -4.91 -11.71 -0.38
N ILE A 75 -4.08 -10.92 -1.05
CA ILE A 75 -3.70 -9.62 -0.54
C ILE A 75 -4.69 -8.54 -1.00
N THR A 76 -4.87 -7.52 -0.17
CA THR A 76 -5.78 -6.43 -0.48
C THR A 76 -5.18 -5.08 -0.09
N VAL A 77 -5.70 -4.01 -0.70
CA VAL A 77 -5.22 -2.68 -0.42
C VAL A 77 -6.32 -1.81 0.21
N GLU A 78 -5.91 -0.74 0.88
CA GLU A 78 -6.86 0.16 1.52
C GLU A 78 -6.18 1.45 1.95
N ARG A 79 -6.67 2.57 1.41
CA ARG A 79 -6.10 3.87 1.73
C ARG A 79 -6.28 4.20 3.21
N ASP A 80 -5.32 4.91 3.79
CA ASP A 80 -5.38 5.29 5.19
C ASP A 80 -5.47 6.81 5.35
N ASP A 81 -6.65 7.30 5.68
CA ASP A 81 -6.86 8.73 5.86
C ASP A 81 -7.21 9.05 7.31
N ASN A 82 -6.90 10.27 7.73
CA ASN A 82 -7.18 10.71 9.10
C ASN A 82 -7.91 12.05 9.10
N PRO A 83 -9.19 12.03 8.69
CA PRO A 83 -10.02 13.23 8.63
C PRO A 83 -10.38 13.75 10.03
N PRO A 84 -10.92 14.98 10.08
CA PRO A 84 -11.32 15.61 11.34
C PRO A 84 -12.54 14.93 11.97
N PRO A 85 -12.82 15.27 13.24
CA PRO A 85 -13.96 14.72 13.97
C PRO A 85 -15.30 15.21 13.43
N ILE A 86 -16.38 14.77 14.07
CA ILE A 86 -17.72 15.18 13.66
C ILE A 86 -18.28 16.25 14.60
N ARG A 87 -17.81 16.24 15.84
CA ARG A 87 -18.27 17.20 16.85
C ARG A 87 -17.65 18.57 16.59
N LYS A 1 -10.37 27.13 5.63
CA LYS A 1 -9.60 25.90 5.74
C LYS A 1 -9.63 25.12 4.42
N LEU A 2 -8.76 24.13 4.30
CA LEU A 2 -8.69 23.31 3.10
C LEU A 2 -8.86 21.84 3.43
N PRO A 3 -9.23 21.05 2.42
CA PRO A 3 -9.44 19.60 2.58
C PRO A 3 -8.14 18.85 2.81
N ALA A 4 -8.25 17.54 3.02
CA ALA A 4 -7.08 16.71 3.26
C ALA A 4 -7.11 15.45 2.39
N LYS A 5 -6.22 15.38 1.41
CA LYS A 5 -6.15 14.24 0.52
C LYS A 5 -4.69 13.88 0.20
N ARG A 6 -4.30 12.65 0.51
CA ARG A 6 -2.94 12.19 0.25
C ARG A 6 -2.94 11.05 -0.76
N TYR A 7 -1.75 10.54 -1.06
CA TYR A 7 -1.60 9.45 -2.01
C TYR A 7 -0.93 8.25 -1.36
N ARG A 8 -1.39 7.89 -0.17
CA ARG A 8 -0.83 6.75 0.56
C ARG A 8 -1.87 5.64 0.71
N ILE A 9 -1.39 4.40 0.81
CA ILE A 9 -2.27 3.25 0.96
C ILE A 9 -1.65 2.20 1.87
N THR A 10 -2.49 1.31 2.40
CA THR A 10 -2.02 0.26 3.29
C THR A 10 -2.45 -1.11 2.78
N MET A 11 -1.52 -2.07 2.83
CA MET A 11 -1.80 -3.43 2.37
C MET A 11 -2.13 -4.34 3.55
N LYS A 12 -2.98 -5.33 3.30
CA LYS A 12 -3.38 -6.27 4.34
C LYS A 12 -3.56 -7.67 3.76
N ASN A 13 -3.39 -8.68 4.61
CA ASN A 13 -3.53 -10.07 4.18
C ASN A 13 -2.38 -10.48 3.27
N LEU A 14 -1.15 -10.16 3.68
CA LEU A 14 0.02 -10.50 2.91
C LEU A 14 1.12 -11.09 3.80
N PRO A 15 0.82 -12.25 4.39
CA PRO A 15 1.76 -12.95 5.27
C PRO A 15 2.95 -13.52 4.51
N GLU A 16 3.81 -12.64 4.00
CA GLU A 16 4.99 -13.06 3.25
C GLU A 16 6.20 -12.22 3.62
N GLY A 17 7.39 -12.71 3.27
CA GLY A 17 8.61 -11.98 3.58
C GLY A 17 8.73 -10.70 2.78
N CYS A 18 7.77 -10.46 1.88
CA CYS A 18 7.78 -9.27 1.05
C CYS A 18 8.01 -8.02 1.90
N SER A 19 9.22 -7.47 1.82
CA SER A 19 9.57 -6.29 2.59
C SER A 19 9.49 -5.04 1.72
N TRP A 20 9.75 -3.88 2.32
CA TRP A 20 9.70 -2.62 1.60
C TRP A 20 10.39 -2.73 0.24
N GLN A 21 11.56 -3.36 0.24
CA GLN A 21 12.32 -3.54 -0.99
C GLN A 21 11.55 -4.39 -2.00
N ASP A 22 10.97 -5.48 -1.52
CA ASP A 22 10.20 -6.38 -2.36
C ASP A 22 8.99 -5.66 -2.95
N LEU A 23 8.07 -5.24 -2.08
CA LEU A 23 6.87 -4.55 -2.52
C LEU A 23 7.21 -3.38 -3.44
N LYS A 24 8.34 -2.74 -3.17
CA LYS A 24 8.78 -1.60 -3.97
C LYS A 24 9.23 -2.07 -5.36
N ASP A 25 9.90 -3.20 -5.41
CA ASP A 25 10.37 -3.76 -6.68
C ASP A 25 9.20 -4.13 -7.58
N LEU A 26 8.28 -4.93 -7.05
CA LEU A 26 7.11 -5.36 -7.80
C LEU A 26 6.22 -4.18 -8.15
N ALA A 27 6.13 -3.21 -7.24
CA ALA A 27 5.32 -2.03 -7.45
C ALA A 27 5.81 -1.24 -8.66
N ARG A 28 7.10 -0.98 -8.71
CA ARG A 28 7.70 -0.23 -9.81
C ARG A 28 7.68 -1.05 -11.10
N GLU A 29 7.74 -2.37 -10.95
CA GLU A 29 7.73 -3.26 -12.10
C GLU A 29 6.32 -3.42 -12.65
N ASN A 30 5.32 -3.19 -11.79
CA ASN A 30 3.93 -3.31 -12.20
C ASN A 30 3.39 -1.97 -12.71
N SER A 31 4.30 -1.10 -13.14
CA SER A 31 3.91 0.21 -13.65
C SER A 31 3.30 1.06 -12.53
N LEU A 32 3.80 0.87 -11.32
CA LEU A 32 3.31 1.63 -10.18
C LEU A 32 4.46 2.16 -9.33
N GLU A 33 4.88 3.39 -9.61
CA GLU A 33 5.98 4.01 -8.88
C GLU A 33 5.57 4.29 -7.43
N THR A 34 6.50 4.85 -6.66
CA THR A 34 6.24 5.18 -5.27
C THR A 34 7.36 6.02 -4.68
N THR A 35 7.01 6.90 -3.74
CA THR A 35 7.99 7.77 -3.11
C THR A 35 8.29 7.31 -1.68
N PHE A 36 7.42 6.45 -1.15
CA PHE A 36 7.59 5.94 0.20
C PHE A 36 7.04 4.52 0.32
N SER A 37 7.69 3.70 1.15
CA SER A 37 7.27 2.33 1.35
C SER A 37 7.83 1.77 2.66
N SER A 38 7.06 0.90 3.29
CA SER A 38 7.46 0.30 4.56
C SER A 38 6.60 -0.91 4.89
N VAL A 39 6.96 -1.62 5.96
CA VAL A 39 6.22 -2.79 6.39
C VAL A 39 5.96 -2.76 7.89
N ASN A 40 5.23 -3.76 8.38
CA ASN A 40 4.91 -3.85 9.80
C ASN A 40 5.62 -5.03 10.45
N THR A 41 6.75 -4.75 11.09
CA THR A 41 7.53 -5.80 11.74
C THR A 41 6.83 -6.30 13.01
N ARG A 42 5.89 -5.50 13.51
CA ARG A 42 5.15 -5.86 14.71
C ARG A 42 4.59 -7.28 14.59
N ASP A 43 3.99 -7.57 13.44
CA ASP A 43 3.40 -8.88 13.20
C ASP A 43 4.36 -9.77 12.42
N PHE A 44 3.81 -10.80 11.77
CA PHE A 44 4.62 -11.71 10.97
C PHE A 44 4.76 -11.22 9.53
N ASP A 45 4.76 -9.90 9.37
CA ASP A 45 4.89 -9.30 8.05
C ASP A 45 3.66 -9.62 7.19
N GLY A 46 2.48 -9.34 7.71
CA GLY A 46 1.25 -9.61 6.98
C GLY A 46 0.53 -8.33 6.58
N THR A 47 1.15 -7.19 6.83
CA THR A 47 0.56 -5.90 6.49
C THR A 47 1.64 -4.86 6.20
N GLY A 48 1.53 -4.23 5.03
CA GLY A 48 2.49 -3.21 4.65
C GLY A 48 1.84 -1.88 4.36
N ALA A 49 2.65 -0.89 3.96
CA ALA A 49 2.15 0.43 3.65
C ALA A 49 3.14 1.20 2.77
N LEU A 50 2.61 2.01 1.86
CA LEU A 50 3.44 2.80 0.96
C LEU A 50 2.69 4.02 0.45
N GLU A 51 3.38 4.87 -0.31
CA GLU A 51 2.77 6.08 -0.85
C GLU A 51 3.27 6.34 -2.27
N PHE A 52 2.42 6.93 -3.09
CA PHE A 52 2.77 7.24 -4.47
C PHE A 52 3.00 8.74 -4.65
N PRO A 53 3.93 9.09 -5.55
CA PRO A 53 4.26 10.49 -5.83
C PRO A 53 3.14 11.22 -6.58
N SER A 54 2.13 10.47 -6.98
CA SER A 54 1.00 11.03 -7.71
C SER A 54 -0.29 10.29 -7.37
N GLU A 55 -1.42 10.96 -7.57
CA GLU A 55 -2.72 10.36 -7.29
C GLU A 55 -3.07 9.30 -8.33
N GLU A 56 -2.68 9.55 -9.57
CA GLU A 56 -2.95 8.62 -10.66
C GLU A 56 -2.49 7.21 -10.30
N ILE A 57 -1.28 7.10 -9.76
CA ILE A 57 -0.72 5.81 -9.37
C ILE A 57 -1.41 5.28 -8.12
N LEU A 58 -1.87 6.20 -7.27
CA LEU A 58 -2.56 5.81 -6.04
C LEU A 58 -3.86 5.08 -6.33
N VAL A 59 -4.72 5.73 -7.11
CA VAL A 59 -6.01 5.13 -7.46
C VAL A 59 -5.82 3.93 -8.38
N GLU A 60 -4.86 4.03 -9.30
CA GLU A 60 -4.57 2.96 -10.23
C GLU A 60 -4.05 1.72 -9.51
N ALA A 61 -2.99 1.92 -8.73
CA ALA A 61 -2.39 0.83 -7.97
C ALA A 61 -3.35 0.28 -6.94
N LEU A 62 -4.20 1.15 -6.40
CA LEU A 62 -5.17 0.74 -5.40
C LEU A 62 -6.22 -0.19 -5.98
N GLU A 63 -6.68 0.13 -7.19
CA GLU A 63 -7.68 -0.68 -7.86
C GLU A 63 -7.03 -1.87 -8.58
N ARG A 64 -5.73 -1.75 -8.84
CA ARG A 64 -4.99 -2.80 -9.52
C ARG A 64 -4.43 -3.80 -8.52
N LEU A 65 -4.31 -3.37 -7.26
CA LEU A 65 -3.79 -4.23 -6.20
C LEU A 65 -4.92 -4.77 -5.33
N ASN A 66 -5.99 -4.00 -5.22
CA ASN A 66 -7.14 -4.39 -4.42
C ASN A 66 -7.59 -5.81 -4.78
N ASN A 67 -7.52 -6.71 -3.81
CA ASN A 67 -7.93 -8.10 -4.03
C ASN A 67 -7.07 -8.75 -5.11
N ILE A 68 -5.93 -9.29 -4.70
CA ILE A 68 -5.02 -9.95 -5.64
C ILE A 68 -4.42 -11.22 -5.03
N GLU A 69 -4.24 -12.23 -5.86
CA GLU A 69 -3.67 -13.50 -5.41
C GLU A 69 -2.15 -13.49 -5.52
N PHE A 70 -1.49 -13.96 -4.47
CA PHE A 70 -0.02 -14.00 -4.45
C PHE A 70 0.48 -14.88 -3.32
N ARG A 71 1.37 -15.82 -3.64
CA ARG A 71 1.93 -16.72 -2.64
C ARG A 71 0.82 -17.52 -1.96
N GLY A 72 -0.23 -17.83 -2.72
CA GLY A 72 -1.34 -18.59 -2.17
C GLY A 72 -2.18 -17.78 -1.20
N SER A 73 -1.91 -16.48 -1.14
CA SER A 73 -2.65 -15.59 -0.26
C SER A 73 -3.27 -14.43 -1.03
N VAL A 74 -4.42 -13.96 -0.57
CA VAL A 74 -5.12 -12.86 -1.23
C VAL A 74 -4.84 -11.54 -0.52
N ILE A 75 -3.97 -10.73 -1.11
CA ILE A 75 -3.62 -9.44 -0.54
C ILE A 75 -4.59 -8.34 -0.99
N THR A 76 -4.81 -7.36 -0.12
CA THR A 76 -5.70 -6.25 -0.43
C THR A 76 -5.09 -4.91 -0.06
N VAL A 77 -5.50 -3.87 -0.78
CA VAL A 77 -4.98 -2.53 -0.52
C VAL A 77 -6.11 -1.56 -0.19
N GLU A 78 -5.86 -0.70 0.80
CA GLU A 78 -6.85 0.28 1.23
C GLU A 78 -6.18 1.58 1.68
N ARG A 79 -6.70 2.70 1.19
CA ARG A 79 -6.15 4.00 1.54
C ARG A 79 -6.33 4.30 3.02
N ASP A 80 -5.31 4.85 3.65
CA ASP A 80 -5.36 5.18 5.06
C ASP A 80 -5.79 6.62 5.28
N ASP A 81 -6.79 6.81 6.15
CA ASP A 81 -7.30 8.14 6.43
C ASP A 81 -6.93 8.57 7.85
N ASN A 82 -6.72 9.87 8.03
CA ASN A 82 -6.35 10.41 9.32
C ASN A 82 -7.23 11.60 9.69
N PRO A 83 -8.51 11.31 10.00
CA PRO A 83 -9.48 12.33 10.38
C PRO A 83 -9.19 12.94 11.75
N PRO A 84 -9.88 14.06 12.07
CA PRO A 84 -9.70 14.75 13.35
C PRO A 84 -10.26 13.95 14.52
N PRO A 85 -9.35 13.49 15.40
CA PRO A 85 -9.73 12.72 16.58
C PRO A 85 -10.45 13.55 17.63
N ILE A 86 -10.74 12.95 18.77
CA ILE A 86 -11.42 13.64 19.85
C ILE A 86 -10.53 13.79 21.07
N ARG A 87 -9.57 12.87 21.21
CA ARG A 87 -8.64 12.90 22.34
C ARG A 87 -7.62 14.02 22.17
#